data_8X0F
#
_entry.id   8X0F
#
_cell.length_a   1.00
_cell.length_b   1.00
_cell.length_c   1.00
_cell.angle_alpha   90.00
_cell.angle_beta   90.00
_cell.angle_gamma   90.00
#
_symmetry.space_group_name_H-M   'P 1'
#
loop_
_entity.id
_entity.type
_entity.pdbx_description
1 polymer 'Metabotropic glutamate receptor 5'
2 non-polymer 2-acetamido-2-deoxy-beta-D-glucopyranose
3 non-polymer '(S)-2-AMINO-3-(3,5-DIOXO-[1,2,4]OXADIAZOLIDIN-2-YL)-PROPIONIC ACID'
4 non-polymer VU29
#
_entity_poly.entity_id   1
_entity_poly.type   'polypeptide(L)'
_entity_poly.pdbx_seq_one_letter_code
;QSSERRVVAHMPGDIIIGALFSVHHQPTVDKVHERKCGAVREQYGIQRVEAMLHTLERINSDPTLLPNITLGCEIRDSCW
HSAVALEQSIEFIRDSLISSEEEEGLVRCVDGSSSSFRSKKPIVGVIGPGSSSVAIQVQNLLQLFNIPQIAYSATSMDLS
DKTLFKYFMRVVPSDAQQARAMVDIVKRYNWTYVSAVHTEGNYGESGMEAFKDMSAKEGICIAHSYKIYSNAGEQSFDKL
LKKLTSHLPKARVVACFCEGMTVRGLLMAMRRLGLAGEFLLLGSDGWADRYDVTDGYQREAVGGITIKLQSPDVKWFDDY
YLKLRPETNLRNPWFQEFWQHRFQCRLEGFPQENSKYNKTCNSSLTLKTHHVQDSKMGFVINAIYSMAYGLHNMQMSLCP
GYAGLCDAMKPIDGRKLLESLMKTAFTGVSGDTILFDENGDSPGRYEIMNFKEMGKDYFDYINVGSWDNGELKMDDDEVW
SKKSNIIRSVCSEPCEKGQIKVIRKGEVSCCWTCTPCKENEYVFDEYTCKACQLGSWPTDDLTGCDLIPVQYLRWGDPEP
IAAVVFACLGLLATLFVTVVFIIYRDTPVVKSSSRELCYIILAGICLGYLCTFCLIAKPKQIYCYLQRIGIGLSPAMSYS
ALVTKTNRIARILAGSKKKICTKKPRFMSACAQLVIAFILICIQLGIIVALFIMEPPDIMHDYPSIREVYLICNTTNLGV
VAPLGYNGLLILACTFYAFKTRNVPANFNEAKYIAFAMYTTCIIWLAFVPIYFGSNYKAITMCFSVSLSATVLLGCMFVP
KVYIILAKPERNVRSAFTTSTVVRMHVGDGKSSSAA
;
_entity_poly.pdbx_strand_id   A,B
#
loop_
_chem_comp.id
_chem_comp.type
_chem_comp.name
_chem_comp.formula
NAG D-saccharide, beta linking 2-acetamido-2-deoxy-beta-D-glucopyranose 'C8 H15 N O6'
QUS non-polymer '(S)-2-AMINO-3-(3,5-DIOXO-[1,2,4]OXADIAZOLIDIN-2-YL)-PROPIONIC ACID' 'C5 H7 N3 O5'
XRQ non-polymer VU29 'C22 H16 N4 O3'
#
# COMPACT_ATOMS: atom_id res chain seq x y z
N ARG A 5 -43.09 -40.33 1.04
CA ARG A 5 -42.19 -39.97 2.13
C ARG A 5 -40.87 -40.73 2.03
N ARG A 6 -39.81 -40.13 2.57
CA ARG A 6 -38.51 -40.77 2.53
C ARG A 6 -38.47 -42.00 3.42
N VAL A 7 -37.68 -42.98 2.99
CA VAL A 7 -37.60 -44.24 3.70
C VAL A 7 -36.59 -44.13 4.84
N VAL A 8 -36.74 -44.99 5.85
CA VAL A 8 -35.84 -45.03 6.99
C VAL A 8 -35.45 -46.48 7.25
N ALA A 9 -34.39 -46.64 8.02
CA ALA A 9 -33.86 -47.96 8.35
C ALA A 9 -34.09 -48.19 9.84
N HIS A 10 -35.23 -48.79 10.17
CA HIS A 10 -35.57 -49.01 11.57
C HIS A 10 -34.70 -50.10 12.18
N MET A 11 -34.84 -50.27 13.48
CA MET A 11 -34.20 -51.35 14.21
C MET A 11 -34.88 -51.47 15.55
N PRO A 12 -35.16 -52.67 16.04
CA PRO A 12 -35.79 -52.82 17.35
C PRO A 12 -34.84 -52.44 18.46
N GLY A 13 -35.42 -52.14 19.60
CA GLY A 13 -34.67 -51.78 20.79
C GLY A 13 -35.50 -50.87 21.67
N ASP A 14 -35.28 -50.98 22.98
CA ASP A 14 -36.01 -50.12 23.91
C ASP A 14 -35.44 -48.72 23.92
N ILE A 15 -34.15 -48.56 23.64
CA ILE A 15 -33.51 -47.25 23.50
C ILE A 15 -33.19 -47.04 22.03
N ILE A 16 -33.62 -45.90 21.49
CA ILE A 16 -33.52 -45.62 20.07
C ILE A 16 -32.55 -44.46 19.86
N ILE A 17 -31.59 -44.65 18.98
CA ILE A 17 -30.59 -43.64 18.65
C ILE A 17 -30.77 -43.27 17.18
N GLY A 18 -31.07 -42.01 16.93
CA GLY A 18 -31.25 -41.57 15.56
C GLY A 18 -29.93 -41.45 14.83
N ALA A 19 -30.03 -41.16 13.55
CA ALA A 19 -28.84 -40.94 12.74
C ALA A 19 -29.24 -40.08 11.55
N LEU A 20 -28.24 -39.44 10.94
CA LEU A 20 -28.46 -38.66 9.73
C LEU A 20 -27.23 -38.87 8.85
N PHE A 21 -27.40 -39.65 7.80
CA PHE A 21 -26.32 -39.95 6.87
C PHE A 21 -26.73 -39.50 5.49
N SER A 22 -25.81 -38.84 4.78
CA SER A 22 -26.10 -38.30 3.46
C SER A 22 -26.05 -39.43 2.46
N VAL A 23 -27.14 -40.20 2.42
CA VAL A 23 -27.20 -41.33 1.50
C VAL A 23 -27.24 -40.85 0.06
N HIS A 24 -28.08 -39.87 -0.23
CA HIS A 24 -28.23 -39.35 -1.57
C HIS A 24 -27.45 -38.05 -1.72
N HIS A 25 -27.25 -37.63 -2.97
CA HIS A 25 -26.50 -36.42 -3.22
C HIS A 25 -27.33 -35.19 -2.85
N GLN A 26 -26.69 -34.04 -2.94
CA GLN A 26 -27.39 -32.79 -2.71
C GLN A 26 -28.43 -32.56 -3.79
N PRO A 27 -29.60 -32.01 -3.46
CA PRO A 27 -30.58 -31.69 -4.50
C PRO A 27 -30.01 -30.67 -5.48
N THR A 28 -30.33 -30.87 -6.75
CA THR A 28 -29.83 -29.99 -7.80
C THR A 28 -30.44 -28.60 -7.65
N VAL A 29 -29.81 -27.62 -8.32
CA VAL A 29 -30.26 -26.24 -8.18
C VAL A 29 -31.70 -26.09 -8.63
N ASP A 30 -32.05 -26.68 -9.77
CA ASP A 30 -33.41 -26.54 -10.28
C ASP A 30 -34.43 -27.35 -9.49
N LYS A 31 -33.99 -28.24 -8.60
CA LYS A 31 -34.90 -29.09 -7.86
C LYS A 31 -34.87 -28.83 -6.36
N VAL A 32 -34.28 -27.72 -5.92
CA VAL A 32 -34.20 -27.44 -4.50
C VAL A 32 -35.59 -27.29 -3.91
N HIS A 33 -36.46 -26.53 -4.58
CA HIS A 33 -37.76 -26.22 -4.02
C HIS A 33 -38.63 -27.45 -3.85
N GLU A 34 -38.39 -28.50 -4.62
CA GLU A 34 -39.09 -29.76 -4.45
C GLU A 34 -38.37 -30.71 -3.50
N ARG A 35 -37.14 -30.39 -3.10
CA ARG A 35 -36.38 -31.18 -2.14
C ARG A 35 -36.29 -32.65 -2.58
N LYS A 36 -35.87 -32.84 -3.82
CA LYS A 36 -35.68 -34.17 -4.38
C LYS A 36 -34.18 -34.38 -4.58
N CYS A 37 -33.54 -35.09 -3.66
CA CYS A 37 -32.10 -35.22 -3.71
C CYS A 37 -31.69 -36.21 -4.80
N GLY A 38 -30.46 -36.03 -5.28
CA GLY A 38 -29.98 -36.72 -6.47
C GLY A 38 -29.55 -38.15 -6.25
N ALA A 39 -28.43 -38.52 -6.85
CA ALA A 39 -28.01 -39.91 -6.88
C ALA A 39 -27.54 -40.37 -5.50
N VAL A 40 -27.50 -41.69 -5.33
CA VAL A 40 -27.04 -42.28 -4.08
C VAL A 40 -25.52 -42.18 -4.01
N ARG A 41 -25.00 -42.20 -2.78
CA ARG A 41 -23.57 -42.13 -2.54
C ARG A 41 -23.12 -43.36 -1.77
N GLU A 42 -21.98 -43.93 -2.15
CA GLU A 42 -21.51 -45.13 -1.48
C GLU A 42 -20.79 -44.79 -0.19
N GLN A 43 -19.65 -44.11 -0.30
CA GLN A 43 -18.77 -43.91 0.85
C GLN A 43 -19.45 -43.11 1.94
N TYR A 44 -20.05 -41.99 1.58
CA TYR A 44 -20.72 -41.16 2.57
C TYR A 44 -22.14 -41.62 2.85
N GLY A 45 -22.59 -42.66 2.16
CA GLY A 45 -23.94 -43.15 2.28
C GLY A 45 -24.00 -44.54 2.87
N ILE A 46 -24.02 -45.53 1.98
CA ILE A 46 -24.32 -46.90 2.37
C ILE A 46 -23.23 -47.44 3.29
N GLN A 47 -21.99 -47.05 3.06
CA GLN A 47 -20.93 -47.51 3.95
C GLN A 47 -21.19 -47.06 5.38
N ARG A 48 -21.61 -45.81 5.56
CA ARG A 48 -21.86 -45.32 6.90
C ARG A 48 -23.11 -45.96 7.51
N VAL A 49 -24.16 -46.14 6.71
CA VAL A 49 -25.37 -46.78 7.24
C VAL A 49 -25.06 -48.21 7.68
N GLU A 50 -24.33 -48.94 6.86
CA GLU A 50 -23.95 -50.30 7.23
C GLU A 50 -23.04 -50.32 8.44
N ALA A 51 -22.14 -49.34 8.54
CA ALA A 51 -21.29 -49.24 9.72
C ALA A 51 -22.11 -49.05 10.99
N MET A 52 -23.10 -48.16 10.93
CA MET A 52 -23.92 -47.92 12.11
C MET A 52 -24.74 -49.16 12.47
N LEU A 53 -25.35 -49.80 11.47
CA LEU A 53 -26.14 -51.00 11.77
C LEU A 53 -25.28 -52.08 12.39
N HIS A 54 -24.10 -52.35 11.79
CA HIS A 54 -23.27 -53.41 12.31
C HIS A 54 -22.71 -53.07 13.68
N THR A 55 -22.38 -51.81 13.93
CA THR A 55 -21.83 -51.48 15.23
C THR A 55 -22.90 -51.54 16.31
N LEU A 56 -24.15 -51.20 15.99
CA LEU A 56 -25.20 -51.37 16.97
C LEU A 56 -25.44 -52.85 17.25
N GLU A 57 -25.38 -53.69 16.21
CA GLU A 57 -25.45 -55.12 16.44
C GLU A 57 -24.31 -55.61 17.33
N ARG A 58 -23.11 -55.07 17.12
CA ARG A 58 -21.97 -55.44 17.96
C ARG A 58 -22.19 -55.04 19.40
N ILE A 59 -22.70 -53.82 19.63
CA ILE A 59 -22.94 -53.37 20.99
C ILE A 59 -24.00 -54.23 21.66
N ASN A 60 -25.10 -54.50 20.96
CA ASN A 60 -26.13 -55.35 21.52
C ASN A 60 -25.61 -56.75 21.79
N SER A 61 -24.60 -57.19 21.04
CA SER A 61 -23.99 -58.48 21.28
C SER A 61 -22.95 -58.47 22.38
N ASP A 62 -22.59 -57.29 22.90
CA ASP A 62 -21.59 -57.19 23.94
C ASP A 62 -22.27 -57.10 25.30
N PRO A 63 -22.05 -58.06 26.20
CA PRO A 63 -22.67 -57.96 27.53
C PRO A 63 -21.98 -56.97 28.46
N THR A 64 -20.73 -56.63 28.21
CA THR A 64 -20.01 -55.71 29.08
C THR A 64 -20.39 -54.25 28.84
N LEU A 65 -21.09 -53.95 27.75
CA LEU A 65 -21.52 -52.59 27.43
C LEU A 65 -23.04 -52.59 27.31
N LEU A 66 -23.69 -51.77 28.12
CA LEU A 66 -25.14 -51.69 28.16
C LEU A 66 -25.79 -53.07 28.30
N PRO A 67 -25.55 -53.76 29.39
CA PRO A 67 -26.11 -55.11 29.55
C PRO A 67 -27.62 -55.07 29.70
N ASN A 68 -28.25 -56.16 29.29
CA ASN A 68 -29.69 -56.39 29.44
C ASN A 68 -30.55 -55.35 28.75
N ILE A 69 -29.96 -54.52 27.89
CA ILE A 69 -30.73 -53.50 27.16
C ILE A 69 -30.28 -53.52 25.70
N THR A 70 -31.23 -53.41 24.79
CA THR A 70 -30.98 -53.52 23.36
C THR A 70 -31.00 -52.15 22.71
N LEU A 71 -29.93 -51.81 22.01
CA LEU A 71 -29.83 -50.52 21.35
C LEU A 71 -30.45 -50.61 19.96
N GLY A 72 -31.36 -49.69 19.66
CA GLY A 72 -31.96 -49.58 18.36
C GLY A 72 -31.49 -48.33 17.63
N CYS A 73 -31.98 -48.19 16.40
CA CYS A 73 -31.63 -47.03 15.60
C CYS A 73 -32.78 -46.70 14.68
N GLU A 74 -32.81 -45.43 14.25
CA GLU A 74 -33.77 -44.96 13.25
C GLU A 74 -32.99 -44.09 12.28
N ILE A 75 -32.34 -44.70 11.31
CA ILE A 75 -31.45 -43.98 10.41
C ILE A 75 -32.28 -43.25 9.37
N ARG A 76 -31.90 -42.01 9.08
CA ARG A 76 -32.60 -41.21 8.10
C ARG A 76 -31.60 -40.63 7.11
N ASP A 77 -32.10 -40.31 5.93
CA ASP A 77 -31.30 -39.77 4.84
C ASP A 77 -31.36 -38.26 4.89
N SER A 78 -30.19 -37.62 4.87
CA SER A 78 -30.12 -36.18 4.95
C SER A 78 -29.87 -35.50 3.60
N CYS A 79 -29.44 -36.24 2.59
CA CYS A 79 -29.17 -35.71 1.25
C CYS A 79 -28.28 -34.47 1.30
N TRP A 80 -27.51 -34.30 2.38
CA TRP A 80 -26.53 -33.24 2.52
C TRP A 80 -27.13 -31.84 2.38
N HIS A 81 -28.44 -31.71 2.53
CA HIS A 81 -29.11 -30.44 2.38
C HIS A 81 -29.69 -30.01 3.71
N SER A 82 -29.66 -28.71 3.97
CA SER A 82 -30.20 -28.20 5.23
C SER A 82 -31.71 -28.40 5.31
N ALA A 83 -32.41 -28.19 4.19
CA ALA A 83 -33.86 -28.31 4.21
C ALA A 83 -34.31 -29.74 4.41
N VAL A 84 -33.68 -30.69 3.72
CA VAL A 84 -34.07 -32.09 3.87
C VAL A 84 -33.78 -32.58 5.29
N ALA A 85 -32.62 -32.22 5.82
CA ALA A 85 -32.29 -32.61 7.19
C ALA A 85 -33.26 -32.02 8.19
N LEU A 86 -33.80 -30.84 7.92
CA LEU A 86 -34.74 -30.24 8.86
C LEU A 86 -36.04 -31.02 8.92
N GLU A 87 -36.57 -31.45 7.77
CA GLU A 87 -37.79 -32.25 7.81
C GLU A 87 -37.52 -33.63 8.38
N GLN A 88 -36.33 -34.18 8.14
CA GLN A 88 -35.97 -35.43 8.81
C GLN A 88 -35.95 -35.27 10.32
N SER A 89 -35.39 -34.17 10.82
CA SER A 89 -35.34 -33.96 12.26
C SER A 89 -36.74 -33.74 12.84
N ILE A 90 -37.59 -33.01 12.12
CA ILE A 90 -38.97 -32.87 12.57
C ILE A 90 -39.63 -34.23 12.68
N GLU A 91 -39.36 -35.12 11.71
CA GLU A 91 -39.87 -36.48 11.83
C GLU A 91 -39.25 -37.21 13.01
N PHE A 92 -38.01 -36.88 13.37
CA PHE A 92 -37.41 -37.47 14.56
C PHE A 92 -38.19 -37.11 15.80
N ILE A 93 -38.49 -35.84 15.98
CA ILE A 93 -39.07 -35.36 17.23
C ILE A 93 -40.59 -35.34 17.16
N ARG A 94 -41.16 -35.98 16.16
CA ARG A 94 -42.61 -35.95 16.00
C ARG A 94 -43.30 -36.57 17.20
N ASP A 95 -42.71 -37.61 17.79
CA ASP A 95 -43.30 -38.26 18.95
C ASP A 95 -43.34 -37.32 20.15
N SER A 96 -42.28 -36.52 20.36
CA SER A 96 -42.20 -35.63 21.50
C SER A 96 -43.19 -34.47 21.42
N LEU A 97 -43.83 -34.27 20.26
CA LEU A 97 -44.82 -33.24 20.12
C LEU A 97 -46.18 -33.72 20.62
N LYS A 121 -41.56 -44.65 20.38
CA LYS A 121 -40.41 -44.55 21.26
C LYS A 121 -39.59 -43.31 20.94
N PRO A 122 -39.37 -42.46 21.94
CA PRO A 122 -38.63 -41.22 21.70
C PRO A 122 -37.17 -41.48 21.37
N ILE A 123 -36.63 -40.60 20.53
CA ILE A 123 -35.20 -40.62 20.23
C ILE A 123 -34.45 -40.04 21.43
N VAL A 124 -33.36 -40.69 21.81
CA VAL A 124 -32.58 -40.21 22.95
C VAL A 124 -31.31 -39.51 22.53
N GLY A 125 -31.08 -39.33 21.24
CA GLY A 125 -29.88 -38.66 20.77
C GLY A 125 -29.51 -39.07 19.37
N VAL A 126 -29.14 -38.12 18.51
CA VAL A 126 -28.91 -38.42 17.12
C VAL A 126 -27.41 -38.36 16.85
N ILE A 127 -26.98 -39.11 15.84
CA ILE A 127 -25.61 -39.05 15.35
C ILE A 127 -25.62 -38.07 14.19
N GLY A 128 -25.17 -36.85 14.45
CA GLY A 128 -25.49 -35.71 13.63
C GLY A 128 -24.95 -35.80 12.23
N PRO A 129 -25.41 -34.91 11.37
CA PRO A 129 -25.02 -34.96 9.97
C PRO A 129 -23.58 -34.56 9.75
N GLY A 130 -23.12 -34.63 8.51
CA GLY A 130 -21.74 -34.33 8.20
C GLY A 130 -21.48 -32.86 8.02
N SER A 131 -22.27 -32.19 7.20
CA SER A 131 -22.02 -30.80 6.89
C SER A 131 -22.22 -29.93 8.12
N SER A 132 -21.41 -28.88 8.22
CA SER A 132 -21.50 -27.99 9.39
C SER A 132 -22.76 -27.15 9.35
N SER A 133 -23.15 -26.64 8.19
CA SER A 133 -24.39 -25.88 8.09
C SER A 133 -25.59 -26.77 8.39
N VAL A 134 -25.59 -27.99 7.86
CA VAL A 134 -26.65 -28.94 8.13
C VAL A 134 -26.70 -29.28 9.62
N ALA A 135 -25.53 -29.48 10.23
CA ALA A 135 -25.49 -29.81 11.65
C ALA A 135 -26.02 -28.65 12.48
N ILE A 136 -25.68 -27.42 12.11
CA ILE A 136 -26.18 -26.26 12.83
C ILE A 136 -27.70 -26.18 12.72
N GLN A 137 -28.23 -26.39 11.52
CA GLN A 137 -29.67 -26.29 11.34
C GLN A 137 -30.39 -27.37 12.12
N VAL A 138 -29.86 -28.59 12.13
CA VAL A 138 -30.50 -29.65 12.90
C VAL A 138 -30.41 -29.34 14.39
N GLN A 139 -29.25 -28.83 14.84
CA GLN A 139 -29.04 -28.58 16.27
C GLN A 139 -29.97 -27.50 16.78
N ASN A 140 -30.19 -26.45 15.99
CA ASN A 140 -31.06 -25.36 16.43
C ASN A 140 -32.44 -25.87 16.77
N LEU A 141 -32.84 -27.00 16.21
CA LEU A 141 -34.14 -27.59 16.50
C LEU A 141 -34.04 -28.68 17.55
N LEU A 142 -32.97 -29.46 17.55
CA LEU A 142 -32.86 -30.55 18.51
C LEU A 142 -32.69 -30.03 19.92
N GLN A 143 -31.88 -28.98 20.10
CA GLN A 143 -31.60 -28.53 21.46
C GLN A 143 -32.83 -28.01 22.17
N LEU A 144 -33.89 -27.66 21.45
CA LEU A 144 -35.12 -27.24 22.11
C LEU A 144 -35.80 -28.40 22.83
N PHE A 145 -35.42 -29.64 22.51
CA PHE A 145 -36.05 -30.82 23.09
C PHE A 145 -35.07 -31.63 23.93
N ASN A 146 -33.88 -31.10 24.19
CA ASN A 146 -32.87 -31.76 25.00
C ASN A 146 -32.51 -33.14 24.42
N ILE A 147 -31.99 -33.11 23.20
CA ILE A 147 -31.56 -34.31 22.50
C ILE A 147 -30.11 -34.13 22.11
N PRO A 148 -29.18 -34.77 22.84
CA PRO A 148 -27.76 -34.64 22.51
C PRO A 148 -27.48 -35.10 21.10
N GLN A 149 -26.61 -34.37 20.41
CA GLN A 149 -26.26 -34.66 19.03
C GLN A 149 -24.76 -34.76 18.90
N ILE A 150 -24.29 -35.88 18.36
CA ILE A 150 -22.86 -36.13 18.16
C ILE A 150 -22.59 -36.12 16.67
N ALA A 151 -21.61 -35.34 16.25
CA ALA A 151 -21.27 -35.22 14.84
C ALA A 151 -19.91 -35.85 14.60
N TYR A 152 -19.84 -36.71 13.59
CA TYR A 152 -18.59 -37.37 13.25
C TYR A 152 -17.71 -36.55 12.33
N SER A 153 -18.27 -35.55 11.64
CA SER A 153 -17.47 -34.79 10.70
C SER A 153 -17.78 -33.30 10.66
N ALA A 154 -18.68 -32.80 11.50
CA ALA A 154 -18.86 -31.36 11.57
C ALA A 154 -17.63 -30.74 12.22
N THR A 155 -17.11 -29.69 11.61
CA THR A 155 -15.79 -29.21 11.99
C THR A 155 -15.71 -27.70 12.17
N SER A 156 -16.72 -26.94 11.77
CA SER A 156 -16.63 -25.49 11.85
C SER A 156 -16.47 -25.02 13.28
N MET A 157 -15.88 -23.83 13.44
CA MET A 157 -15.61 -23.28 14.76
C MET A 157 -16.84 -22.73 15.45
N ASP A 158 -17.89 -22.40 14.71
CA ASP A 158 -19.09 -21.87 15.35
C ASP A 158 -19.70 -22.89 16.30
N LEU A 159 -19.54 -24.17 16.01
CA LEU A 159 -20.13 -25.20 16.83
C LEU A 159 -19.42 -25.38 18.16
N SER A 160 -18.29 -24.71 18.36
CA SER A 160 -17.60 -24.77 19.64
C SER A 160 -18.22 -23.85 20.68
N ASP A 161 -19.18 -23.02 20.29
CA ASP A 161 -19.83 -22.08 21.22
C ASP A 161 -20.93 -22.82 21.95
N LYS A 162 -20.76 -23.02 23.25
CA LYS A 162 -21.72 -23.81 24.02
C LYS A 162 -22.88 -22.99 24.56
N THR A 163 -22.88 -21.68 24.34
CA THR A 163 -24.05 -20.89 24.72
C THR A 163 -25.18 -21.08 23.73
N LEU A 164 -24.87 -21.31 22.46
CA LEU A 164 -25.89 -21.51 21.44
C LEU A 164 -26.06 -22.96 21.02
N PHE A 165 -25.06 -23.80 21.27
CA PHE A 165 -25.05 -25.19 20.84
C PHE A 165 -24.81 -26.09 22.04
N LYS A 166 -25.60 -25.91 23.08
CA LYS A 166 -25.38 -26.64 24.33
C LYS A 166 -25.40 -28.14 24.13
N TYR A 167 -26.26 -28.63 23.24
CA TYR A 167 -26.45 -30.07 23.06
C TYR A 167 -25.69 -30.62 21.86
N PHE A 168 -24.48 -30.13 21.60
CA PHE A 168 -23.71 -30.56 20.45
C PHE A 168 -22.32 -30.99 20.89
N MET A 169 -21.95 -32.21 20.54
CA MET A 169 -20.60 -32.71 20.76
C MET A 169 -20.08 -33.27 19.45
N ARG A 170 -18.77 -33.49 19.37
CA ARG A 170 -18.21 -34.12 18.19
C ARG A 170 -16.98 -34.90 18.59
N VAL A 171 -16.61 -35.85 17.74
CA VAL A 171 -15.42 -36.65 17.94
C VAL A 171 -14.31 -36.23 16.99
N VAL A 172 -14.36 -35.01 16.47
CA VAL A 172 -13.32 -34.48 15.60
C VAL A 172 -12.92 -33.10 16.09
N PRO A 173 -11.66 -32.71 15.98
CA PRO A 173 -11.28 -31.36 16.39
C PRO A 173 -11.86 -30.32 15.46
N SER A 174 -12.08 -29.13 16.01
CA SER A 174 -12.63 -28.04 15.22
C SER A 174 -11.69 -27.69 14.07
N ASP A 175 -12.14 -26.81 13.18
CA ASP A 175 -11.29 -26.48 12.05
C ASP A 175 -10.33 -25.34 12.36
N ALA A 176 -10.28 -24.85 13.60
CA ALA A 176 -9.21 -23.91 13.96
C ALA A 176 -7.86 -24.56 13.76
N GLN A 177 -7.71 -25.81 14.19
CA GLN A 177 -6.47 -26.53 13.95
C GLN A 177 -6.24 -26.71 12.46
N GLN A 178 -7.30 -26.95 11.68
CA GLN A 178 -7.11 -27.12 10.25
C GLN A 178 -6.62 -25.84 9.59
N ALA A 179 -7.18 -24.70 9.98
CA ALA A 179 -6.68 -23.43 9.47
C ALA A 179 -5.24 -23.20 9.87
N ARG A 180 -4.88 -23.57 11.10
CA ARG A 180 -3.50 -23.44 11.52
C ARG A 180 -2.58 -24.32 10.69
N ALA A 181 -3.00 -25.54 10.40
CA ALA A 181 -2.20 -26.43 9.58
C ALA A 181 -2.07 -25.90 8.16
N MET A 182 -3.14 -25.32 7.62
CA MET A 182 -3.06 -24.71 6.30
C MET A 182 -2.06 -23.58 6.29
N VAL A 183 -2.10 -22.72 7.30
CA VAL A 183 -1.17 -21.59 7.35
C VAL A 183 0.25 -22.09 7.52
N ASP A 184 0.45 -23.12 8.33
CA ASP A 184 1.80 -23.68 8.50
C ASP A 184 2.33 -24.24 7.19
N ILE A 185 1.48 -24.95 6.44
CA ILE A 185 1.89 -25.48 5.15
C ILE A 185 2.27 -24.35 4.21
N VAL A 186 1.46 -23.30 4.15
CA VAL A 186 1.75 -22.18 3.27
C VAL A 186 3.06 -21.53 3.67
N LYS A 187 3.31 -21.39 4.97
CA LYS A 187 4.55 -20.78 5.42
C LYS A 187 5.75 -21.65 5.09
N ARG A 188 5.59 -22.97 5.14
CA ARG A 188 6.72 -23.86 4.91
C ARG A 188 7.22 -23.83 3.49
N TYR A 189 6.50 -23.21 2.55
CA TYR A 189 6.93 -23.19 1.17
C TYR A 189 7.01 -21.79 0.60
N ASN A 190 7.08 -20.78 1.47
CA ASN A 190 7.28 -19.39 1.05
C ASN A 190 6.23 -18.96 0.04
N TRP A 191 5.01 -19.43 0.22
CA TRP A 191 3.89 -18.98 -0.57
C TRP A 191 3.35 -17.71 0.08
N THR A 192 3.26 -16.63 -0.70
CA THR A 192 2.74 -15.39 -0.18
C THR A 192 1.48 -14.94 -0.89
N TYR A 193 1.52 -14.84 -2.21
CA TYR A 193 0.37 -14.34 -2.98
C TYR A 193 -0.53 -15.50 -3.38
N VAL A 194 -1.11 -16.16 -2.38
CA VAL A 194 -2.03 -17.26 -2.62
C VAL A 194 -3.42 -16.70 -2.87
N SER A 195 -4.23 -17.49 -3.58
CA SER A 195 -5.62 -17.15 -3.81
C SER A 195 -6.50 -18.04 -2.94
N ALA A 196 -7.71 -17.57 -2.65
CA ALA A 196 -8.56 -18.23 -1.68
C ALA A 196 -9.95 -18.46 -2.25
N VAL A 197 -10.45 -19.68 -2.11
CA VAL A 197 -11.82 -20.01 -2.49
C VAL A 197 -12.40 -20.88 -1.38
N HIS A 198 -13.64 -20.60 -0.98
CA HIS A 198 -14.28 -21.38 0.06
C HIS A 198 -15.75 -21.58 -0.28
N THR A 199 -16.24 -22.79 -0.02
CA THR A 199 -17.63 -23.10 -0.29
C THR A 199 -18.52 -22.31 0.64
N GLU A 200 -19.53 -21.65 0.09
CA GLU A 200 -20.46 -20.91 0.91
C GLU A 200 -21.20 -21.86 1.85
N GLY A 201 -21.44 -21.41 3.04
CA GLY A 201 -21.99 -22.23 4.08
C GLY A 201 -21.44 -21.78 5.42
N ASN A 202 -21.32 -22.73 6.34
CA ASN A 202 -20.74 -22.43 7.64
C ASN A 202 -19.42 -23.12 7.89
N TYR A 203 -19.10 -24.17 7.15
CA TYR A 203 -17.80 -24.80 7.28
C TYR A 203 -16.75 -24.02 6.49
N GLY A 204 -16.98 -23.89 5.19
CA GLY A 204 -16.03 -23.16 4.36
C GLY A 204 -15.90 -21.71 4.77
N GLU A 205 -17.02 -21.06 5.10
CA GLU A 205 -16.97 -19.64 5.42
C GLU A 205 -16.15 -19.39 6.69
N SER A 206 -16.45 -20.14 7.76
CA SER A 206 -15.71 -19.94 9.00
C SER A 206 -14.26 -20.37 8.84
N GLY A 207 -14.02 -21.45 8.08
CA GLY A 207 -12.65 -21.85 7.83
C GLY A 207 -11.85 -20.78 7.13
N MET A 208 -12.42 -20.17 6.09
CA MET A 208 -11.72 -19.10 5.41
C MET A 208 -11.60 -17.85 6.26
N GLU A 209 -12.55 -17.59 7.13
CA GLU A 209 -12.41 -16.45 8.02
C GLU A 209 -11.21 -16.64 8.95
N ALA A 210 -11.12 -17.82 9.56
CA ALA A 210 -9.98 -18.11 10.41
C ALA A 210 -8.67 -18.04 9.63
N PHE A 211 -8.67 -18.61 8.43
CA PHE A 211 -7.45 -18.60 7.62
C PHE A 211 -7.04 -17.19 7.28
N LYS A 212 -7.97 -16.37 6.82
CA LYS A 212 -7.67 -14.99 6.48
C LYS A 212 -7.08 -14.26 7.68
N ASP A 213 -7.79 -14.30 8.80
CA ASP A 213 -7.32 -13.59 9.99
C ASP A 213 -5.92 -14.03 10.38
N MET A 214 -5.77 -15.30 10.74
CA MET A 214 -4.53 -15.80 11.31
C MET A 214 -3.53 -16.27 10.28
N SER A 215 -3.71 -15.86 9.02
CA SER A 215 -2.64 -15.89 8.04
C SER A 215 -2.14 -14.50 7.69
N ALA A 216 -3.05 -13.56 7.44
CA ALA A 216 -2.61 -12.17 7.29
C ALA A 216 -1.97 -11.67 8.56
N LYS A 217 -2.23 -12.32 9.70
CA LYS A 217 -1.51 -11.97 10.92
C LYS A 217 -0.01 -12.11 10.73
N GLU A 218 0.44 -13.29 10.28
CA GLU A 218 1.88 -13.56 10.35
C GLU A 218 2.63 -13.00 9.14
N GLY A 219 2.44 -13.60 7.97
CA GLY A 219 3.09 -13.04 6.80
C GLY A 219 2.37 -13.23 5.48
N ILE A 220 1.24 -13.94 5.48
CA ILE A 220 0.66 -14.42 4.24
C ILE A 220 -0.14 -13.32 3.57
N CYS A 221 -0.55 -13.56 2.32
CA CYS A 221 -1.28 -12.59 1.54
C CYS A 221 -2.40 -13.33 0.84
N ILE A 222 -3.43 -12.60 0.44
CA ILE A 222 -4.53 -13.19 -0.31
C ILE A 222 -4.85 -12.28 -1.49
N ALA A 223 -4.72 -12.83 -2.70
CA ALA A 223 -5.03 -12.06 -3.89
C ALA A 223 -6.51 -11.68 -3.90
N HIS A 224 -7.38 -12.63 -3.61
CA HIS A 224 -8.81 -12.43 -3.57
C HIS A 224 -9.46 -13.65 -2.96
N SER A 225 -10.54 -13.45 -2.25
CA SER A 225 -11.29 -14.55 -1.64
C SER A 225 -12.60 -14.71 -2.38
N TYR A 226 -12.85 -15.92 -2.86
CA TYR A 226 -14.05 -16.22 -3.63
C TYR A 226 -14.92 -17.20 -2.88
N LYS A 227 -16.17 -17.29 -3.30
CA LYS A 227 -17.11 -18.21 -2.68
C LYS A 227 -18.06 -18.73 -3.75
N ILE A 228 -18.55 -19.94 -3.54
CA ILE A 228 -19.46 -20.58 -4.49
C ILE A 228 -20.17 -21.71 -3.78
N TYR A 229 -21.46 -21.85 -4.05
CA TYR A 229 -22.20 -22.98 -3.53
C TYR A 229 -21.69 -24.27 -4.17
N SER A 230 -21.62 -25.33 -3.36
CA SER A 230 -21.07 -26.59 -3.85
C SER A 230 -21.91 -27.18 -4.97
N ASN A 231 -23.19 -26.82 -5.05
CA ASN A 231 -24.07 -27.36 -6.07
C ASN A 231 -24.30 -26.41 -7.23
N ALA A 232 -23.50 -25.35 -7.33
CA ALA A 232 -23.71 -24.36 -8.37
C ALA A 232 -23.51 -25.00 -9.74
N GLY A 233 -24.18 -24.45 -10.74
CA GLY A 233 -24.09 -24.95 -12.09
C GLY A 233 -22.72 -24.69 -12.69
N GLU A 234 -22.53 -25.21 -13.90
CA GLU A 234 -21.24 -25.11 -14.56
C GLU A 234 -20.86 -23.66 -14.83
N GLN A 235 -21.85 -22.79 -15.06
CA GLN A 235 -21.53 -21.40 -15.40
C GLN A 235 -20.85 -20.69 -14.25
N SER A 236 -21.34 -20.89 -13.02
CA SER A 236 -20.70 -20.26 -11.87
C SER A 236 -19.27 -20.73 -11.70
N PHE A 237 -19.04 -22.03 -11.90
CA PHE A 237 -17.68 -22.55 -11.81
C PHE A 237 -16.79 -21.98 -12.89
N ASP A 238 -17.31 -21.82 -14.11
CA ASP A 238 -16.52 -21.23 -15.18
C ASP A 238 -16.14 -19.81 -14.85
N LYS A 239 -17.09 -19.02 -14.35
CA LYS A 239 -16.78 -17.66 -13.95
C LYS A 239 -15.75 -17.63 -12.82
N LEU A 240 -15.90 -18.52 -11.85
CA LEU A 240 -14.94 -18.57 -10.75
C LEU A 240 -13.55 -18.92 -11.23
N LEU A 241 -13.45 -19.86 -12.16
CA LEU A 241 -12.13 -20.23 -12.67
C LEU A 241 -11.53 -19.11 -13.49
N LYS A 242 -12.35 -18.38 -14.24
CA LYS A 242 -11.84 -17.20 -14.94
C LYS A 242 -11.31 -16.17 -13.95
N LYS A 243 -12.06 -15.92 -12.87
CA LYS A 243 -11.59 -14.99 -11.86
C LYS A 243 -10.28 -15.46 -11.24
N LEU A 244 -10.15 -16.77 -11.05
CA LEU A 244 -8.90 -17.30 -10.51
C LEU A 244 -7.74 -17.11 -11.47
N THR A 245 -7.98 -17.33 -12.77
CA THR A 245 -6.95 -17.09 -13.76
C THR A 245 -6.58 -15.62 -13.88
N SER A 246 -7.48 -14.72 -13.46
CA SER A 246 -7.18 -13.30 -13.51
C SER A 246 -5.95 -12.95 -12.69
N HIS A 247 -5.56 -13.79 -11.74
CA HIS A 247 -4.32 -13.61 -10.99
C HIS A 247 -3.29 -14.69 -11.32
N LEU A 248 -3.49 -15.41 -12.42
CA LEU A 248 -2.71 -16.62 -12.66
C LEU A 248 -1.19 -16.43 -12.66
N PRO A 249 -0.61 -15.39 -13.27
CA PRO A 249 0.85 -15.33 -13.33
C PRO A 249 1.53 -15.41 -11.97
N LYS A 250 0.93 -14.85 -10.93
CA LYS A 250 1.54 -14.82 -9.61
C LYS A 250 0.82 -15.67 -8.57
N ALA A 251 -0.51 -15.74 -8.63
CA ALA A 251 -1.28 -16.50 -7.65
C ALA A 251 -1.38 -17.94 -8.11
N ARG A 252 -0.30 -18.69 -7.91
CA ARG A 252 -0.23 -20.07 -8.36
C ARG A 252 -0.75 -21.06 -7.33
N VAL A 253 -1.06 -20.62 -6.12
CA VAL A 253 -1.55 -21.50 -5.07
C VAL A 253 -2.94 -21.05 -4.66
N VAL A 254 -3.89 -21.97 -4.65
CA VAL A 254 -5.28 -21.68 -4.31
C VAL A 254 -5.59 -22.36 -2.99
N ALA A 255 -5.95 -21.57 -1.98
CA ALA A 255 -6.33 -22.11 -0.68
C ALA A 255 -7.83 -22.41 -0.70
N CYS A 256 -8.17 -23.68 -0.56
CA CYS A 256 -9.53 -24.16 -0.80
C CYS A 256 -10.08 -24.77 0.49
N PHE A 257 -10.77 -23.95 1.28
CA PHE A 257 -11.59 -24.47 2.36
C PHE A 257 -12.94 -24.90 1.78
N CYS A 258 -12.89 -25.93 0.96
CA CYS A 258 -13.98 -26.28 0.07
C CYS A 258 -14.44 -27.70 0.36
N GLU A 259 -15.74 -27.91 0.22
CA GLU A 259 -16.29 -29.26 0.29
C GLU A 259 -15.82 -30.06 -0.91
N GLY A 260 -16.17 -31.35 -0.92
CA GLY A 260 -15.71 -32.20 -2.00
C GLY A 260 -16.27 -31.79 -3.34
N MET A 261 -17.57 -31.54 -3.40
CA MET A 261 -18.19 -31.24 -4.68
C MET A 261 -17.70 -29.92 -5.25
N THR A 262 -17.33 -28.97 -4.39
CA THR A 262 -16.76 -27.73 -4.90
C THR A 262 -15.44 -27.98 -5.62
N VAL A 263 -14.58 -28.81 -5.03
CA VAL A 263 -13.33 -29.13 -5.68
C VAL A 263 -13.57 -29.93 -6.95
N ARG A 264 -14.57 -30.81 -6.95
CA ARG A 264 -14.90 -31.52 -8.18
C ARG A 264 -15.36 -30.56 -9.26
N GLY A 265 -16.15 -29.55 -8.88
CA GLY A 265 -16.57 -28.56 -9.84
C GLY A 265 -15.40 -27.76 -10.39
N LEU A 266 -14.45 -27.43 -9.52
CA LEU A 266 -13.26 -26.72 -9.99
C LEU A 266 -12.46 -27.59 -10.95
N LEU A 267 -12.32 -28.88 -10.65
CA LEU A 267 -11.59 -29.77 -11.54
C LEU A 267 -12.31 -29.91 -12.88
N MET A 268 -13.63 -29.98 -12.84
CA MET A 268 -14.40 -30.04 -14.09
C MET A 268 -14.20 -28.77 -14.90
N ALA A 269 -14.20 -27.61 -14.24
CA ALA A 269 -13.97 -26.37 -14.96
C ALA A 269 -12.58 -26.32 -15.55
N MET A 270 -11.57 -26.79 -14.82
CA MET A 270 -10.22 -26.84 -15.34
C MET A 270 -10.15 -27.74 -16.56
N ARG A 271 -10.86 -28.87 -16.51
CA ARG A 271 -10.91 -29.76 -17.66
C ARG A 271 -11.56 -29.07 -18.86
N ARG A 272 -12.64 -28.34 -18.62
CA ARG A 272 -13.36 -27.73 -19.72
C ARG A 272 -12.54 -26.63 -20.36
N LEU A 273 -12.20 -25.60 -19.59
CA LEU A 273 -11.49 -24.46 -20.17
C LEU A 273 -9.97 -24.63 -20.09
N GLY A 274 -9.50 -25.81 -20.48
CA GLY A 274 -8.10 -26.08 -20.72
C GLY A 274 -7.10 -25.54 -19.72
N LEU A 275 -7.12 -26.05 -18.49
CA LEU A 275 -6.12 -25.71 -17.48
C LEU A 275 -5.59 -27.01 -16.87
N ALA A 276 -4.57 -27.58 -17.51
CA ALA A 276 -4.02 -28.86 -17.08
C ALA A 276 -2.68 -28.61 -16.41
N GLY A 277 -2.74 -28.29 -15.12
CA GLY A 277 -1.56 -28.12 -14.31
C GLY A 277 -1.07 -26.70 -14.12
N GLU A 278 -1.95 -25.72 -14.14
CA GLU A 278 -1.57 -24.34 -13.90
C GLU A 278 -1.86 -23.86 -12.49
N PHE A 279 -2.37 -24.74 -11.62
CA PHE A 279 -2.69 -24.39 -10.25
C PHE A 279 -2.21 -25.51 -9.33
N LEU A 280 -2.03 -25.16 -8.06
CA LEU A 280 -1.70 -26.14 -7.03
C LEU A 280 -2.78 -25.99 -5.96
N LEU A 281 -3.84 -26.76 -6.10
CA LEU A 281 -4.96 -26.68 -5.16
C LEU A 281 -4.50 -27.11 -3.78
N LEU A 282 -4.83 -26.31 -2.78
CA LEU A 282 -4.52 -26.59 -1.38
C LEU A 282 -5.85 -26.91 -0.71
N GLY A 283 -6.25 -28.17 -0.75
CA GLY A 283 -7.55 -28.55 -0.27
C GLY A 283 -7.62 -28.51 1.24
N SER A 284 -8.73 -29.04 1.75
CA SER A 284 -8.97 -29.08 3.19
C SER A 284 -9.60 -30.43 3.50
N ASP A 285 -10.19 -30.56 4.70
CA ASP A 285 -10.78 -31.81 5.10
C ASP A 285 -11.88 -32.26 4.15
N GLY A 286 -12.59 -31.31 3.54
CA GLY A 286 -13.63 -31.70 2.60
C GLY A 286 -13.11 -32.52 1.45
N TRP A 287 -11.96 -32.12 0.90
CA TRP A 287 -11.32 -32.91 -0.15
C TRP A 287 -10.73 -34.19 0.43
N ALA A 288 -9.83 -34.06 1.40
CA ALA A 288 -9.26 -35.20 2.13
C ALA A 288 -8.59 -36.12 1.11
N ASP A 289 -8.79 -37.43 1.20
CA ASP A 289 -8.28 -38.37 0.21
C ASP A 289 -9.40 -39.02 -0.58
N ARG A 290 -10.52 -38.30 -0.74
CA ARG A 290 -11.66 -38.84 -1.46
C ARG A 290 -11.29 -39.14 -2.90
N TYR A 291 -11.85 -40.23 -3.42
CA TYR A 291 -11.68 -40.55 -4.83
C TYR A 291 -12.85 -40.05 -5.66
N ASP A 292 -13.95 -39.66 -5.03
CA ASP A 292 -15.07 -39.09 -5.78
C ASP A 292 -14.70 -37.76 -6.41
N VAL A 293 -13.95 -36.93 -5.68
CA VAL A 293 -13.63 -35.61 -6.19
C VAL A 293 -12.78 -35.69 -7.44
N THR A 294 -11.77 -36.56 -7.44
CA THR A 294 -10.83 -36.68 -8.54
C THR A 294 -10.98 -38.01 -9.27
N ASP A 295 -12.20 -38.35 -9.64
CA ASP A 295 -12.45 -39.53 -10.45
C ASP A 295 -12.66 -39.10 -11.90
N GLY A 296 -11.78 -39.57 -12.78
CA GLY A 296 -11.81 -39.16 -14.15
C GLY A 296 -11.19 -37.81 -14.42
N TYR A 297 -10.80 -37.08 -13.38
CA TYR A 297 -10.18 -35.78 -13.51
C TYR A 297 -8.83 -35.77 -12.83
N GLN A 298 -8.16 -36.91 -12.80
CA GLN A 298 -6.88 -37.00 -12.10
C GLN A 298 -5.88 -36.02 -12.70
N ARG A 299 -5.80 -35.95 -14.03
CA ARG A 299 -4.77 -35.15 -14.66
C ARG A 299 -4.87 -33.68 -14.27
N GLU A 300 -6.07 -33.20 -13.97
CA GLU A 300 -6.21 -31.81 -13.58
C GLU A 300 -5.75 -31.56 -12.15
N ALA A 301 -5.87 -32.56 -11.27
CA ALA A 301 -5.65 -32.36 -9.85
C ALA A 301 -4.28 -32.80 -9.37
N VAL A 302 -3.38 -33.18 -10.28
CA VAL A 302 -2.08 -33.67 -9.84
C VAL A 302 -1.32 -32.56 -9.13
N GLY A 303 -0.63 -32.94 -8.06
CA GLY A 303 0.16 -31.99 -7.29
C GLY A 303 -0.59 -31.29 -6.19
N GLY A 304 -1.91 -31.42 -6.13
CA GLY A 304 -2.66 -30.77 -5.08
C GLY A 304 -2.34 -31.35 -3.71
N ILE A 305 -2.39 -30.49 -2.70
CA ILE A 305 -2.12 -30.87 -1.32
C ILE A 305 -3.40 -30.72 -0.52
N THR A 306 -3.77 -31.78 0.19
CA THR A 306 -5.00 -31.80 0.97
C THR A 306 -4.70 -32.25 2.39
N ILE A 307 -5.51 -31.79 3.32
CA ILE A 307 -5.38 -32.10 4.73
C ILE A 307 -6.47 -33.08 5.11
N LYS A 308 -6.10 -34.21 5.69
CA LYS A 308 -7.04 -35.27 6.00
C LYS A 308 -6.98 -35.58 7.48
N LEU A 309 -8.14 -35.68 8.12
CA LEU A 309 -8.17 -36.06 9.52
C LEU A 309 -7.76 -37.51 9.67
N GLN A 310 -6.75 -37.77 10.50
CA GLN A 310 -6.21 -39.11 10.60
C GLN A 310 -7.20 -40.04 11.28
N SER A 311 -7.48 -41.18 10.65
CA SER A 311 -8.32 -42.20 11.26
C SER A 311 -8.00 -43.54 10.62
N PRO A 312 -7.44 -44.48 11.36
CA PRO A 312 -7.09 -45.77 10.76
C PRO A 312 -8.34 -46.57 10.41
N ASP A 313 -8.20 -47.44 9.41
CA ASP A 313 -9.32 -48.25 8.97
C ASP A 313 -9.73 -49.24 10.05
N VAL A 314 -11.00 -49.60 10.04
CA VAL A 314 -11.53 -50.60 10.96
C VAL A 314 -11.71 -51.91 10.20
N LYS A 315 -10.96 -52.92 10.58
CA LYS A 315 -10.93 -54.14 9.77
C LYS A 315 -12.22 -54.95 9.93
N TRP A 316 -12.80 -54.98 11.13
CA TRP A 316 -14.01 -55.77 11.30
C TRP A 316 -15.16 -55.21 10.49
N PHE A 317 -15.20 -53.89 10.29
CA PHE A 317 -16.20 -53.34 9.40
C PHE A 317 -16.02 -53.83 7.97
N ASP A 318 -14.77 -53.88 7.50
CA ASP A 318 -14.53 -54.40 6.15
C ASP A 318 -14.99 -55.84 6.05
N ASP A 319 -14.67 -56.66 7.05
CA ASP A 319 -15.09 -58.06 7.01
C ASP A 319 -16.60 -58.19 6.97
N TYR A 320 -17.31 -57.34 7.72
CA TYR A 320 -18.77 -57.41 7.70
C TYR A 320 -19.33 -56.91 6.37
N TYR A 321 -18.77 -55.83 5.84
CA TYR A 321 -19.35 -55.14 4.69
C TYR A 321 -19.11 -55.88 3.40
N LEU A 322 -17.94 -56.50 3.24
CA LEU A 322 -17.64 -57.16 1.97
C LEU A 322 -18.47 -58.41 1.73
N LYS A 323 -19.21 -58.87 2.72
CA LYS A 323 -20.04 -60.06 2.57
C LYS A 323 -21.50 -59.73 2.34
N LEU A 324 -21.84 -58.47 2.18
CA LEU A 324 -23.23 -58.08 1.98
C LEU A 324 -23.70 -58.44 0.59
N ARG A 325 -24.94 -58.92 0.50
CA ARG A 325 -25.57 -59.23 -0.77
C ARG A 325 -26.98 -58.65 -0.78
N PRO A 326 -27.44 -58.14 -1.93
CA PRO A 326 -28.80 -57.62 -1.99
C PRO A 326 -29.87 -58.67 -1.80
N GLU A 327 -29.52 -59.95 -1.97
CA GLU A 327 -30.51 -61.00 -1.72
C GLU A 327 -30.94 -61.03 -0.26
N THR A 328 -29.99 -60.87 0.66
CA THR A 328 -30.28 -60.98 2.08
C THR A 328 -30.50 -59.64 2.76
N ASN A 329 -29.76 -58.60 2.36
CA ASN A 329 -29.79 -57.35 3.10
C ASN A 329 -31.10 -56.62 2.88
N LEU A 330 -32.10 -56.94 3.70
CA LEU A 330 -33.41 -56.32 3.59
C LEU A 330 -33.67 -55.25 4.63
N ARG A 331 -32.86 -55.20 5.69
CA ARG A 331 -33.04 -54.20 6.73
C ARG A 331 -32.52 -52.83 6.33
N ASN A 332 -31.76 -52.74 5.24
CA ASN A 332 -31.24 -51.47 4.75
C ASN A 332 -31.95 -51.12 3.46
N PRO A 333 -32.96 -50.26 3.49
CA PRO A 333 -33.79 -50.05 2.28
C PRO A 333 -33.04 -49.49 1.10
N TRP A 334 -31.94 -48.80 1.32
CA TRP A 334 -31.21 -48.21 0.20
C TRP A 334 -30.25 -49.18 -0.46
N PHE A 335 -30.12 -50.41 0.02
CA PHE A 335 -29.09 -51.29 -0.51
C PHE A 335 -29.40 -51.75 -1.93
N GLN A 336 -30.67 -51.92 -2.28
CA GLN A 336 -31.00 -52.33 -3.64
C GLN A 336 -30.62 -51.24 -4.64
N GLU A 337 -30.99 -49.99 -4.35
CA GLU A 337 -30.67 -48.90 -5.26
C GLU A 337 -29.16 -48.72 -5.37
N PHE A 338 -28.44 -48.80 -4.25
CA PHE A 338 -27.00 -48.67 -4.30
C PHE A 338 -26.38 -49.81 -5.07
N TRP A 339 -26.87 -51.03 -4.86
CA TRP A 339 -26.32 -52.18 -5.56
C TRP A 339 -26.50 -52.02 -7.06
N GLN A 340 -27.67 -51.58 -7.49
CA GLN A 340 -27.88 -51.37 -8.91
C GLN A 340 -26.99 -50.25 -9.44
N HIS A 341 -26.82 -49.18 -8.68
CA HIS A 341 -26.03 -48.06 -9.18
C HIS A 341 -24.55 -48.36 -9.22
N ARG A 342 -24.06 -49.22 -8.33
CA ARG A 342 -22.63 -49.48 -8.27
C ARG A 342 -22.17 -50.28 -9.49
N PHE A 343 -22.75 -51.45 -9.66
CA PHE A 343 -22.57 -52.24 -10.88
C PHE A 343 -23.80 -51.97 -11.72
N GLN A 344 -23.68 -51.11 -12.72
CA GLN A 344 -24.86 -50.70 -13.49
C GLN A 344 -25.60 -51.92 -14.00
N CYS A 345 -26.82 -52.15 -13.51
CA CYS A 345 -27.54 -53.36 -13.80
C CYS A 345 -28.98 -53.20 -13.31
N ARG A 346 -29.74 -54.29 -13.40
CA ARG A 346 -31.09 -54.35 -12.87
C ARG A 346 -31.30 -55.73 -12.27
N LEU A 347 -31.77 -55.78 -11.03
CA LEU A 347 -32.03 -57.03 -10.35
C LEU A 347 -33.41 -57.52 -10.77
N GLU A 348 -33.46 -58.50 -11.67
CA GLU A 348 -34.73 -58.98 -12.19
C GLU A 348 -35.56 -59.68 -11.12
N GLY A 349 -34.94 -60.15 -10.05
CA GLY A 349 -35.66 -60.89 -9.03
C GLY A 349 -36.09 -60.03 -7.86
N PHE A 350 -36.09 -58.71 -8.05
CA PHE A 350 -36.40 -57.79 -6.97
C PHE A 350 -37.45 -56.78 -7.39
N PRO A 351 -38.26 -56.30 -6.45
CA PRO A 351 -39.27 -55.29 -6.81
C PRO A 351 -38.67 -54.02 -7.39
N GLN A 352 -37.53 -53.59 -6.88
CA GLN A 352 -36.87 -52.38 -7.37
C GLN A 352 -35.96 -52.74 -8.56
N GLU A 353 -36.60 -53.20 -9.62
CA GLU A 353 -35.85 -53.58 -10.82
C GLU A 353 -35.11 -52.38 -11.41
N ASN A 354 -35.83 -51.28 -11.62
CA ASN A 354 -35.27 -50.07 -12.22
C ASN A 354 -34.57 -50.40 -13.54
N SER A 355 -35.39 -50.80 -14.51
CA SER A 355 -34.89 -51.31 -15.78
C SER A 355 -34.19 -50.23 -16.61
N LYS A 356 -34.00 -49.05 -16.02
CA LYS A 356 -33.24 -48.00 -16.70
C LYS A 356 -31.87 -48.51 -17.14
N TYR A 357 -31.18 -49.23 -16.26
CA TYR A 357 -29.95 -49.87 -16.65
C TYR A 357 -30.27 -51.09 -17.52
N ASN A 358 -29.44 -51.30 -18.54
CA ASN A 358 -29.77 -52.30 -19.54
C ASN A 358 -29.51 -53.72 -19.03
N LYS A 359 -28.26 -54.03 -18.73
CA LYS A 359 -27.89 -55.41 -18.43
C LYS A 359 -28.47 -55.84 -17.07
N THR A 360 -28.16 -57.07 -16.69
CA THR A 360 -28.65 -57.65 -15.45
C THR A 360 -27.48 -58.07 -14.57
N CYS A 361 -27.72 -58.07 -13.26
CA CYS A 361 -26.70 -58.41 -12.28
C CYS A 361 -26.61 -59.92 -12.15
N ASN A 362 -25.54 -60.51 -12.69
CA ASN A 362 -25.30 -61.91 -12.44
C ASN A 362 -24.86 -62.11 -10.99
N SER A 363 -25.05 -63.33 -10.49
CA SER A 363 -24.71 -63.61 -9.10
C SER A 363 -23.23 -63.89 -8.96
N SER A 364 -22.41 -63.02 -9.54
CA SER A 364 -20.97 -63.11 -9.43
C SER A 364 -20.32 -61.77 -9.08
N LEU A 365 -21.07 -60.68 -9.13
CA LEU A 365 -20.54 -59.40 -8.70
C LEU A 365 -20.39 -59.39 -7.19
N THR A 366 -19.24 -58.93 -6.72
CA THR A 366 -19.00 -58.81 -5.29
C THR A 366 -18.48 -57.41 -4.99
N LEU A 367 -18.65 -57.01 -3.74
CA LEU A 367 -18.25 -55.68 -3.30
C LEU A 367 -16.75 -55.56 -3.08
N LYS A 368 -16.00 -56.66 -3.19
CA LYS A 368 -14.57 -56.58 -2.92
C LYS A 368 -13.85 -55.70 -3.92
N THR A 369 -14.19 -55.83 -5.20
CA THR A 369 -13.43 -55.14 -6.24
C THR A 369 -13.60 -53.63 -6.12
N HIS A 370 -12.48 -52.92 -6.17
CA HIS A 370 -12.43 -51.47 -6.13
C HIS A 370 -13.01 -50.87 -4.85
N HIS A 371 -13.29 -51.69 -3.85
CA HIS A 371 -13.88 -51.18 -2.63
C HIS A 371 -12.87 -50.29 -1.91
N VAL A 372 -13.31 -49.10 -1.53
CA VAL A 372 -12.49 -48.17 -0.76
C VAL A 372 -13.31 -47.66 0.41
N GLN A 373 -12.83 -47.89 1.62
CA GLN A 373 -13.51 -47.43 2.81
C GLN A 373 -13.42 -45.92 2.90
N ASP A 374 -14.48 -45.29 3.40
CA ASP A 374 -14.44 -43.84 3.56
C ASP A 374 -13.45 -43.45 4.65
N SER A 375 -12.85 -42.28 4.47
CA SER A 375 -11.81 -41.85 5.40
C SER A 375 -12.36 -41.70 6.81
N LYS A 376 -13.55 -41.13 6.95
CA LYS A 376 -14.14 -40.90 8.26
C LYS A 376 -14.96 -42.09 8.72
N MET A 377 -14.39 -43.27 8.65
CA MET A 377 -15.10 -44.45 9.16
C MET A 377 -14.80 -44.70 10.62
N GLY A 378 -13.58 -44.41 11.06
CA GLY A 378 -13.29 -44.50 12.49
C GLY A 378 -14.13 -43.55 13.30
N PHE A 379 -14.40 -42.36 12.77
CA PHE A 379 -15.12 -41.36 13.53
C PHE A 379 -16.58 -41.72 13.71
N VAL A 380 -17.19 -42.35 12.71
CA VAL A 380 -18.61 -42.71 12.84
C VAL A 380 -18.79 -43.76 13.92
N ILE A 381 -17.98 -44.81 13.88
CA ILE A 381 -18.07 -45.84 14.90
C ILE A 381 -17.72 -45.28 16.26
N ASN A 382 -16.75 -44.36 16.31
CA ASN A 382 -16.42 -43.74 17.58
C ASN A 382 -17.58 -42.92 18.12
N ALA A 383 -18.31 -42.23 17.25
CA ALA A 383 -19.45 -41.46 17.70
C ALA A 383 -20.55 -42.38 18.25
N ILE A 384 -20.81 -43.48 17.55
CA ILE A 384 -21.82 -44.41 18.06
C ILE A 384 -21.40 -44.99 19.40
N TYR A 385 -20.12 -45.38 19.52
CA TYR A 385 -19.64 -45.92 20.78
C TYR A 385 -19.69 -44.87 21.87
N SER A 386 -19.43 -43.61 21.53
CA SER A 386 -19.49 -42.55 22.53
C SER A 386 -20.90 -42.36 23.05
N MET A 387 -21.89 -42.37 22.16
CA MET A 387 -23.27 -42.28 22.63
C MET A 387 -23.64 -43.47 23.49
N ALA A 388 -23.22 -44.67 23.09
CA ALA A 388 -23.54 -45.86 23.88
C ALA A 388 -22.87 -45.79 25.24
N TYR A 389 -21.62 -45.34 25.31
CA TYR A 389 -20.93 -45.26 26.59
C TYR A 389 -21.53 -44.19 27.48
N GLY A 390 -21.96 -43.08 26.90
CA GLY A 390 -22.65 -42.07 27.69
C GLY A 390 -23.95 -42.59 28.26
N LEU A 391 -24.72 -43.30 27.45
CA LEU A 391 -25.96 -43.90 27.96
C LEU A 391 -25.65 -44.91 29.06
N HIS A 392 -24.60 -45.72 28.88
CA HIS A 392 -24.25 -46.71 29.88
C HIS A 392 -23.82 -46.06 31.19
N ASN A 393 -23.02 -45.00 31.11
CA ASN A 393 -22.61 -44.29 32.31
C ASN A 393 -23.82 -43.68 33.03
N MET A 394 -24.73 -43.08 32.27
CA MET A 394 -25.91 -42.49 32.90
C MET A 394 -26.77 -43.57 33.54
N GLN A 395 -26.90 -44.73 32.90
CA GLN A 395 -27.65 -45.82 33.50
C GLN A 395 -26.99 -46.31 34.78
N MET A 396 -25.66 -46.46 34.76
CA MET A 396 -24.96 -46.93 35.95
C MET A 396 -25.13 -45.94 37.10
N SER A 397 -25.05 -44.65 36.80
CA SER A 397 -25.20 -43.65 37.85
C SER A 397 -26.64 -43.59 38.36
N LEU A 398 -27.62 -43.76 37.46
CA LEU A 398 -29.02 -43.63 37.88
C LEU A 398 -29.49 -44.81 38.71
N CYS A 399 -29.17 -46.04 38.30
CA CYS A 399 -29.61 -47.24 39.00
C CYS A 399 -28.46 -48.23 39.11
N PRO A 400 -27.51 -47.97 40.02
CA PRO A 400 -26.38 -48.90 40.17
C PRO A 400 -26.79 -50.29 40.58
N GLY A 401 -27.83 -50.41 41.42
CA GLY A 401 -28.27 -51.72 41.85
C GLY A 401 -28.85 -52.55 40.73
N TYR A 402 -29.70 -51.94 39.90
CA TYR A 402 -30.34 -52.68 38.83
C TYR A 402 -29.38 -52.85 37.66
N ALA A 403 -29.42 -54.03 37.04
CA ALA A 403 -28.63 -54.32 35.84
C ALA A 403 -29.60 -54.24 34.65
N GLY A 404 -29.78 -53.03 34.14
CA GLY A 404 -30.68 -52.82 33.02
C GLY A 404 -31.51 -51.57 33.17
N LEU A 405 -32.69 -51.56 32.56
CA LEU A 405 -33.58 -50.42 32.65
C LEU A 405 -34.12 -50.28 34.07
N CYS A 406 -34.24 -49.04 34.52
CA CYS A 406 -34.80 -48.73 35.83
C CYS A 406 -35.92 -47.71 35.67
N ASP A 407 -36.76 -47.63 36.70
CA ASP A 407 -37.90 -46.71 36.64
C ASP A 407 -37.45 -45.27 36.58
N ALA A 408 -36.39 -44.92 37.32
CA ALA A 408 -35.91 -43.54 37.31
C ALA A 408 -35.36 -43.12 35.97
N MET A 409 -35.01 -44.06 35.10
CA MET A 409 -34.44 -43.75 33.81
C MET A 409 -35.45 -43.84 32.68
N LYS A 410 -36.57 -44.54 32.88
CA LYS A 410 -37.54 -44.77 31.82
C LYS A 410 -37.98 -43.49 31.10
N PRO A 411 -38.28 -42.38 31.78
CA PRO A 411 -38.36 -41.12 31.05
C PRO A 411 -36.98 -40.53 30.86
N ILE A 412 -36.27 -40.97 29.82
CA ILE A 412 -34.91 -40.55 29.58
C ILE A 412 -34.86 -39.03 29.51
N ASP A 413 -34.07 -38.42 30.39
CA ASP A 413 -33.91 -36.98 30.42
C ASP A 413 -32.68 -36.60 29.62
N GLY A 414 -32.85 -35.68 28.67
CA GLY A 414 -31.74 -35.28 27.83
C GLY A 414 -30.63 -34.58 28.60
N ARG A 415 -30.98 -33.82 29.63
CA ARG A 415 -29.96 -33.10 30.38
C ARG A 415 -29.01 -34.06 31.07
N LYS A 416 -29.54 -35.10 31.71
CA LYS A 416 -28.69 -36.08 32.37
C LYS A 416 -27.80 -36.80 31.37
N LEU A 417 -28.36 -37.18 30.22
CA LEU A 417 -27.56 -37.85 29.21
C LEU A 417 -26.46 -36.95 28.69
N LEU A 418 -26.75 -35.66 28.49
CA LEU A 418 -25.73 -34.74 28.03
C LEU A 418 -24.63 -34.57 29.07
N GLU A 419 -25.01 -34.48 30.34
CA GLU A 419 -24.00 -34.39 31.39
C GLU A 419 -23.14 -35.64 31.42
N SER A 420 -23.75 -36.81 31.23
CA SER A 420 -22.97 -38.05 31.20
C SER A 420 -22.03 -38.08 30.01
N LEU A 421 -22.50 -37.63 28.85
CA LEU A 421 -21.67 -37.66 27.65
C LEU A 421 -20.52 -36.68 27.74
N MET A 422 -20.74 -35.53 28.38
CA MET A 422 -19.71 -34.51 28.41
C MET A 422 -18.46 -34.95 29.13
N LYS A 423 -18.54 -35.99 29.96
CA LYS A 423 -17.40 -36.43 30.75
C LYS A 423 -17.24 -37.93 30.69
N THR A 424 -17.29 -38.49 29.48
CA THR A 424 -17.10 -39.92 29.28
C THR A 424 -15.79 -40.16 28.55
N ALA A 425 -15.09 -41.21 28.95
CA ALA A 425 -13.84 -41.61 28.33
C ALA A 425 -13.88 -43.11 28.07
N PHE A 426 -13.40 -43.52 26.90
CA PHE A 426 -13.44 -44.91 26.51
C PHE A 426 -12.39 -45.13 25.42
N THR A 427 -12.15 -46.39 25.12
CA THR A 427 -11.20 -46.76 24.07
C THR A 427 -11.93 -46.88 22.75
N GLY A 428 -11.57 -46.02 21.80
CA GLY A 428 -12.19 -46.07 20.49
C GLY A 428 -11.62 -47.17 19.64
N VAL A 429 -12.23 -47.34 18.47
CA VAL A 429 -11.84 -48.43 17.57
C VAL A 429 -10.40 -48.27 17.11
N SER A 430 -9.89 -47.04 17.07
CA SER A 430 -8.49 -46.86 16.73
C SER A 430 -7.55 -47.28 17.85
N GLY A 431 -8.07 -47.59 19.03
CA GLY A 431 -7.26 -47.99 20.16
C GLY A 431 -6.94 -46.88 21.12
N ASP A 432 -7.15 -45.62 20.75
CA ASP A 432 -6.86 -44.50 21.63
C ASP A 432 -8.05 -44.24 22.54
N THR A 433 -7.93 -43.21 23.37
CA THR A 433 -8.97 -42.85 24.32
C THR A 433 -9.73 -41.64 23.81
N ILE A 434 -11.06 -41.71 23.88
CA ILE A 434 -11.94 -40.66 23.40
C ILE A 434 -12.45 -39.87 24.58
N LEU A 435 -12.27 -38.55 24.55
CA LEU A 435 -12.79 -37.70 25.59
C LEU A 435 -13.17 -36.37 24.98
N PHE A 436 -14.11 -35.68 25.63
CA PHE A 436 -14.57 -34.38 25.19
C PHE A 436 -14.08 -33.33 26.17
N ASP A 437 -13.74 -32.15 25.66
CA ASP A 437 -13.32 -31.06 26.53
C ASP A 437 -14.54 -30.26 26.95
N GLU A 438 -14.33 -29.09 27.53
CA GLU A 438 -15.44 -28.28 28.02
C GLU A 438 -16.27 -27.70 26.89
N ASN A 439 -15.75 -27.71 25.66
CA ASN A 439 -16.48 -27.20 24.51
C ASN A 439 -17.16 -28.28 23.70
N GLY A 440 -17.08 -29.54 24.13
CA GLY A 440 -17.71 -30.62 23.41
C GLY A 440 -16.93 -31.15 22.24
N ASP A 441 -15.77 -30.60 21.93
CA ASP A 441 -14.95 -31.10 20.84
C ASP A 441 -14.21 -32.35 21.30
N SER A 442 -13.20 -32.75 20.54
CA SER A 442 -12.34 -33.85 20.90
C SER A 442 -11.02 -33.64 20.18
N PRO A 443 -9.89 -33.91 20.82
CA PRO A 443 -8.60 -33.70 20.17
C PRO A 443 -8.39 -34.67 19.01
N GLY A 444 -7.61 -34.21 18.02
CA GLY A 444 -7.30 -35.03 16.87
C GLY A 444 -6.08 -34.49 16.17
N ARG A 445 -5.56 -35.28 15.23
CA ARG A 445 -4.38 -34.93 14.47
C ARG A 445 -4.67 -35.11 12.98
N TYR A 446 -3.97 -34.35 12.16
CA TYR A 446 -4.21 -34.32 10.73
C TYR A 446 -3.09 -35.02 9.98
N GLU A 447 -3.39 -35.37 8.74
CA GLU A 447 -2.42 -35.93 7.81
C GLU A 447 -2.40 -35.09 6.55
N ILE A 448 -1.21 -34.82 6.04
CA ILE A 448 -1.03 -33.96 4.87
C ILE A 448 -0.91 -34.89 3.67
N MET A 449 -2.05 -35.23 3.08
CA MET A 449 -2.04 -36.04 1.87
C MET A 449 -1.61 -35.20 0.68
N ASN A 450 -1.07 -35.87 -0.33
CA ASN A 450 -0.67 -35.22 -1.56
C ASN A 450 -1.04 -36.12 -2.73
N PHE A 451 -1.66 -35.55 -3.75
CA PHE A 451 -2.05 -36.28 -4.94
C PHE A 451 -0.89 -36.31 -5.90
N LYS A 452 -0.53 -37.51 -6.37
CA LYS A 452 0.62 -37.64 -7.25
C LYS A 452 0.36 -38.76 -8.25
N GLU A 453 1.10 -38.72 -9.35
CA GLU A 453 1.01 -39.73 -10.39
C GLU A 453 1.98 -40.86 -10.04
N MET A 454 1.45 -41.93 -9.45
CA MET A 454 2.30 -43.02 -9.00
C MET A 454 3.03 -43.69 -10.15
N GLY A 455 2.32 -43.95 -11.24
CA GLY A 455 2.95 -44.62 -12.37
C GLY A 455 2.44 -44.14 -13.70
N LYS A 456 2.09 -45.08 -14.57
CA LYS A 456 1.47 -44.76 -15.85
C LYS A 456 -0.04 -44.75 -15.67
N ASP A 457 -0.65 -43.59 -15.93
CA ASP A 457 -2.09 -43.36 -15.81
C ASP A 457 -2.66 -43.96 -14.53
N TYR A 458 -1.86 -43.98 -13.47
CA TYR A 458 -2.27 -44.56 -12.19
C TYR A 458 -2.01 -43.50 -11.11
N PHE A 459 -3.05 -42.81 -10.70
CA PHE A 459 -2.94 -41.72 -9.76
C PHE A 459 -3.48 -42.15 -8.41
N ASP A 460 -2.77 -41.79 -7.35
CA ASP A 460 -3.15 -42.21 -6.02
C ASP A 460 -2.80 -41.13 -5.02
N TYR A 461 -3.54 -41.10 -3.92
CA TYR A 461 -3.27 -40.14 -2.85
C TYR A 461 -2.10 -40.65 -2.03
N ILE A 462 -1.06 -39.84 -1.91
CA ILE A 462 0.13 -40.23 -1.18
C ILE A 462 0.27 -39.36 0.06
N ASN A 463 0.94 -39.90 1.07
CA ASN A 463 1.06 -39.26 2.38
C ASN A 463 2.44 -38.66 2.53
N VAL A 464 2.50 -37.37 2.83
CA VAL A 464 3.76 -36.65 2.89
C VAL A 464 3.98 -35.94 4.22
N GLY A 465 3.18 -36.24 5.23
CA GLY A 465 3.46 -35.69 6.54
C GLY A 465 2.19 -35.45 7.32
N SER A 466 2.38 -35.07 8.58
CA SER A 466 1.29 -34.95 9.52
C SER A 466 1.46 -33.68 10.33
N TRP A 467 0.38 -33.28 10.98
CA TRP A 467 0.32 -32.07 11.79
C TRP A 467 -0.29 -32.42 13.12
N ASP A 468 0.26 -31.88 14.21
CA ASP A 468 -0.18 -32.28 15.54
C ASP A 468 0.16 -31.19 16.53
N ASN A 469 -0.84 -30.39 16.91
CA ASN A 469 -0.72 -29.38 17.93
C ASN A 469 0.45 -28.43 17.64
N GLY A 470 0.44 -27.85 16.45
CA GLY A 470 1.47 -26.95 16.02
C GLY A 470 2.68 -27.61 15.42
N GLU A 471 2.84 -28.92 15.58
CA GLU A 471 4.00 -29.63 15.06
C GLU A 471 3.70 -30.07 13.64
N LEU A 472 4.31 -29.40 12.67
CA LEU A 472 4.15 -29.74 11.27
C LEU A 472 5.38 -30.48 10.78
N LYS A 473 5.18 -31.71 10.34
CA LYS A 473 6.26 -32.53 9.78
C LYS A 473 5.90 -32.87 8.35
N MET A 474 6.89 -32.91 7.48
CA MET A 474 6.64 -33.16 6.06
C MET A 474 7.73 -34.06 5.51
N ASP A 475 7.67 -34.26 4.19
CA ASP A 475 8.65 -35.03 3.43
C ASP A 475 8.94 -34.24 2.17
N ASP A 476 9.86 -33.28 2.28
CA ASP A 476 10.09 -32.35 1.18
C ASP A 476 10.70 -33.03 -0.05
N ASP A 477 11.15 -34.27 0.07
CA ASP A 477 11.59 -35.00 -1.10
C ASP A 477 10.47 -35.80 -1.74
N GLU A 478 9.52 -36.28 -0.95
CA GLU A 478 8.40 -37.03 -1.52
C GLU A 478 7.55 -36.15 -2.42
N VAL A 479 7.26 -34.93 -1.99
CA VAL A 479 6.57 -33.95 -2.82
C VAL A 479 7.62 -33.05 -3.44
N TRP A 480 7.53 -32.87 -4.76
CA TRP A 480 8.53 -32.12 -5.52
C TRP A 480 9.92 -32.76 -5.37
N SER A 481 10.04 -33.95 -5.95
CA SER A 481 11.30 -34.69 -5.89
C SER A 481 12.33 -34.05 -6.81
N LYS A 482 12.63 -32.78 -6.55
CA LYS A 482 13.58 -31.95 -7.27
C LYS A 482 13.57 -30.59 -6.60
N LYS A 483 14.58 -29.78 -6.90
CA LYS A 483 14.62 -28.43 -6.36
C LYS A 483 13.61 -27.50 -7.02
N SER A 484 12.94 -27.94 -8.08
CA SER A 484 11.98 -27.11 -8.81
C SER A 484 10.58 -27.45 -8.32
N ASN A 485 10.17 -26.81 -7.25
CA ASN A 485 8.81 -26.96 -6.73
C ASN A 485 7.86 -26.09 -7.55
N ILE A 486 6.64 -25.92 -7.07
CA ILE A 486 5.71 -25.02 -7.73
C ILE A 486 6.28 -23.60 -7.70
N ILE A 487 5.94 -22.82 -8.72
CA ILE A 487 6.31 -21.41 -8.74
C ILE A 487 5.68 -20.79 -7.51
N ARG A 488 6.52 -20.41 -6.55
CA ARG A 488 6.01 -19.89 -5.29
C ARG A 488 5.10 -18.70 -5.57
N SER A 489 3.91 -18.73 -4.97
CA SER A 489 2.92 -17.69 -5.23
C SER A 489 3.38 -16.43 -4.52
N VAL A 490 4.27 -15.70 -5.17
CA VAL A 490 4.79 -14.44 -4.65
C VAL A 490 4.42 -13.34 -5.63
N CYS A 491 3.83 -12.26 -5.11
CA CYS A 491 3.40 -11.18 -5.99
C CYS A 491 4.59 -10.43 -6.57
N SER A 492 5.59 -10.13 -5.74
CA SER A 492 6.77 -9.40 -6.16
C SER A 492 8.01 -10.08 -5.64
N GLU A 493 9.01 -10.24 -6.51
CA GLU A 493 10.26 -10.85 -6.14
C GLU A 493 10.99 -9.97 -5.13
N PRO A 494 11.89 -10.55 -4.32
CA PRO A 494 12.59 -9.75 -3.31
C PRO A 494 13.27 -8.53 -3.91
N CYS A 495 12.79 -7.35 -3.53
CA CYS A 495 13.23 -6.09 -4.10
C CYS A 495 14.36 -5.44 -3.30
N GLU A 496 14.75 -6.03 -2.18
CA GLU A 496 15.82 -5.44 -1.38
C GLU A 496 17.18 -5.83 -1.95
N LYS A 497 17.38 -5.58 -3.24
CA LYS A 497 18.63 -5.89 -3.92
C LYS A 497 19.47 -4.62 -3.97
N GLY A 498 20.65 -4.66 -3.37
CA GLY A 498 21.52 -3.51 -3.36
C GLY A 498 20.86 -2.30 -2.74
N GLN A 499 20.50 -1.34 -3.59
CA GLN A 499 19.96 -0.06 -3.17
C GLN A 499 18.49 0.12 -3.51
N ILE A 500 17.87 -0.84 -4.18
CA ILE A 500 16.51 -0.63 -4.67
C ILE A 500 15.55 -0.61 -3.49
N LYS A 501 14.59 0.30 -3.55
CA LYS A 501 13.64 0.55 -2.47
C LYS A 501 12.49 -0.44 -2.54
N VAL A 502 11.50 -0.27 -1.68
CA VAL A 502 10.26 -1.03 -1.70
C VAL A 502 9.11 -0.06 -1.51
N ILE A 503 8.16 -0.06 -2.44
CA ILE A 503 7.04 0.88 -2.42
C ILE A 503 5.75 0.11 -2.66
N ARG A 504 4.73 0.41 -1.85
CA ARG A 504 3.44 -0.26 -1.95
C ARG A 504 2.44 0.63 -2.68
N LYS A 505 1.57 0.01 -3.45
CA LYS A 505 0.54 0.71 -4.22
C LYS A 505 -0.81 0.53 -3.57
N GLY A 506 -1.87 0.95 -4.27
CA GLY A 506 -3.22 0.88 -3.74
C GLY A 506 -3.81 -0.51 -3.74
N GLU A 507 -3.24 -1.40 -2.94
CA GLU A 507 -3.74 -2.76 -2.79
C GLU A 507 -3.14 -3.32 -1.51
N VAL A 508 -3.24 -4.64 -1.32
CA VAL A 508 -2.60 -5.28 -0.19
C VAL A 508 -1.10 -4.99 -0.23
N SER A 509 -0.53 -4.79 0.96
CA SER A 509 0.89 -4.44 1.06
C SER A 509 1.73 -5.64 0.70
N CYS A 510 1.63 -6.08 -0.52
CA CYS A 510 2.20 -7.38 -0.86
C CYS A 510 3.00 -7.35 -2.14
N CYS A 511 2.59 -6.54 -3.12
CA CYS A 511 3.25 -6.44 -4.41
C CYS A 511 3.97 -5.11 -4.46
N TRP A 512 5.20 -5.09 -3.97
CA TRP A 512 5.99 -3.88 -4.00
C TRP A 512 6.60 -3.67 -5.37
N THR A 513 6.81 -2.41 -5.72
CA THR A 513 7.46 -2.05 -6.97
C THR A 513 8.91 -1.69 -6.69
N CYS A 514 9.78 -2.07 -7.63
CA CYS A 514 11.22 -1.91 -7.45
C CYS A 514 11.65 -0.55 -7.98
N THR A 515 12.05 0.35 -7.09
CA THR A 515 12.62 1.63 -7.46
C THR A 515 13.89 1.86 -6.66
N PRO A 516 14.99 2.28 -7.27
CA PRO A 516 16.18 2.65 -6.52
C PRO A 516 16.22 4.14 -6.24
N CYS A 517 16.83 4.50 -5.11
CA CYS A 517 17.11 5.90 -4.82
C CYS A 517 18.58 6.18 -5.03
N LYS A 518 18.88 7.46 -5.26
CA LYS A 518 20.15 7.88 -5.83
C LYS A 518 21.32 7.48 -4.92
N GLU A 519 22.52 7.47 -5.52
CA GLU A 519 23.72 7.07 -4.80
C GLU A 519 24.06 8.02 -3.66
N ASN A 520 23.53 9.24 -3.69
CA ASN A 520 23.74 10.14 -2.57
C ASN A 520 23.09 9.62 -1.29
N GLU A 521 21.90 9.05 -1.42
CA GLU A 521 21.16 8.53 -0.29
C GLU A 521 21.36 7.02 -0.16
N TYR A 522 21.04 6.51 1.02
CA TYR A 522 21.19 5.09 1.32
C TYR A 522 19.87 4.55 1.86
N VAL A 523 19.69 3.24 1.70
CA VAL A 523 18.44 2.59 2.08
C VAL A 523 18.43 2.47 3.61
N PHE A 524 17.82 3.46 4.27
CA PHE A 524 17.72 3.41 5.72
C PHE A 524 16.58 2.50 6.15
N ASP A 525 15.41 2.69 5.55
CA ASP A 525 14.27 1.80 5.74
C ASP A 525 13.69 1.46 4.39
N GLU A 526 13.09 0.28 4.29
CA GLU A 526 12.62 -0.21 3.00
C GLU A 526 11.57 0.71 2.40
N TYR A 527 10.96 1.57 3.21
CA TYR A 527 9.96 2.52 2.75
C TYR A 527 10.42 3.96 2.88
N THR A 528 11.59 4.20 3.48
CA THR A 528 12.20 5.53 3.46
C THR A 528 13.71 5.38 3.44
N CYS A 529 14.33 5.84 2.36
CA CYS A 529 15.80 5.85 2.23
C CYS A 529 16.24 7.31 2.32
N LYS A 530 16.95 7.64 3.39
CA LYS A 530 17.37 9.01 3.65
C LYS A 530 18.76 9.25 3.07
N ALA A 531 19.11 10.53 2.96
CA ALA A 531 20.31 10.96 2.28
C ALA A 531 21.40 11.34 3.28
N CYS A 532 22.64 11.00 2.94
CA CYS A 532 23.77 11.52 3.69
C CYS A 532 23.76 13.03 3.64
N GLN A 533 23.95 13.67 4.80
CA GLN A 533 23.58 15.06 4.94
C GLN A 533 24.36 16.00 4.02
N LEU A 534 25.65 16.19 4.24
CA LEU A 534 26.39 17.03 3.32
C LEU A 534 27.72 16.40 2.91
N GLY A 535 28.42 15.77 3.84
CA GLY A 535 29.77 15.31 3.59
C GLY A 535 29.97 13.86 3.98
N SER A 536 28.96 13.04 3.71
CA SER A 536 29.01 11.62 4.01
C SER A 536 28.60 10.84 2.77
N TRP A 537 28.96 9.56 2.77
CA TRP A 537 28.68 8.69 1.64
C TRP A 537 28.16 7.35 2.13
N PRO A 538 27.24 6.72 1.41
CA PRO A 538 26.77 5.39 1.80
C PRO A 538 27.87 4.35 1.62
N THR A 539 27.79 3.30 2.43
CA THR A 539 28.72 2.18 2.34
C THR A 539 28.34 1.30 1.14
N ASP A 540 28.97 0.13 1.04
CA ASP A 540 28.61 -0.79 -0.03
C ASP A 540 27.20 -1.33 0.14
N ASP A 541 26.79 -1.61 1.38
CA ASP A 541 25.45 -2.10 1.65
C ASP A 541 24.41 -0.99 1.66
N LEU A 542 24.86 0.27 1.59
CA LEU A 542 23.97 1.42 1.65
C LEU A 542 23.15 1.42 2.94
N THR A 543 23.79 1.01 4.04
CA THR A 543 23.19 1.05 5.37
C THR A 543 24.20 1.73 6.28
N GLY A 544 24.15 3.05 6.34
CA GLY A 544 25.08 3.81 7.16
C GLY A 544 26.04 4.64 6.34
N CYS A 545 25.92 5.96 6.46
CA CYS A 545 26.81 6.86 5.73
C CYS A 545 28.23 6.73 6.26
N ASP A 546 29.19 6.74 5.34
CA ASP A 546 30.58 6.43 5.65
C ASP A 546 31.41 7.66 6.03
N LEU A 547 30.87 8.87 5.90
CA LEU A 547 31.61 10.10 6.22
C LEU A 547 32.89 10.18 5.39
N ILE A 548 32.68 10.38 4.09
CA ILE A 548 33.72 10.38 3.07
C ILE A 548 34.98 11.09 3.54
N PRO A 549 36.14 10.44 3.45
CA PRO A 549 37.39 11.09 3.89
C PRO A 549 37.76 12.26 3.01
N VAL A 550 38.44 13.23 3.59
CA VAL A 550 38.88 14.42 2.89
C VAL A 550 40.20 14.13 2.20
N GLN A 551 40.54 14.95 1.21
CA GLN A 551 41.78 14.83 0.48
C GLN A 551 42.65 16.06 0.71
N TYR A 552 43.94 15.83 0.88
CA TYR A 552 44.89 16.90 1.16
C TYR A 552 45.51 17.41 -0.15
N LEU A 553 46.60 18.16 -0.04
CA LEU A 553 47.22 18.80 -1.19
C LEU A 553 47.91 17.82 -2.14
N ARG A 554 47.94 16.53 -1.81
CA ARG A 554 48.51 15.50 -2.68
C ARG A 554 49.99 15.79 -2.98
N TRP A 555 50.79 15.72 -1.91
CA TRP A 555 52.22 15.99 -2.03
C TRP A 555 52.88 15.10 -3.07
N GLY A 556 52.41 13.88 -3.24
CA GLY A 556 52.89 13.03 -4.32
C GLY A 556 52.03 13.16 -5.55
N ASP A 557 52.45 14.00 -6.49
CA ASP A 557 51.74 14.27 -7.74
C ASP A 557 52.66 15.10 -8.63
N PRO A 558 52.60 14.91 -9.95
CA PRO A 558 53.56 15.62 -10.84
C PRO A 558 53.53 17.13 -10.69
N GLU A 559 52.36 17.75 -10.57
CA GLU A 559 52.32 19.20 -10.39
C GLU A 559 52.95 19.61 -9.06
N PRO A 560 52.64 18.98 -7.92
CA PRO A 560 53.41 19.27 -6.70
C PRO A 560 54.89 19.02 -6.85
N ILE A 561 55.30 17.97 -7.57
CA ILE A 561 56.72 17.70 -7.76
C ILE A 561 57.38 18.86 -8.50
N ALA A 562 56.72 19.36 -9.55
CA ALA A 562 57.24 20.50 -10.28
C ALA A 562 57.31 21.74 -9.40
N ALA A 563 56.27 21.94 -8.57
CA ALA A 563 56.28 23.10 -7.68
C ALA A 563 57.43 23.05 -6.70
N VAL A 564 57.64 21.90 -6.07
CA VAL A 564 58.70 21.78 -5.08
C VAL A 564 60.07 21.91 -5.74
N VAL A 565 60.23 21.34 -6.93
CA VAL A 565 61.51 21.44 -7.64
C VAL A 565 61.80 22.88 -8.01
N PHE A 566 60.79 23.60 -8.51
CA PHE A 566 60.98 25.01 -8.84
C PHE A 566 61.32 25.83 -7.60
N ALA A 567 60.62 25.59 -6.49
CA ALA A 567 60.91 26.32 -5.26
C ALA A 567 62.33 26.03 -4.78
N CYS A 568 62.75 24.77 -4.83
CA CYS A 568 64.09 24.39 -4.39
C CYS A 568 65.15 25.05 -5.26
N LEU A 569 64.95 25.04 -6.57
CA LEU A 569 65.93 25.67 -7.47
C LEU A 569 66.01 27.17 -7.24
N GLY A 570 64.85 27.82 -7.05
CA GLY A 570 64.87 29.23 -6.74
C GLY A 570 65.58 29.52 -5.43
N LEU A 571 65.34 28.67 -4.42
CA LEU A 571 66.02 28.84 -3.14
C LEU A 571 67.53 28.68 -3.29
N LEU A 572 67.96 27.69 -4.07
CA LEU A 572 69.39 27.49 -4.29
C LEU A 572 70.02 28.67 -5.00
N ALA A 573 69.35 29.19 -6.03
CA ALA A 573 69.88 30.35 -6.73
C ALA A 573 69.95 31.56 -5.81
N THR A 574 68.91 31.77 -4.99
CA THR A 574 68.91 32.91 -4.08
C THR A 574 70.02 32.79 -3.03
N LEU A 575 70.23 31.59 -2.50
CA LEU A 575 71.27 31.44 -1.50
C LEU A 575 72.65 31.60 -2.12
N PHE A 576 72.83 31.16 -3.38
CA PHE A 576 74.09 31.40 -4.06
C PHE A 576 74.32 32.89 -4.28
N VAL A 577 73.27 33.62 -4.67
CA VAL A 577 73.42 35.06 -4.88
C VAL A 577 73.74 35.75 -3.55
N THR A 578 73.08 35.33 -2.47
CA THR A 578 73.38 35.93 -1.17
C THR A 578 74.81 35.63 -0.73
N VAL A 579 75.30 34.42 -1.01
CA VAL A 579 76.68 34.08 -0.69
C VAL A 579 77.64 34.97 -1.48
N VAL A 580 77.34 35.17 -2.77
CA VAL A 580 78.17 36.04 -3.60
C VAL A 580 78.17 37.45 -3.03
N PHE A 581 77.00 37.95 -2.63
CA PHE A 581 76.93 39.29 -2.06
C PHE A 581 77.73 39.40 -0.78
N ILE A 582 77.64 38.40 0.09
CA ILE A 582 78.37 38.44 1.35
C ILE A 582 79.87 38.43 1.11
N ILE A 583 80.33 37.59 0.17
CA ILE A 583 81.76 37.56 -0.15
C ILE A 583 82.20 38.90 -0.74
N TYR A 584 81.45 39.42 -1.71
CA TYR A 584 81.73 40.72 -2.31
C TYR A 584 80.94 41.81 -1.60
N ARG A 585 81.24 41.96 -0.30
CA ARG A 585 80.45 42.85 0.55
C ARG A 585 80.58 44.31 0.10
N ASP A 586 81.78 44.74 -0.26
CA ASP A 586 82.04 46.15 -0.52
C ASP A 586 82.87 46.33 -1.78
N THR A 587 82.64 45.48 -2.78
CA THR A 587 83.35 45.62 -4.03
C THR A 587 82.92 46.89 -4.75
N PRO A 588 83.84 47.55 -5.47
CA PRO A 588 83.52 48.85 -6.07
C PRO A 588 82.37 48.79 -7.06
N VAL A 589 82.15 47.65 -7.71
CA VAL A 589 81.09 47.57 -8.71
C VAL A 589 79.73 47.78 -8.08
N VAL A 590 79.44 47.06 -7.00
CA VAL A 590 78.17 47.21 -6.28
C VAL A 590 78.43 48.25 -5.19
N LYS A 591 78.36 49.52 -5.57
CA LYS A 591 78.53 50.60 -4.61
C LYS A 591 77.45 51.65 -4.79
N SER A 592 76.94 51.78 -6.02
CA SER A 592 75.85 52.71 -6.26
C SER A 592 74.60 52.31 -5.51
N SER A 593 74.28 51.01 -5.50
CA SER A 593 73.15 50.51 -4.74
C SER A 593 73.51 50.41 -3.26
N SER A 594 72.49 50.58 -2.42
CA SER A 594 72.70 50.42 -0.99
C SER A 594 73.03 48.97 -0.67
N ARG A 595 74.01 48.78 0.22
CA ARG A 595 74.41 47.42 0.58
C ARG A 595 73.22 46.62 1.12
N GLU A 596 72.53 47.18 2.11
CA GLU A 596 71.38 46.47 2.68
C GLU A 596 70.28 46.28 1.66
N LEU A 597 69.97 47.31 0.88
CA LEU A 597 68.78 47.30 0.04
C LEU A 597 68.75 46.08 -0.87
N CYS A 598 69.88 45.79 -1.53
CA CYS A 598 69.97 44.56 -2.31
C CYS A 598 69.77 43.34 -1.43
N TYR A 599 70.30 43.37 -0.21
CA TYR A 599 70.08 42.26 0.69
C TYR A 599 68.61 42.17 1.10
N ILE A 600 67.92 43.30 1.24
CA ILE A 600 66.50 43.24 1.59
C ILE A 600 65.67 42.65 0.47
N ILE A 601 65.94 43.04 -0.79
CA ILE A 601 65.19 42.39 -1.86
C ILE A 601 65.54 40.91 -1.95
N LEU A 602 66.81 40.57 -1.69
CA LEU A 602 67.17 39.15 -1.62
C LEU A 602 66.34 38.42 -0.59
N ALA A 603 66.19 39.02 0.59
CA ALA A 603 65.37 38.44 1.64
C ALA A 603 63.92 38.31 1.19
N GLY A 604 63.40 39.34 0.53
CA GLY A 604 62.04 39.25 0.04
C GLY A 604 61.86 38.06 -0.88
N ILE A 605 62.84 37.84 -1.76
CA ILE A 605 62.75 36.73 -2.71
C ILE A 605 62.83 35.39 -1.98
N CYS A 606 63.75 35.25 -1.02
CA CYS A 606 63.89 33.94 -0.41
C CYS A 606 62.73 33.61 0.51
N LEU A 607 62.18 34.60 1.22
CA LEU A 607 60.95 34.34 1.96
C LEU A 607 59.75 34.13 1.05
N GLY A 608 59.69 34.76 -0.12
CA GLY A 608 58.65 34.42 -1.07
C GLY A 608 58.75 32.98 -1.54
N TYR A 609 59.97 32.52 -1.81
CA TYR A 609 60.17 31.13 -2.16
C TYR A 609 59.83 30.19 -1.01
N LEU A 610 60.13 30.61 0.22
CA LEU A 610 59.75 29.81 1.39
C LEU A 610 58.24 29.71 1.52
N CYS A 611 57.54 30.82 1.31
CA CYS A 611 56.07 30.79 1.36
C CYS A 611 55.52 29.92 0.25
N THR A 612 56.16 29.93 -0.92
CA THR A 612 55.77 29.02 -2.00
C THR A 612 55.96 27.57 -1.57
N PHE A 613 57.11 27.25 -0.98
CA PHE A 613 57.41 25.88 -0.59
C PHE A 613 56.43 25.40 0.48
N CYS A 614 56.08 26.27 1.42
CA CYS A 614 55.14 25.91 2.47
C CYS A 614 53.69 25.99 2.02
N LEU A 615 53.43 26.61 0.87
CA LEU A 615 52.06 26.80 0.40
C LEU A 615 51.33 25.48 0.18
N ILE A 616 52.06 24.39 -0.07
CA ILE A 616 51.47 23.09 -0.32
C ILE A 616 51.88 22.17 0.82
N ALA A 617 50.94 21.91 1.72
CA ALA A 617 51.12 20.99 2.84
C ALA A 617 49.76 20.77 3.49
N LYS A 618 49.74 20.07 4.61
CA LYS A 618 48.51 19.87 5.35
C LYS A 618 48.17 21.15 6.10
N PRO A 619 47.05 21.80 5.81
CA PRO A 619 46.73 23.08 6.47
C PRO A 619 46.42 22.86 7.95
N LYS A 620 47.06 23.67 8.79
CA LYS A 620 46.82 23.66 10.23
C LYS A 620 47.31 24.98 10.80
N GLN A 621 46.94 25.23 12.06
CA GLN A 621 47.37 26.46 12.72
C GLN A 621 48.87 26.64 12.67
N ILE A 622 49.62 25.53 12.68
CA ILE A 622 51.08 25.60 12.62
C ILE A 622 51.59 25.79 11.21
N TYR A 623 50.71 25.71 10.20
CA TYR A 623 51.12 25.90 8.82
C TYR A 623 50.47 27.11 8.16
N CYS A 624 49.13 27.18 8.13
CA CYS A 624 48.48 28.23 7.35
C CYS A 624 48.67 29.61 7.98
N TYR A 625 48.94 29.67 9.27
CA TYR A 625 49.35 30.93 9.90
C TYR A 625 50.51 31.57 9.13
N LEU A 626 51.65 30.88 9.13
CA LEU A 626 52.82 31.42 8.46
C LEU A 626 52.63 31.45 6.95
N GLN A 627 51.80 30.55 6.42
CA GLN A 627 51.42 30.59 5.02
C GLN A 627 50.90 31.98 4.64
N ARG A 628 49.84 32.41 5.33
CA ARG A 628 49.21 33.68 5.02
C ARG A 628 50.14 34.84 5.32
N ILE A 629 50.90 34.77 6.42
CA ILE A 629 51.78 35.91 6.71
C ILE A 629 52.86 36.04 5.64
N GLY A 630 53.39 34.92 5.15
CA GLY A 630 54.41 34.97 4.11
C GLY A 630 53.88 35.52 2.80
N ILE A 631 52.72 35.03 2.37
CA ILE A 631 52.17 35.51 1.10
C ILE A 631 51.80 36.98 1.23
N GLY A 632 51.32 37.41 2.39
CA GLY A 632 50.98 38.81 2.58
C GLY A 632 52.20 39.71 2.61
N LEU A 633 53.29 39.26 3.24
CA LEU A 633 54.41 40.15 3.50
C LEU A 633 55.43 40.16 2.37
N SER A 634 55.54 39.06 1.62
CA SER A 634 56.53 39.02 0.54
C SER A 634 56.34 40.13 -0.50
N PRO A 635 55.15 40.39 -1.04
CA PRO A 635 55.05 41.39 -2.11
C PRO A 635 55.30 42.81 -1.67
N ALA A 636 55.39 43.07 -0.36
CA ALA A 636 55.62 44.42 0.12
C ALA A 636 57.08 44.72 0.39
N MET A 637 57.81 43.81 1.03
CA MET A 637 59.19 44.11 1.42
C MET A 637 60.11 44.20 0.21
N SER A 638 60.04 43.22 -0.69
CA SER A 638 60.88 43.26 -1.88
C SER A 638 60.54 44.46 -2.75
N TYR A 639 59.25 44.71 -2.93
CA TYR A 639 58.83 45.77 -3.83
C TYR A 639 59.15 47.14 -3.24
N SER A 640 59.02 47.29 -1.92
CA SER A 640 59.38 48.53 -1.27
C SER A 640 60.88 48.80 -1.37
N ALA A 641 61.69 47.76 -1.17
CA ALA A 641 63.13 47.94 -1.34
C ALA A 641 63.47 48.31 -2.78
N LEU A 642 62.76 47.71 -3.74
CA LEU A 642 63.00 48.02 -5.15
C LEU A 642 62.66 49.48 -5.47
N VAL A 643 61.51 49.94 -5.00
CA VAL A 643 61.14 51.33 -5.27
C VAL A 643 62.08 52.28 -4.54
N THR A 644 62.57 51.89 -3.36
CA THR A 644 63.55 52.72 -2.67
C THR A 644 64.85 52.80 -3.47
N LYS A 645 65.27 51.69 -4.07
CA LYS A 645 66.45 51.73 -4.93
C LYS A 645 66.23 52.67 -6.10
N THR A 646 65.05 52.60 -6.72
CA THR A 646 64.77 53.51 -7.84
C THR A 646 64.78 54.96 -7.39
N ASN A 647 64.23 55.25 -6.22
CA ASN A 647 64.21 56.61 -5.71
C ASN A 647 65.63 57.11 -5.41
N ARG A 648 66.45 56.28 -4.78
CA ARG A 648 67.81 56.68 -4.45
C ARG A 648 68.62 56.95 -5.71
N ILE A 649 68.50 56.08 -6.71
CA ILE A 649 69.22 56.33 -7.95
C ILE A 649 68.62 57.47 -8.74
N ALA A 650 67.38 57.84 -8.45
CA ALA A 650 66.74 58.96 -9.11
C ALA A 650 67.24 60.29 -8.54
N SER A 669 72.77 56.76 1.67
CA SER A 669 73.49 55.79 2.47
C SER A 669 73.20 56.00 3.96
N ALA A 670 72.62 54.99 4.60
CA ALA A 670 72.24 55.05 6.01
C ALA A 670 71.34 56.26 6.25
N CYS A 671 70.17 56.23 5.63
CA CYS A 671 69.29 57.38 5.58
C CYS A 671 67.85 56.88 5.61
N ALA A 672 66.91 57.76 5.21
CA ALA A 672 65.48 57.47 5.33
C ALA A 672 65.04 56.25 4.54
N GLN A 673 65.93 55.62 3.77
CA GLN A 673 65.57 54.42 3.03
C GLN A 673 65.14 53.30 3.97
N LEU A 674 65.95 53.04 5.00
CA LEU A 674 65.64 51.96 5.93
C LEU A 674 64.32 52.24 6.64
N VAL A 675 64.11 53.48 7.09
CA VAL A 675 62.92 53.78 7.86
C VAL A 675 61.67 53.75 6.98
N ILE A 676 61.78 54.16 5.71
CA ILE A 676 60.61 54.10 4.84
C ILE A 676 60.25 52.66 4.52
N ALA A 677 61.26 51.81 4.28
CA ALA A 677 60.98 50.39 4.12
C ALA A 677 60.35 49.82 5.38
N PHE A 678 60.85 50.21 6.54
CA PHE A 678 60.36 49.70 7.80
C PHE A 678 58.90 50.10 8.03
N ILE A 679 58.55 51.35 7.75
CA ILE A 679 57.18 51.79 7.98
C ILE A 679 56.23 51.16 6.97
N LEU A 680 56.68 50.98 5.73
CA LEU A 680 55.86 50.28 4.74
C LEU A 680 55.56 48.86 5.22
N ILE A 681 56.58 48.17 5.73
CA ILE A 681 56.38 46.83 6.26
C ILE A 681 55.46 46.87 7.47
N CYS A 682 55.61 47.88 8.33
CA CYS A 682 54.76 47.98 9.51
C CYS A 682 53.29 48.11 9.13
N ILE A 683 52.98 48.97 8.15
CA ILE A 683 51.58 49.18 7.79
C ILE A 683 51.03 47.96 7.06
N GLN A 684 51.82 47.33 6.18
CA GLN A 684 51.34 46.13 5.51
C GLN A 684 51.08 45.02 6.52
N LEU A 685 52.00 44.81 7.47
CA LEU A 685 51.82 43.79 8.48
C LEU A 685 50.68 44.13 9.42
N GLY A 686 50.43 45.42 9.65
CA GLY A 686 49.26 45.79 10.43
C GLY A 686 47.98 45.41 9.73
N ILE A 687 47.93 45.62 8.42
CA ILE A 687 46.77 45.16 7.64
C ILE A 687 46.63 43.65 7.76
N ILE A 688 47.76 42.93 7.65
CA ILE A 688 47.71 41.46 7.74
C ILE A 688 47.20 41.02 9.11
N VAL A 689 47.69 41.66 10.17
CA VAL A 689 47.30 41.27 11.53
C VAL A 689 45.84 41.62 11.79
N ALA A 690 45.37 42.75 11.25
CA ALA A 690 43.96 43.09 11.36
C ALA A 690 43.10 42.06 10.66
N LEU A 691 43.54 41.60 9.48
CA LEU A 691 42.83 40.52 8.81
C LEU A 691 42.83 39.26 9.66
N PHE A 692 43.97 38.92 10.26
CA PHE A 692 44.06 37.71 11.07
C PHE A 692 43.13 37.78 12.27
N ILE A 693 43.04 38.96 12.90
CA ILE A 693 42.08 39.15 13.98
C ILE A 693 40.67 38.98 13.45
N MET A 694 40.38 39.55 12.29
CA MET A 694 39.07 39.39 11.66
C MET A 694 38.89 38.04 10.99
N GLU A 695 39.96 37.25 10.87
CA GLU A 695 39.87 35.92 10.27
C GLU A 695 40.88 35.00 10.93
N PRO A 696 40.52 34.40 12.06
CA PRO A 696 41.46 33.53 12.76
C PRO A 696 41.76 32.29 11.94
N PRO A 697 42.95 31.72 12.08
CA PRO A 697 43.31 30.54 11.28
C PRO A 697 42.54 29.31 11.72
N ASP A 698 41.92 28.64 10.75
CA ASP A 698 41.27 27.36 10.94
C ASP A 698 40.98 26.74 9.58
N ILE A 699 40.70 25.45 9.57
CA ILE A 699 40.52 24.70 8.33
C ILE A 699 39.04 24.35 8.18
N MET A 700 38.47 24.71 7.03
CA MET A 700 37.10 24.36 6.68
C MET A 700 37.13 23.29 5.59
N HIS A 701 36.34 22.23 5.78
CA HIS A 701 36.23 21.17 4.78
C HIS A 701 35.17 21.59 3.77
N ASP A 702 35.59 22.38 2.79
CA ASP A 702 34.66 22.91 1.80
C ASP A 702 34.06 21.79 0.98
N TYR A 703 32.85 22.03 0.48
CA TYR A 703 32.10 21.03 -0.29
C TYR A 703 31.76 21.60 -1.65
N PRO A 704 32.67 21.48 -2.63
CA PRO A 704 32.30 21.89 -4.00
C PRO A 704 31.14 21.11 -4.53
N SER A 705 31.05 19.82 -4.19
CA SER A 705 29.94 18.98 -4.56
C SER A 705 29.82 17.89 -3.49
N ILE A 706 28.64 17.29 -3.42
CA ILE A 706 28.44 16.21 -2.44
C ILE A 706 29.32 15.02 -2.73
N ARG A 707 29.81 14.87 -3.96
CA ARG A 707 30.65 13.73 -4.31
C ARG A 707 31.96 13.75 -3.55
N GLU A 708 32.61 14.92 -3.44
CA GLU A 708 33.97 15.01 -2.95
C GLU A 708 34.10 16.20 -2.01
N VAL A 709 35.08 16.11 -1.12
CA VAL A 709 35.32 17.16 -0.13
C VAL A 709 36.82 17.44 -0.06
N TYR A 710 37.17 18.72 0.07
CA TYR A 710 38.54 19.15 0.26
C TYR A 710 38.64 19.95 1.56
N LEU A 711 39.86 20.04 2.07
CA LEU A 711 40.14 20.85 3.25
C LEU A 711 41.02 22.03 2.88
N ILE A 712 40.72 23.18 3.45
CA ILE A 712 41.49 24.40 3.23
C ILE A 712 41.46 25.22 4.50
N CYS A 713 42.58 25.87 4.82
CA CYS A 713 42.58 26.75 5.98
C CYS A 713 41.76 28.00 5.69
N ASN A 714 41.56 28.81 6.73
CA ASN A 714 40.66 29.95 6.63
C ASN A 714 41.10 30.90 5.51
N THR A 715 40.12 31.34 4.73
CA THR A 715 40.40 32.19 3.58
C THR A 715 39.10 32.84 3.13
N THR A 716 39.12 34.16 2.96
CA THR A 716 37.98 34.92 2.48
C THR A 716 38.42 35.79 1.30
N ASN A 717 37.44 36.43 0.67
CA ASN A 717 37.74 37.34 -0.42
C ASN A 717 38.60 38.50 0.06
N LEU A 718 38.27 39.07 1.22
CA LEU A 718 39.06 40.17 1.76
C LEU A 718 40.50 39.75 2.02
N GLY A 719 40.68 38.54 2.58
CA GLY A 719 42.02 38.07 2.89
C GLY A 719 42.90 37.88 1.69
N VAL A 720 42.32 37.86 0.48
CA VAL A 720 43.10 37.72 -0.74
C VAL A 720 43.05 38.95 -1.62
N VAL A 721 42.20 39.93 -1.32
CA VAL A 721 42.17 41.16 -2.09
C VAL A 721 42.83 42.33 -1.36
N ALA A 722 42.87 42.32 -0.03
CA ALA A 722 43.54 43.42 0.67
C ALA A 722 45.03 43.50 0.35
N PRO A 723 45.82 42.43 0.51
CA PRO A 723 47.18 42.48 -0.01
C PRO A 723 47.22 42.72 -1.50
N LEU A 724 46.23 42.17 -2.23
CA LEU A 724 46.18 42.38 -3.68
C LEU A 724 46.04 43.86 -4.00
N GLY A 725 45.10 44.54 -3.36
CA GLY A 725 44.92 45.96 -3.63
C GLY A 725 46.11 46.80 -3.22
N TYR A 726 46.66 46.53 -2.04
CA TYR A 726 47.83 47.28 -1.57
C TYR A 726 48.97 47.12 -2.55
N ASN A 727 49.32 45.88 -2.87
CA ASN A 727 50.40 45.64 -3.80
C ASN A 727 50.10 46.23 -5.17
N GLY A 728 48.85 46.17 -5.63
CA GLY A 728 48.52 46.71 -6.95
C GLY A 728 48.74 48.20 -7.06
N LEU A 729 48.32 48.94 -6.03
CA LEU A 729 48.71 50.35 -5.96
C LEU A 729 50.22 50.50 -6.02
N LEU A 730 50.94 49.62 -5.32
CA LEU A 730 52.39 49.68 -5.38
C LEU A 730 52.90 49.46 -6.81
N ILE A 731 52.39 48.45 -7.53
CA ILE A 731 52.93 48.19 -8.86
C ILE A 731 52.61 49.35 -9.79
N LEU A 732 51.42 49.92 -9.67
CA LEU A 732 51.10 51.07 -10.51
C LEU A 732 52.12 52.20 -10.30
N ALA A 733 52.33 52.59 -9.04
CA ALA A 733 53.23 53.71 -8.78
C ALA A 733 54.67 53.36 -9.19
N CYS A 734 55.14 52.18 -8.81
CA CYS A 734 56.52 51.83 -9.08
C CYS A 734 56.78 51.54 -10.55
N THR A 735 55.77 51.06 -11.28
CA THR A 735 55.93 50.89 -12.72
C THR A 735 56.01 52.24 -13.41
N PHE A 736 55.23 53.22 -12.92
CA PHE A 736 55.43 54.57 -13.43
C PHE A 736 56.85 55.04 -13.15
N TYR A 737 57.36 54.75 -11.96
CA TYR A 737 58.74 55.09 -11.62
C TYR A 737 59.73 54.43 -12.59
N ALA A 738 59.55 53.14 -12.85
CA ALA A 738 60.49 52.40 -13.68
C ALA A 738 60.44 52.89 -15.12
N PHE A 739 59.25 53.20 -15.63
CA PHE A 739 59.15 53.80 -16.95
C PHE A 739 59.86 55.15 -16.99
N LYS A 740 59.76 55.91 -15.91
CA LYS A 740 60.54 57.15 -15.82
C LYS A 740 62.03 56.87 -15.89
N THR A 741 62.48 55.79 -15.25
CA THR A 741 63.91 55.46 -15.25
C THR A 741 64.41 55.14 -16.65
N ARG A 742 63.61 54.39 -17.44
CA ARG A 742 63.97 53.89 -18.76
C ARG A 742 65.45 53.56 -18.88
N ASN A 743 66.17 54.27 -19.74
CA ASN A 743 67.60 54.07 -19.94
C ASN A 743 68.34 55.29 -19.38
N VAL A 744 68.98 55.11 -18.23
CA VAL A 744 69.72 56.17 -17.56
C VAL A 744 71.06 55.60 -17.08
N PRO A 745 72.15 56.38 -17.13
CA PRO A 745 73.42 55.89 -16.61
C PRO A 745 73.31 55.45 -15.16
N ALA A 746 73.79 54.24 -14.89
CA ALA A 746 73.70 53.62 -13.58
C ALA A 746 74.90 52.70 -13.42
N ASN A 747 74.82 51.75 -12.48
CA ASN A 747 75.88 50.77 -12.35
C ASN A 747 75.82 49.82 -13.52
N PHE A 748 76.61 50.13 -14.57
CA PHE A 748 76.61 49.38 -15.82
C PHE A 748 75.22 49.35 -16.45
N ASN A 749 74.50 50.47 -16.33
CA ASN A 749 73.23 50.69 -17.01
C ASN A 749 72.20 49.60 -16.68
N GLU A 750 71.83 49.56 -15.40
CA GLU A 750 70.83 48.63 -14.90
C GLU A 750 69.40 49.13 -15.03
N ALA A 751 69.22 50.41 -15.35
CA ALA A 751 67.88 50.99 -15.35
C ALA A 751 66.99 50.34 -16.41
N LYS A 752 67.55 50.05 -17.58
CA LYS A 752 66.76 49.40 -18.62
C LYS A 752 66.33 48.00 -18.20
N TYR A 753 67.24 47.24 -17.59
CA TYR A 753 66.88 45.93 -17.08
C TYR A 753 65.76 46.03 -16.06
N ILE A 754 65.86 47.00 -15.14
CA ILE A 754 64.85 47.14 -14.10
C ILE A 754 63.50 47.51 -14.71
N ALA A 755 63.50 48.46 -15.64
CA ALA A 755 62.25 48.89 -16.25
C ALA A 755 61.58 47.74 -16.99
N PHE A 756 62.36 46.97 -17.76
CA PHE A 756 61.80 45.84 -18.48
C PHE A 756 61.23 44.80 -17.53
N ALA A 757 62.01 44.43 -16.50
CA ALA A 757 61.57 43.40 -15.58
C ALA A 757 60.32 43.83 -14.84
N MET A 758 60.25 45.11 -14.44
CA MET A 758 59.07 45.56 -13.72
C MET A 758 57.86 45.72 -14.64
N TYR A 759 58.09 45.96 -15.93
CA TYR A 759 57.01 45.87 -16.90
C TYR A 759 56.44 44.46 -16.94
N THR A 760 57.32 43.45 -16.98
CA THR A 760 56.83 42.08 -16.91
C THR A 760 56.10 41.82 -15.60
N THR A 761 56.59 42.42 -14.51
CA THR A 761 55.94 42.24 -13.21
C THR A 761 54.52 42.79 -13.22
N CYS A 762 54.35 44.00 -13.75
CA CYS A 762 53.00 44.58 -13.80
C CYS A 762 52.10 43.74 -14.70
N ILE A 763 52.64 43.27 -15.83
CA ILE A 763 51.79 42.50 -16.74
C ILE A 763 51.39 41.17 -16.12
N ILE A 764 52.29 40.50 -15.40
CA ILE A 764 51.94 39.23 -14.80
C ILE A 764 50.97 39.43 -13.65
N TRP A 765 51.14 40.51 -12.88
CA TRP A 765 50.18 40.80 -11.83
C TRP A 765 48.80 41.02 -12.40
N LEU A 766 48.71 41.78 -13.50
CA LEU A 766 47.42 41.95 -14.17
C LEU A 766 46.94 40.67 -14.82
N ALA A 767 47.83 39.70 -15.04
CA ALA A 767 47.49 38.55 -15.87
C ALA A 767 46.69 37.50 -15.11
N PHE A 768 47.25 36.96 -14.04
CA PHE A 768 46.69 35.75 -13.43
C PHE A 768 45.70 36.02 -12.32
N VAL A 769 45.34 37.28 -12.07
CA VAL A 769 44.33 37.57 -11.06
C VAL A 769 42.99 36.92 -11.40
N PRO A 770 42.45 37.05 -12.62
CA PRO A 770 41.26 36.26 -12.96
C PRO A 770 41.52 34.76 -12.95
N ILE A 771 42.76 34.33 -13.15
CA ILE A 771 43.07 32.90 -13.05
C ILE A 771 42.73 32.39 -11.65
N TYR A 772 43.21 33.10 -10.62
CA TYR A 772 42.85 32.72 -9.26
C TYR A 772 41.37 32.91 -9.01
N PHE A 773 40.80 34.02 -9.50
CA PHE A 773 39.38 34.26 -9.31
C PHE A 773 38.53 33.28 -10.12
N GLY A 774 39.06 32.75 -11.21
CA GLY A 774 38.29 31.86 -12.05
C GLY A 774 38.48 30.39 -11.73
N SER A 775 39.73 29.95 -11.67
CA SER A 775 40.02 28.53 -11.50
C SER A 775 39.61 28.04 -10.13
N ASN A 776 39.27 26.76 -10.05
CA ASN A 776 38.92 26.17 -8.76
C ASN A 776 40.16 25.96 -7.89
N TYR A 777 41.27 25.56 -8.49
CA TYR A 777 42.50 25.34 -7.75
C TYR A 777 43.09 26.68 -7.32
N LYS A 778 43.55 26.74 -6.07
CA LYS A 778 44.13 27.96 -5.51
C LYS A 778 45.56 27.76 -5.05
N ALA A 779 45.84 26.69 -4.31
CA ALA A 779 47.15 26.50 -3.70
C ALA A 779 48.24 26.34 -4.76
N ILE A 780 48.02 25.42 -5.71
CA ILE A 780 49.07 25.10 -6.66
C ILE A 780 49.31 26.27 -7.63
N THR A 781 48.23 26.92 -8.07
CA THR A 781 48.40 28.06 -8.95
C THR A 781 49.10 29.20 -8.24
N MET A 782 48.75 29.44 -6.97
CA MET A 782 49.46 30.45 -6.20
C MET A 782 50.94 30.10 -6.09
N CYS A 783 51.24 28.83 -5.80
CA CYS A 783 52.62 28.37 -5.75
C CYS A 783 53.38 28.75 -7.02
N PHE A 784 52.92 28.22 -8.16
CA PHE A 784 53.64 28.43 -9.40
C PHE A 784 53.75 29.91 -9.73
N SER A 785 52.66 30.66 -9.59
CA SER A 785 52.67 32.06 -9.96
C SER A 785 53.66 32.85 -9.12
N VAL A 786 53.60 32.68 -7.79
CA VAL A 786 54.50 33.46 -6.95
C VAL A 786 55.95 33.05 -7.18
N SER A 787 56.19 31.75 -7.38
CA SER A 787 57.56 31.30 -7.59
C SER A 787 58.16 31.91 -8.85
N LEU A 788 57.43 31.83 -9.97
CA LEU A 788 58.00 32.34 -11.21
C LEU A 788 58.02 33.87 -11.23
N SER A 789 57.08 34.52 -10.52
CA SER A 789 57.12 35.98 -10.45
C SER A 789 58.31 36.46 -9.63
N ALA A 790 58.65 35.75 -8.57
CA ALA A 790 59.90 36.05 -7.87
C ALA A 790 61.10 35.77 -8.75
N THR A 791 61.05 34.68 -9.52
CA THR A 791 62.11 34.38 -10.48
C THR A 791 62.33 35.55 -11.42
N VAL A 792 61.25 36.23 -11.80
CA VAL A 792 61.37 37.40 -12.66
C VAL A 792 62.29 38.44 -12.03
N LEU A 793 62.19 38.62 -10.72
CA LEU A 793 63.05 39.57 -10.02
C LEU A 793 64.30 38.92 -9.45
N LEU A 794 64.52 37.63 -9.71
CA LEU A 794 65.79 37.02 -9.38
C LEU A 794 66.88 37.37 -10.39
N GLY A 795 66.51 37.62 -11.64
CA GLY A 795 67.51 37.91 -12.65
C GLY A 795 67.94 39.36 -12.68
N CYS A 796 66.98 40.27 -12.85
CA CYS A 796 67.29 41.67 -13.10
C CYS A 796 68.19 42.26 -12.01
N MET A 797 67.93 41.92 -10.75
CA MET A 797 68.79 42.42 -9.68
C MET A 797 70.15 41.74 -9.68
N PHE A 798 70.20 40.45 -10.03
CA PHE A 798 71.38 39.64 -9.76
C PHE A 798 72.03 38.99 -10.98
N VAL A 799 71.40 39.04 -12.16
CA VAL A 799 72.11 38.67 -13.38
C VAL A 799 73.28 39.61 -13.63
N PRO A 800 73.15 40.94 -13.55
CA PRO A 800 74.33 41.79 -13.69
C PRO A 800 75.41 41.51 -12.66
N LYS A 801 75.02 41.19 -11.43
CA LYS A 801 76.02 40.91 -10.39
C LYS A 801 76.84 39.68 -10.72
N VAL A 802 76.17 38.58 -11.05
CA VAL A 802 76.90 37.35 -11.38
C VAL A 802 77.74 37.54 -12.62
N TYR A 803 77.20 38.22 -13.64
CA TYR A 803 77.95 38.47 -14.85
C TYR A 803 79.20 39.30 -14.56
N ILE A 804 79.07 40.34 -13.73
CA ILE A 804 80.21 41.17 -13.38
C ILE A 804 81.25 40.34 -12.64
N ILE A 805 80.82 39.51 -11.70
CA ILE A 805 81.75 38.65 -10.99
C ILE A 805 82.33 37.60 -11.92
N LEU A 806 81.49 36.98 -12.75
CA LEU A 806 81.96 35.92 -13.64
C LEU A 806 82.94 36.46 -14.67
N ALA A 807 82.66 37.63 -15.25
CA ALA A 807 83.55 38.21 -16.25
C ALA A 807 84.87 38.67 -15.62
N ARG B 5 -47.20 -22.37 30.39
CA ARG B 5 -46.05 -22.09 29.53
C ARG B 5 -46.09 -20.65 29.02
N ARG B 6 -45.68 -20.45 27.79
CA ARG B 6 -45.75 -19.13 27.17
C ARG B 6 -47.16 -18.90 26.66
N VAL B 7 -47.82 -17.87 27.19
CA VAL B 7 -49.19 -17.61 26.79
C VAL B 7 -49.22 -17.11 25.35
N VAL B 8 -50.40 -17.22 24.74
CA VAL B 8 -50.59 -16.88 23.33
C VAL B 8 -51.93 -16.17 23.18
N ALA B 9 -51.94 -15.11 22.37
CA ALA B 9 -53.20 -14.43 22.08
C ALA B 9 -54.07 -15.30 21.18
N HIS B 10 -55.35 -14.95 21.10
CA HIS B 10 -56.28 -15.74 20.30
C HIS B 10 -57.33 -14.82 19.71
N MET B 11 -57.82 -15.20 18.54
CA MET B 11 -58.94 -14.57 17.87
C MET B 11 -59.55 -15.58 16.91
N PRO B 12 -60.55 -16.33 17.32
CA PRO B 12 -61.11 -17.37 16.44
C PRO B 12 -61.66 -16.77 15.16
N GLY B 13 -61.52 -17.53 14.08
CA GLY B 13 -61.98 -17.08 12.78
C GLY B 13 -61.91 -18.20 11.78
N ASP B 14 -62.29 -17.88 10.54
CA ASP B 14 -62.26 -18.88 9.47
C ASP B 14 -60.84 -19.19 9.05
N ILE B 15 -60.01 -18.16 8.89
CA ILE B 15 -58.61 -18.32 8.50
C ILE B 15 -57.74 -17.74 9.60
N ILE B 16 -56.73 -18.49 10.01
CA ILE B 16 -55.87 -18.11 11.13
C ILE B 16 -54.54 -17.64 10.58
N ILE B 17 -54.13 -16.43 10.95
CA ILE B 17 -52.84 -15.86 10.58
C ILE B 17 -51.98 -15.80 11.84
N GLY B 18 -50.91 -16.58 11.87
CA GLY B 18 -49.99 -16.50 12.99
C GLY B 18 -49.23 -15.20 13.00
N ALA B 19 -48.53 -14.95 14.10
CA ALA B 19 -47.68 -13.77 14.19
C ALA B 19 -46.62 -14.01 15.24
N LEU B 20 -45.49 -13.32 15.08
CA LEU B 20 -44.36 -13.47 15.99
C LEU B 20 -43.87 -12.08 16.35
N PHE B 21 -44.18 -11.64 17.57
CA PHE B 21 -43.81 -10.33 18.06
C PHE B 21 -42.92 -10.46 19.28
N SER B 22 -41.90 -9.62 19.34
CA SER B 22 -40.96 -9.62 20.47
C SER B 22 -41.64 -8.94 21.64
N VAL B 23 -42.54 -9.68 22.30
CA VAL B 23 -43.30 -9.09 23.39
C VAL B 23 -42.39 -8.77 24.58
N HIS B 24 -41.50 -9.68 24.93
CA HIS B 24 -40.59 -9.49 26.03
C HIS B 24 -39.18 -9.23 25.49
N HIS B 25 -38.32 -8.77 26.39
CA HIS B 25 -36.95 -8.51 26.01
C HIS B 25 -36.20 -9.82 25.79
N GLN B 26 -35.04 -9.71 25.17
CA GLN B 26 -34.21 -10.89 24.92
C GLN B 26 -33.84 -11.54 26.24
N PRO B 27 -33.74 -12.87 26.30
CA PRO B 27 -33.28 -13.51 27.53
C PRO B 27 -31.89 -13.04 27.90
N THR B 28 -31.68 -12.84 29.20
CA THR B 28 -30.38 -12.41 29.68
C THR B 28 -29.35 -13.49 29.39
N VAL B 29 -28.07 -13.09 29.34
CA VAL B 29 -27.01 -14.00 28.93
C VAL B 29 -26.90 -15.22 29.83
N ASP B 30 -27.49 -15.16 31.03
CA ASP B 30 -27.43 -16.30 31.93
C ASP B 30 -28.59 -17.26 31.70
N LYS B 31 -29.79 -16.75 31.45
CA LYS B 31 -30.99 -17.56 31.34
C LYS B 31 -31.25 -18.05 29.93
N VAL B 32 -30.22 -18.08 29.07
CA VAL B 32 -30.43 -18.46 27.68
C VAL B 32 -30.92 -19.90 27.59
N HIS B 33 -30.31 -20.80 28.35
CA HIS B 33 -30.67 -22.21 28.26
C HIS B 33 -32.07 -22.45 28.79
N GLU B 34 -32.47 -21.73 29.83
CA GLU B 34 -33.85 -21.84 30.30
C GLU B 34 -34.82 -21.15 29.35
N ARG B 35 -34.31 -20.32 28.45
CA ARG B 35 -35.14 -19.58 27.50
C ARG B 35 -36.25 -18.81 28.22
N LYS B 36 -35.88 -18.15 29.31
CA LYS B 36 -36.81 -17.34 30.10
C LYS B 36 -36.55 -15.87 29.76
N CYS B 37 -37.28 -15.37 28.78
CA CYS B 37 -37.05 -14.01 28.31
C CYS B 37 -37.55 -13.00 29.33
N GLY B 38 -36.96 -11.80 29.30
CA GLY B 38 -37.09 -10.85 30.38
C GLY B 38 -38.26 -9.88 30.32
N ALA B 39 -37.98 -8.61 30.59
CA ALA B 39 -39.00 -7.62 30.86
C ALA B 39 -39.76 -7.25 29.59
N VAL B 40 -40.95 -6.70 29.78
CA VAL B 40 -41.84 -6.40 28.66
C VAL B 40 -41.34 -5.17 27.92
N ARG B 41 -41.77 -5.06 26.66
CA ARG B 41 -41.51 -3.89 25.83
C ARG B 41 -42.84 -3.31 25.37
N GLU B 42 -42.92 -1.98 25.30
CA GLU B 42 -44.14 -1.38 24.80
C GLU B 42 -44.14 -1.34 23.28
N GLN B 43 -43.19 -0.61 22.69
CA GLN B 43 -43.22 -0.33 21.26
C GLN B 43 -43.09 -1.60 20.43
N TYR B 44 -42.07 -2.41 20.70
CA TYR B 44 -41.86 -3.61 19.91
C TYR B 44 -42.76 -4.76 20.33
N GLY B 45 -43.49 -4.60 21.42
CA GLY B 45 -44.33 -5.62 21.98
C GLY B 45 -45.80 -5.26 21.88
N ILE B 46 -46.29 -4.62 22.93
CA ILE B 46 -47.72 -4.42 23.09
C ILE B 46 -48.29 -3.58 21.96
N GLN B 47 -47.54 -2.58 21.51
CA GLN B 47 -48.07 -1.73 20.44
C GLN B 47 -48.31 -2.53 19.16
N ARG B 48 -47.38 -3.40 18.79
CA ARG B 48 -47.58 -4.22 17.60
C ARG B 48 -48.66 -5.26 17.83
N VAL B 49 -48.74 -5.83 19.03
CA VAL B 49 -49.78 -6.81 19.32
C VAL B 49 -51.15 -6.18 19.14
N GLU B 50 -51.34 -4.99 19.71
CA GLU B 50 -52.62 -4.31 19.56
C GLU B 50 -52.84 -3.82 18.15
N ALA B 51 -51.77 -3.49 17.42
CA ALA B 51 -51.93 -3.11 16.02
C ALA B 51 -52.51 -4.25 15.22
N MET B 52 -51.99 -5.45 15.39
CA MET B 52 -52.58 -6.57 14.67
C MET B 52 -53.98 -6.87 15.15
N LEU B 53 -54.19 -6.89 16.47
CA LEU B 53 -55.51 -7.20 17.01
C LEU B 53 -56.56 -6.19 16.61
N HIS B 54 -56.17 -4.98 16.24
CA HIS B 54 -57.14 -4.01 15.76
C HIS B 54 -57.23 -3.94 14.24
N THR B 55 -56.14 -4.17 13.52
CA THR B 55 -56.25 -4.16 12.06
C THR B 55 -57.01 -5.37 11.56
N LEU B 56 -56.98 -6.48 12.29
CA LEU B 56 -57.83 -7.59 11.89
C LEU B 56 -59.30 -7.24 12.04
N GLU B 57 -59.65 -6.53 13.10
CA GLU B 57 -61.04 -6.11 13.26
C GLU B 57 -61.41 -5.06 12.21
N ARG B 58 -60.47 -4.20 11.84
CA ARG B 58 -60.73 -3.24 10.78
C ARG B 58 -60.98 -3.94 9.45
N ILE B 59 -60.23 -5.00 9.16
CA ILE B 59 -60.48 -5.78 7.96
C ILE B 59 -61.83 -6.46 8.05
N ASN B 60 -62.12 -7.09 9.19
CA ASN B 60 -63.37 -7.85 9.33
C ASN B 60 -64.58 -6.95 9.17
N SER B 61 -64.54 -5.76 9.75
CA SER B 61 -65.65 -4.82 9.55
C SER B 61 -65.72 -4.33 8.12
N ASP B 62 -64.67 -4.55 7.33
CA ASP B 62 -64.65 -4.07 5.95
C ASP B 62 -65.24 -5.13 5.04
N PRO B 63 -66.33 -4.85 4.32
CA PRO B 63 -66.88 -5.85 3.40
C PRO B 63 -66.12 -5.95 2.10
N THR B 64 -65.34 -4.95 1.73
CA THR B 64 -64.58 -5.00 0.48
C THR B 64 -63.37 -5.92 0.57
N LEU B 65 -62.95 -6.30 1.78
CA LEU B 65 -61.85 -7.24 1.94
C LEU B 65 -62.37 -8.52 2.58
N LEU B 66 -62.13 -9.64 1.90
CA LEU B 66 -62.50 -10.96 2.38
C LEU B 66 -63.96 -11.02 2.81
N PRO B 67 -64.90 -10.75 1.89
CA PRO B 67 -66.30 -10.64 2.29
C PRO B 67 -66.84 -11.95 2.82
N ASN B 68 -67.73 -11.82 3.80
CA ASN B 68 -68.45 -12.94 4.41
C ASN B 68 -67.55 -13.97 5.07
N ILE B 69 -66.26 -13.67 5.23
CA ILE B 69 -65.36 -14.56 5.96
C ILE B 69 -64.65 -13.76 7.05
N THR B 70 -64.19 -14.49 8.06
CA THR B 70 -63.63 -13.90 9.27
C THR B 70 -62.17 -14.28 9.38
N LEU B 71 -61.32 -13.27 9.59
CA LEU B 71 -59.89 -13.48 9.71
C LEU B 71 -59.51 -13.58 11.18
N GLY B 72 -58.79 -14.63 11.54
CA GLY B 72 -58.37 -14.81 12.90
C GLY B 72 -56.87 -14.85 13.05
N CYS B 73 -56.36 -14.64 14.27
CA CYS B 73 -54.93 -14.60 14.50
C CYS B 73 -54.57 -15.44 15.71
N GLU B 74 -53.32 -15.90 15.73
CA GLU B 74 -52.73 -16.60 16.87
C GLU B 74 -51.38 -15.94 17.12
N ILE B 75 -51.41 -14.87 17.91
CA ILE B 75 -50.22 -14.06 18.13
C ILE B 75 -49.35 -14.72 19.19
N ARG B 76 -48.12 -15.03 18.84
CA ARG B 76 -47.18 -15.64 19.75
C ARG B 76 -46.10 -14.65 20.14
N ASP B 77 -45.14 -15.13 20.90
CA ASP B 77 -44.08 -14.29 21.45
C ASP B 77 -42.74 -14.91 21.09
N SER B 78 -41.83 -14.09 20.56
CA SER B 78 -40.54 -14.59 20.13
C SER B 78 -39.39 -14.17 21.05
N CYS B 79 -39.62 -13.25 21.98
CA CYS B 79 -38.59 -12.76 22.90
C CYS B 79 -37.32 -12.36 22.16
N TRP B 80 -37.42 -12.00 20.89
CA TRP B 80 -36.29 -11.53 20.10
C TRP B 80 -35.16 -12.55 20.07
N HIS B 81 -35.50 -13.83 20.12
CA HIS B 81 -34.51 -14.90 20.20
C HIS B 81 -34.83 -15.96 19.15
N SER B 82 -33.80 -16.41 18.44
CA SER B 82 -34.03 -17.44 17.43
C SER B 82 -34.47 -18.74 18.07
N ALA B 83 -33.89 -19.10 19.22
CA ALA B 83 -34.26 -20.35 19.87
C ALA B 83 -35.71 -20.33 20.35
N VAL B 84 -36.17 -19.20 20.90
CA VAL B 84 -37.54 -19.15 21.36
C VAL B 84 -38.51 -19.11 20.18
N ALA B 85 -38.20 -18.32 19.16
CA ALA B 85 -39.10 -18.21 18.02
C ALA B 85 -39.18 -19.51 17.24
N LEU B 86 -38.09 -20.27 17.20
CA LEU B 86 -38.15 -21.57 16.55
C LEU B 86 -39.17 -22.47 17.25
N GLU B 87 -39.14 -22.48 18.58
CA GLU B 87 -40.06 -23.33 19.32
C GLU B 87 -41.50 -22.83 19.19
N GLN B 88 -41.70 -21.51 19.15
CA GLN B 88 -43.04 -21.00 18.90
C GLN B 88 -43.53 -21.37 17.51
N SER B 89 -42.66 -21.32 16.51
CA SER B 89 -43.07 -21.77 15.17
C SER B 89 -43.39 -23.25 15.17
N ILE B 90 -42.63 -24.04 15.93
CA ILE B 90 -42.97 -25.45 16.09
C ILE B 90 -44.38 -25.60 16.62
N GLU B 91 -44.75 -24.75 17.58
CA GLU B 91 -46.12 -24.75 18.07
C GLU B 91 -47.10 -24.36 16.97
N PHE B 92 -46.69 -23.45 16.09
CA PHE B 92 -47.54 -23.10 14.94
C PHE B 92 -47.85 -24.31 14.09
N ILE B 93 -46.81 -25.09 13.77
CA ILE B 93 -46.96 -26.18 12.78
C ILE B 93 -47.48 -27.47 13.39
N ARG B 94 -47.48 -27.60 14.71
CA ARG B 94 -47.93 -28.84 15.34
C ARG B 94 -49.32 -29.22 14.87
N ASP B 95 -50.17 -28.24 14.60
CA ASP B 95 -51.49 -28.53 14.05
C ASP B 95 -51.38 -29.25 12.70
N SER B 96 -50.48 -28.79 11.84
CA SER B 96 -50.30 -29.40 10.53
C SER B 96 -49.65 -30.77 10.59
N LEU B 97 -49.15 -31.18 11.75
CA LEU B 97 -48.57 -32.49 11.92
C LEU B 97 -49.57 -33.45 12.57
N LYS B 121 -56.45 -26.06 13.74
CA LYS B 121 -56.69 -25.30 12.51
C LYS B 121 -55.39 -24.95 11.82
N PRO B 122 -55.32 -25.16 10.51
CA PRO B 122 -54.10 -24.84 9.76
C PRO B 122 -53.86 -23.34 9.72
N ILE B 123 -52.59 -22.98 9.57
CA ILE B 123 -52.15 -21.59 9.61
C ILE B 123 -51.82 -21.15 8.19
N VAL B 124 -52.51 -20.11 7.73
CA VAL B 124 -52.33 -19.64 6.35
C VAL B 124 -50.97 -19.00 6.17
N GLY B 125 -50.47 -18.30 7.18
CA GLY B 125 -49.20 -17.61 7.09
C GLY B 125 -48.90 -16.96 8.41
N VAL B 126 -47.72 -16.33 8.48
CA VAL B 126 -47.34 -15.60 9.69
C VAL B 126 -46.83 -14.22 9.28
N ILE B 127 -46.82 -13.32 10.25
CA ILE B 127 -46.15 -12.04 10.11
C ILE B 127 -44.79 -12.19 10.77
N GLY B 128 -43.73 -12.14 9.97
CA GLY B 128 -42.42 -12.56 10.38
C GLY B 128 -41.91 -11.80 11.58
N PRO B 129 -40.98 -12.40 12.31
CA PRO B 129 -40.40 -11.71 13.44
C PRO B 129 -39.57 -10.51 13.00
N GLY B 130 -39.40 -9.58 13.94
CA GLY B 130 -38.67 -8.36 13.64
C GLY B 130 -37.21 -8.59 13.34
N SER B 131 -36.57 -9.45 14.13
CA SER B 131 -35.14 -9.70 13.96
C SER B 131 -34.86 -10.43 12.65
N SER B 132 -33.76 -10.07 12.01
CA SER B 132 -33.42 -10.73 10.74
C SER B 132 -32.95 -12.15 10.95
N SER B 133 -32.07 -12.37 11.94
CA SER B 133 -31.61 -13.73 12.19
C SER B 133 -32.75 -14.62 12.68
N VAL B 134 -33.62 -14.09 13.53
CA VAL B 134 -34.79 -14.84 13.94
C VAL B 134 -35.68 -15.15 12.75
N ALA B 135 -35.82 -14.20 11.84
CA ALA B 135 -36.63 -14.42 10.65
C ALA B 135 -36.05 -15.53 9.79
N ILE B 136 -34.73 -15.57 9.65
CA ILE B 136 -34.09 -16.66 8.92
C ILE B 136 -34.37 -17.99 9.60
N GLN B 137 -34.22 -18.02 10.92
CA GLN B 137 -34.42 -19.27 11.65
C GLN B 137 -35.84 -19.76 11.53
N VAL B 138 -36.82 -18.85 11.57
CA VAL B 138 -38.22 -19.23 11.42
C VAL B 138 -38.51 -19.68 10.01
N GLN B 139 -37.97 -18.97 9.02
CA GLN B 139 -38.26 -19.29 7.63
C GLN B 139 -37.74 -20.68 7.28
N ASN B 140 -36.56 -21.04 7.80
CA ASN B 140 -36.00 -22.34 7.48
C ASN B 140 -36.95 -23.46 7.82
N LEU B 141 -37.80 -23.26 8.81
CA LEU B 141 -38.82 -24.24 9.17
C LEU B 141 -40.15 -24.01 8.48
N LEU B 142 -40.52 -22.75 8.26
CA LEU B 142 -41.81 -22.46 7.66
C LEU B 142 -41.89 -22.94 6.21
N GLN B 143 -40.80 -22.78 5.46
CA GLN B 143 -40.85 -23.19 4.06
C GLN B 143 -41.05 -24.69 3.91
N LEU B 144 -40.84 -25.46 4.98
CA LEU B 144 -41.10 -26.88 4.92
C LEU B 144 -42.59 -27.19 4.75
N PHE B 145 -43.47 -26.28 5.19
CA PHE B 145 -44.90 -26.54 5.18
C PHE B 145 -45.65 -25.54 4.32
N ASN B 146 -44.95 -24.89 3.38
CA ASN B 146 -45.57 -23.97 2.43
C ASN B 146 -46.44 -22.94 3.16
N ILE B 147 -45.84 -22.30 4.15
CA ILE B 147 -46.53 -21.28 4.93
C ILE B 147 -45.90 -19.94 4.64
N PRO B 148 -46.50 -19.11 3.80
CA PRO B 148 -45.87 -17.84 3.44
C PRO B 148 -45.64 -16.98 4.65
N GLN B 149 -44.51 -16.28 4.68
CA GLN B 149 -44.14 -15.45 5.81
C GLN B 149 -43.86 -14.05 5.30
N ILE B 150 -44.45 -13.05 5.93
CA ILE B 150 -44.25 -11.66 5.57
C ILE B 150 -43.60 -10.97 6.76
N ALA B 151 -42.51 -10.26 6.51
CA ALA B 151 -41.80 -9.57 7.57
C ALA B 151 -41.98 -8.07 7.43
N TYR B 152 -41.80 -7.37 8.55
CA TYR B 152 -41.93 -5.92 8.57
C TYR B 152 -40.62 -5.22 8.89
N SER B 153 -39.63 -5.92 9.42
CA SER B 153 -38.37 -5.29 9.75
C SER B 153 -37.16 -6.15 9.41
N ALA B 154 -37.34 -7.34 8.86
CA ALA B 154 -36.21 -8.23 8.57
C ALA B 154 -35.48 -7.67 7.36
N THR B 155 -34.56 -6.75 7.61
CA THR B 155 -33.97 -5.91 6.58
C THR B 155 -32.67 -6.49 6.02
N SER B 156 -32.23 -7.65 6.51
CA SER B 156 -30.97 -8.22 6.04
C SER B 156 -31.05 -8.60 4.56
N MET B 157 -29.90 -8.53 3.89
CA MET B 157 -29.86 -8.89 2.49
C MET B 157 -30.01 -10.38 2.27
N ASP B 158 -29.48 -11.19 3.19
CA ASP B 158 -29.45 -12.64 2.98
C ASP B 158 -30.83 -13.21 2.77
N LEU B 159 -31.87 -12.56 3.27
CA LEU B 159 -33.22 -13.04 3.10
C LEU B 159 -33.77 -12.77 1.70
N SER B 160 -33.04 -12.03 0.87
CA SER B 160 -33.53 -11.74 -0.47
C SER B 160 -33.20 -12.83 -1.48
N ASP B 161 -32.49 -13.88 -1.06
CA ASP B 161 -32.13 -14.97 -1.96
C ASP B 161 -33.28 -15.95 -2.02
N LYS B 162 -34.09 -15.86 -3.07
CA LYS B 162 -35.28 -16.68 -3.18
C LYS B 162 -34.96 -18.15 -3.43
N THR B 163 -33.72 -18.50 -3.72
CA THR B 163 -33.36 -19.91 -3.85
C THR B 163 -33.45 -20.64 -2.52
N LEU B 164 -33.17 -19.94 -1.42
CA LEU B 164 -33.20 -20.53 -0.09
C LEU B 164 -34.37 -20.06 0.76
N PHE B 165 -34.98 -18.93 0.43
CA PHE B 165 -36.01 -18.31 1.24
C PHE B 165 -37.21 -17.96 0.38
N LYS B 166 -37.72 -18.96 -0.35
CA LYS B 166 -38.76 -18.70 -1.33
C LYS B 166 -39.99 -18.08 -0.69
N TYR B 167 -40.40 -18.58 0.47
CA TYR B 167 -41.67 -18.18 1.07
C TYR B 167 -41.55 -16.97 1.97
N PHE B 168 -40.56 -16.12 1.75
CA PHE B 168 -40.31 -14.96 2.60
C PHE B 168 -40.56 -13.69 1.80
N MET B 169 -41.31 -12.77 2.39
CA MET B 169 -41.58 -11.48 1.77
C MET B 169 -41.47 -10.41 2.84
N ARG B 170 -41.26 -9.17 2.41
CA ARG B 170 -41.20 -8.08 3.37
C ARG B 170 -41.67 -6.79 2.72
N VAL B 171 -42.31 -5.95 3.52
CA VAL B 171 -42.73 -4.65 3.06
C VAL B 171 -41.68 -3.59 3.38
N VAL B 172 -40.44 -4.00 3.63
CA VAL B 172 -39.35 -3.10 3.97
C VAL B 172 -38.20 -3.36 3.00
N PRO B 173 -37.48 -2.35 2.55
CA PRO B 173 -36.37 -2.60 1.63
C PRO B 173 -35.22 -3.30 2.33
N SER B 174 -34.38 -3.96 1.54
CA SER B 174 -33.18 -4.57 2.09
C SER B 174 -32.27 -3.49 2.66
N ASP B 175 -31.25 -3.92 3.39
CA ASP B 175 -30.33 -2.97 4.00
C ASP B 175 -29.08 -2.76 3.16
N ALA B 176 -29.05 -3.26 1.94
CA ALA B 176 -28.06 -2.78 0.98
C ALA B 176 -28.25 -1.29 0.73
N GLN B 177 -29.51 -0.87 0.60
CA GLN B 177 -29.79 0.55 0.49
C GLN B 177 -29.36 1.31 1.74
N GLN B 178 -29.54 0.69 2.91
CA GLN B 178 -29.10 1.34 4.13
C GLN B 178 -27.59 1.50 4.18
N ALA B 179 -26.85 0.48 3.74
CA ALA B 179 -25.40 0.60 3.69
C ALA B 179 -24.99 1.69 2.70
N ARG B 180 -25.69 1.78 1.57
CA ARG B 180 -25.42 2.87 0.64
C ARG B 180 -25.68 4.22 1.29
N ALA B 181 -26.74 4.33 2.06
CA ALA B 181 -27.05 5.59 2.73
C ALA B 181 -25.95 5.97 3.70
N MET B 182 -25.46 5.01 4.49
CA MET B 182 -24.39 5.32 5.42
C MET B 182 -23.11 5.71 4.70
N VAL B 183 -22.80 5.02 3.61
CA VAL B 183 -21.61 5.40 2.84
C VAL B 183 -21.76 6.82 2.32
N ASP B 184 -22.95 7.18 1.85
CA ASP B 184 -23.16 8.55 1.39
C ASP B 184 -22.99 9.55 2.53
N ILE B 185 -23.49 9.21 3.72
CA ILE B 185 -23.36 10.11 4.86
C ILE B 185 -21.89 10.37 5.17
N VAL B 186 -21.09 9.30 5.27
CA VAL B 186 -19.69 9.51 5.59
C VAL B 186 -18.93 10.13 4.44
N LYS B 187 -19.40 9.96 3.20
CA LYS B 187 -18.83 10.69 2.08
C LYS B 187 -19.03 12.18 2.25
N ARG B 188 -20.25 12.58 2.60
CA ARG B 188 -20.63 13.99 2.61
C ARG B 188 -19.92 14.78 3.69
N TYR B 189 -19.30 14.13 4.67
CA TYR B 189 -18.70 14.82 5.79
C TYR B 189 -17.19 14.61 5.87
N ASN B 190 -16.57 14.32 4.73
CA ASN B 190 -15.12 14.17 4.65
C ASN B 190 -14.59 13.05 5.54
N TRP B 191 -15.47 12.30 6.18
CA TRP B 191 -15.03 11.27 7.10
C TRP B 191 -14.32 10.16 6.33
N THR B 192 -13.12 9.83 6.74
CA THR B 192 -12.33 8.81 6.06
C THR B 192 -11.87 7.70 6.98
N TYR B 193 -11.42 8.03 8.18
CA TYR B 193 -10.91 7.04 9.12
C TYR B 193 -11.95 6.84 10.20
N VAL B 194 -12.91 5.95 9.92
CA VAL B 194 -13.98 5.65 10.85
C VAL B 194 -13.72 4.29 11.49
N SER B 195 -14.47 4.02 12.54
CA SER B 195 -14.47 2.72 13.20
C SER B 195 -15.83 2.08 13.04
N ALA B 196 -15.87 0.75 13.13
CA ALA B 196 -17.09 0.02 12.83
C ALA B 196 -17.43 -0.93 13.97
N VAL B 197 -18.68 -0.90 14.39
CA VAL B 197 -19.22 -1.85 15.36
C VAL B 197 -20.51 -2.41 14.79
N HIS B 198 -20.70 -3.72 14.92
CA HIS B 198 -21.93 -4.34 14.47
C HIS B 198 -22.25 -5.53 15.37
N THR B 199 -23.53 -5.74 15.64
CA THR B 199 -23.94 -6.83 16.50
C THR B 199 -23.79 -8.15 15.78
N GLU B 200 -23.44 -9.17 16.55
CA GLU B 200 -23.37 -10.51 15.99
C GLU B 200 -24.75 -10.96 15.54
N GLY B 201 -24.77 -11.76 14.48
CA GLY B 201 -26.03 -12.23 13.94
C GLY B 201 -26.03 -12.17 12.43
N ASN B 202 -27.19 -11.90 11.84
CA ASN B 202 -27.29 -11.79 10.39
C ASN B 202 -27.63 -10.40 9.91
N TYR B 203 -28.31 -9.59 10.71
CA TYR B 203 -28.55 -8.22 10.31
C TYR B 203 -27.28 -7.40 10.38
N GLY B 204 -26.69 -7.30 11.56
CA GLY B 204 -25.48 -6.53 11.71
C GLY B 204 -24.35 -7.06 10.86
N GLU B 205 -24.19 -8.38 10.82
CA GLU B 205 -23.08 -8.98 10.10
C GLU B 205 -23.17 -8.67 8.61
N SER B 206 -24.31 -8.96 7.99
CA SER B 206 -24.45 -8.73 6.56
C SER B 206 -24.43 -7.25 6.24
N GLY B 207 -25.04 -6.43 7.08
CA GLY B 207 -25.00 -5.00 6.86
C GLY B 207 -23.58 -4.45 6.88
N MET B 208 -22.79 -4.85 7.88
CA MET B 208 -21.41 -4.37 7.94
C MET B 208 -20.57 -4.94 6.81
N GLU B 209 -20.85 -6.16 6.38
CA GLU B 209 -20.14 -6.67 5.21
C GLU B 209 -20.41 -5.80 3.99
N ALA B 210 -21.67 -5.48 3.76
CA ALA B 210 -22.02 -4.65 2.61
C ALA B 210 -21.40 -3.26 2.74
N PHE B 211 -21.47 -2.66 3.92
CA PHE B 211 -20.92 -1.34 4.12
C PHE B 211 -19.41 -1.35 3.91
N LYS B 212 -18.72 -2.37 4.42
CA LYS B 212 -17.29 -2.48 4.19
C LYS B 212 -16.99 -2.55 2.71
N ASP B 213 -17.77 -3.34 1.97
CA ASP B 213 -17.58 -3.41 0.53
C ASP B 213 -17.69 -2.03 -0.10
N MET B 214 -18.87 -1.42 -0.02
CA MET B 214 -19.09 -0.19 -0.78
C MET B 214 -18.39 1.02 -0.20
N SER B 215 -17.77 0.90 0.98
CA SER B 215 -16.96 1.99 1.51
C SER B 215 -15.50 1.81 1.14
N ALA B 216 -14.89 0.70 1.58
CA ALA B 216 -13.49 0.48 1.28
C ALA B 216 -13.25 0.37 -0.21
N LYS B 217 -14.29 0.13 -1.02
CA LYS B 217 -14.13 0.23 -2.46
C LYS B 217 -13.89 1.67 -2.88
N GLU B 218 -14.69 2.60 -2.37
CA GLU B 218 -14.66 3.95 -2.93
C GLU B 218 -13.51 4.77 -2.34
N GLY B 219 -13.62 5.18 -1.09
CA GLY B 219 -12.52 5.88 -0.46
C GLY B 219 -12.40 5.76 1.03
N ILE B 220 -13.36 5.10 1.67
CA ILE B 220 -13.45 5.15 3.12
C ILE B 220 -12.49 4.13 3.73
N CYS B 221 -12.30 4.23 5.04
CA CYS B 221 -11.31 3.43 5.73
C CYS B 221 -11.84 3.06 7.10
N ILE B 222 -12.01 1.77 7.33
CA ILE B 222 -12.44 1.28 8.63
C ILE B 222 -11.20 1.00 9.45
N ALA B 223 -11.06 1.68 10.59
CA ALA B 223 -9.90 1.45 11.44
C ALA B 223 -9.85 0.01 11.93
N HIS B 224 -10.99 -0.53 12.35
CA HIS B 224 -11.10 -1.90 12.83
C HIS B 224 -12.57 -2.24 12.97
N SER B 225 -12.92 -3.46 12.61
CA SER B 225 -14.30 -3.93 12.70
C SER B 225 -14.48 -4.74 13.97
N TYR B 226 -15.50 -4.41 14.73
CA TYR B 226 -15.76 -5.07 16.01
C TYR B 226 -17.13 -5.73 15.99
N LYS B 227 -17.29 -6.74 16.83
CA LYS B 227 -18.56 -7.41 17.00
C LYS B 227 -18.89 -7.47 18.48
N ILE B 228 -20.18 -7.55 18.78
CA ILE B 228 -20.63 -7.72 20.15
C ILE B 228 -22.05 -8.23 20.11
N TYR B 229 -22.35 -9.21 20.95
CA TYR B 229 -23.73 -9.67 21.08
C TYR B 229 -24.54 -8.62 21.82
N SER B 230 -25.84 -8.57 21.51
CA SER B 230 -26.69 -7.58 22.15
C SER B 230 -26.77 -7.80 23.65
N ASN B 231 -26.84 -9.05 24.09
CA ASN B 231 -27.06 -9.38 25.49
C ASN B 231 -25.76 -9.62 26.25
N ALA B 232 -24.62 -9.19 25.72
CA ALA B 232 -23.37 -9.40 26.42
C ALA B 232 -23.34 -8.59 27.70
N GLY B 233 -22.45 -8.97 28.60
CA GLY B 233 -22.37 -8.31 29.89
C GLY B 233 -21.77 -6.92 29.80
N GLU B 234 -21.79 -6.24 30.95
CA GLU B 234 -21.22 -4.89 31.02
C GLU B 234 -19.73 -4.90 30.72
N GLN B 235 -19.00 -5.91 31.22
CA GLN B 235 -17.57 -5.94 31.00
C GLN B 235 -17.23 -6.11 29.52
N SER B 236 -18.08 -6.81 28.77
CA SER B 236 -17.82 -6.96 27.34
C SER B 236 -17.91 -5.62 26.63
N PHE B 237 -18.92 -4.81 26.97
CA PHE B 237 -18.99 -3.48 26.40
C PHE B 237 -17.84 -2.61 26.88
N ASP B 238 -17.36 -2.83 28.11
CA ASP B 238 -16.20 -2.08 28.57
C ASP B 238 -14.98 -2.38 27.72
N LYS B 239 -14.74 -3.67 27.46
CA LYS B 239 -13.60 -4.05 26.61
C LYS B 239 -13.76 -3.49 25.21
N LEU B 240 -14.99 -3.56 24.67
CA LEU B 240 -15.22 -3.02 23.34
C LEU B 240 -14.94 -1.52 23.30
N LEU B 241 -15.35 -0.80 24.33
CA LEU B 241 -15.13 0.64 24.34
C LEU B 241 -13.66 0.98 24.56
N LYS B 242 -12.93 0.15 25.30
CA LYS B 242 -11.48 0.35 25.38
C LYS B 242 -10.84 0.19 24.01
N LYS B 243 -11.23 -0.86 23.28
CA LYS B 243 -10.69 -1.04 21.94
C LYS B 243 -11.09 0.11 21.03
N LEU B 244 -12.28 0.65 21.23
CA LEU B 244 -12.72 1.79 20.42
C LEU B 244 -11.91 3.04 20.74
N THR B 245 -11.66 3.30 22.02
CA THR B 245 -10.87 4.45 22.43
C THR B 245 -9.40 4.29 22.09
N SER B 246 -8.96 3.09 21.73
CA SER B 246 -7.57 2.93 21.30
C SER B 246 -7.26 3.86 20.12
N HIS B 247 -8.19 4.00 19.18
CA HIS B 247 -8.01 4.89 18.03
C HIS B 247 -8.66 6.25 18.24
N LEU B 248 -8.74 6.72 19.50
CA LEU B 248 -9.56 7.88 19.81
C LEU B 248 -9.18 9.16 19.07
N PRO B 249 -7.90 9.55 18.97
CA PRO B 249 -7.60 10.88 18.40
C PRO B 249 -8.09 11.06 16.97
N LYS B 250 -8.14 10.00 16.18
CA LYS B 250 -8.45 10.11 14.77
C LYS B 250 -9.80 9.53 14.40
N ALA B 251 -10.05 8.27 14.75
CA ALA B 251 -11.31 7.61 14.39
C ALA B 251 -12.38 8.03 15.39
N ARG B 252 -12.91 9.23 15.18
CA ARG B 252 -13.92 9.78 16.06
C ARG B 252 -15.34 9.41 15.65
N VAL B 253 -15.51 8.72 14.54
CA VAL B 253 -16.82 8.34 14.03
C VAL B 253 -16.95 6.83 14.11
N VAL B 254 -18.04 6.35 14.68
CA VAL B 254 -18.30 4.92 14.79
C VAL B 254 -19.50 4.59 13.92
N ALA B 255 -19.27 3.79 12.88
CA ALA B 255 -20.36 3.35 12.02
C ALA B 255 -21.00 2.12 12.64
N CYS B 256 -22.19 2.31 13.23
CA CYS B 256 -22.83 1.30 14.06
C CYS B 256 -23.95 0.65 13.27
N PHE B 257 -23.69 -0.53 12.71
CA PHE B 257 -24.76 -1.39 12.22
C PHE B 257 -25.28 -2.23 13.38
N CYS B 258 -25.87 -1.54 14.35
CA CYS B 258 -26.15 -2.12 15.65
C CYS B 258 -27.64 -2.04 15.95
N GLU B 259 -28.17 -3.09 16.56
CA GLU B 259 -29.52 -3.05 17.04
C GLU B 259 -29.63 -2.06 18.20
N GLY B 260 -30.85 -1.84 18.65
CA GLY B 260 -31.07 -0.83 19.68
C GLY B 260 -30.36 -1.15 20.98
N MET B 261 -30.43 -2.41 21.41
CA MET B 261 -29.85 -2.75 22.69
C MET B 261 -28.33 -2.67 22.66
N THR B 262 -27.71 -2.94 21.52
CA THR B 262 -26.26 -2.80 21.43
C THR B 262 -25.85 -1.34 21.61
N VAL B 263 -26.56 -0.42 20.97
CA VAL B 263 -26.23 0.99 21.15
C VAL B 263 -26.51 1.43 22.57
N ARG B 264 -27.57 0.90 23.18
CA ARG B 264 -27.80 1.23 24.58
C ARG B 264 -26.66 0.76 25.46
N GLY B 265 -26.15 -0.44 25.19
CA GLY B 265 -25.00 -0.93 25.94
C GLY B 265 -23.78 -0.06 25.73
N LEU B 266 -23.55 0.36 24.49
CA LEU B 266 -22.42 1.24 24.21
C LEU B 266 -22.53 2.55 24.96
N LEU B 267 -23.73 3.12 24.99
CA LEU B 267 -23.93 4.35 25.76
C LEU B 267 -23.69 4.10 27.24
N MET B 268 -24.15 2.96 27.74
CA MET B 268 -23.93 2.64 29.14
C MET B 268 -22.45 2.56 29.45
N ALA B 269 -21.68 1.93 28.59
CA ALA B 269 -20.23 1.85 28.78
C ALA B 269 -19.60 3.23 28.70
N MET B 270 -20.06 4.07 27.77
CA MET B 270 -19.55 5.43 27.67
C MET B 270 -19.75 6.18 28.97
N ARG B 271 -20.91 6.02 29.59
CA ARG B 271 -21.14 6.65 30.88
C ARG B 271 -20.26 6.04 31.95
N ARG B 272 -20.15 4.70 31.98
CA ARG B 272 -19.47 4.03 33.08
C ARG B 272 -18.00 4.38 33.12
N LEU B 273 -17.30 4.21 32.00
CA LEU B 273 -15.86 4.48 32.00
C LEU B 273 -15.54 5.95 31.72
N GLY B 274 -16.49 6.85 31.92
CA GLY B 274 -16.20 8.26 31.90
C GLY B 274 -15.79 8.80 30.55
N LEU B 275 -16.73 8.79 29.60
CA LEU B 275 -16.55 9.43 28.31
C LEU B 275 -17.72 10.39 28.11
N ALA B 276 -17.41 11.67 27.92
CA ALA B 276 -18.43 12.69 27.77
C ALA B 276 -18.95 12.79 26.35
N GLY B 277 -18.75 11.75 25.54
CA GLY B 277 -19.17 11.80 24.16
C GLY B 277 -18.09 12.27 23.23
N GLU B 278 -16.93 11.61 23.30
CA GLU B 278 -15.87 11.89 22.35
C GLU B 278 -16.25 11.43 20.94
N PHE B 279 -16.97 10.31 20.83
CA PHE B 279 -17.35 9.76 19.54
C PHE B 279 -18.62 10.42 19.02
N LEU B 280 -18.85 10.24 17.73
CA LEU B 280 -20.08 10.64 17.07
C LEU B 280 -20.70 9.37 16.51
N LEU B 281 -21.57 8.73 17.29
CA LEU B 281 -22.17 7.47 16.87
C LEU B 281 -23.00 7.67 15.64
N LEU B 282 -22.81 6.80 14.66
CA LEU B 282 -23.52 6.83 13.38
C LEU B 282 -24.39 5.59 13.33
N GLY B 283 -25.63 5.73 13.78
CA GLY B 283 -26.48 4.58 13.99
C GLY B 283 -26.97 3.99 12.68
N SER B 284 -27.89 3.04 12.83
CA SER B 284 -28.47 2.34 11.70
C SER B 284 -29.96 2.17 11.97
N ASP B 285 -30.61 1.33 11.18
CA ASP B 285 -32.05 1.14 11.34
C ASP B 285 -32.40 0.65 12.73
N GLY B 286 -31.51 -0.09 13.38
CA GLY B 286 -31.80 -0.53 14.72
C GLY B 286 -31.99 0.63 15.69
N TRP B 287 -31.09 1.60 15.64
CA TRP B 287 -31.22 2.77 16.49
C TRP B 287 -32.42 3.62 16.08
N ALA B 288 -32.52 3.94 14.79
CA ALA B 288 -33.62 4.72 14.25
C ALA B 288 -33.84 5.99 15.06
N ASP B 289 -35.04 6.16 15.61
CA ASP B 289 -35.30 7.26 16.53
C ASP B 289 -35.96 6.75 17.80
N ARG B 290 -35.62 5.53 18.22
CA ARG B 290 -36.20 4.98 19.43
C ARG B 290 -35.77 5.80 20.64
N TYR B 291 -36.68 5.98 21.58
CA TYR B 291 -36.37 6.68 22.82
C TYR B 291 -35.93 5.74 23.92
N ASP B 292 -36.03 4.43 23.74
CA ASP B 292 -35.63 3.51 24.78
C ASP B 292 -34.17 3.09 24.66
N VAL B 293 -33.44 3.53 23.64
CA VAL B 293 -32.01 3.30 23.58
C VAL B 293 -31.22 4.46 24.14
N THR B 294 -31.84 5.63 24.32
CA THR B 294 -31.20 6.79 24.90
C THR B 294 -32.10 7.41 25.94
N ASP B 295 -32.49 6.61 26.92
CA ASP B 295 -33.24 7.09 28.07
C ASP B 295 -32.33 7.04 29.29
N GLY B 296 -32.07 8.19 29.90
CA GLY B 296 -31.15 8.28 30.99
C GLY B 296 -29.69 8.39 30.57
N TYR B 297 -29.39 8.17 29.30
CA TYR B 297 -28.03 8.26 28.78
C TYR B 297 -27.96 9.25 27.64
N GLN B 298 -28.79 10.28 27.68
CA GLN B 298 -28.86 11.22 26.58
C GLN B 298 -27.54 11.98 26.41
N ARG B 299 -26.94 12.40 27.51
CA ARG B 299 -25.76 13.25 27.43
C ARG B 299 -24.63 12.57 26.68
N GLU B 300 -24.55 11.24 26.73
CA GLU B 300 -23.51 10.51 26.04
C GLU B 300 -23.84 10.23 24.59
N ALA B 301 -25.03 10.59 24.12
CA ALA B 301 -25.44 10.30 22.77
C ALA B 301 -25.69 11.53 21.92
N VAL B 302 -25.50 12.74 22.47
CA VAL B 302 -25.79 13.94 21.72
C VAL B 302 -24.88 14.04 20.52
N GLY B 303 -25.46 14.28 19.36
CA GLY B 303 -24.72 14.36 18.13
C GLY B 303 -24.80 13.13 17.26
N GLY B 304 -25.40 12.05 17.74
CA GLY B 304 -25.49 10.85 16.94
C GLY B 304 -26.40 11.01 15.74
N ILE B 305 -26.02 10.35 14.65
CA ILE B 305 -26.79 10.36 13.41
C ILE B 305 -27.27 8.94 13.15
N THR B 306 -28.57 8.79 12.93
CA THR B 306 -29.16 7.48 12.70
C THR B 306 -29.91 7.49 11.38
N ILE B 307 -30.28 6.30 10.92
CA ILE B 307 -31.06 6.13 9.71
C ILE B 307 -32.35 5.44 10.07
N LYS B 308 -33.47 6.03 9.68
CA LYS B 308 -34.78 5.50 10.03
C LYS B 308 -35.61 5.36 8.77
N LEU B 309 -36.27 4.22 8.61
CA LEU B 309 -37.17 4.04 7.48
C LEU B 309 -38.38 4.94 7.65
N GLN B 310 -38.76 5.62 6.58
CA GLN B 310 -39.84 6.59 6.67
C GLN B 310 -41.19 5.88 6.71
N SER B 311 -41.96 6.12 7.75
CA SER B 311 -43.28 5.52 7.91
C SER B 311 -44.11 6.45 8.80
N PRO B 312 -44.95 7.29 8.20
CA PRO B 312 -45.73 8.25 9.01
C PRO B 312 -46.66 7.52 9.97
N ASP B 313 -46.85 8.11 11.13
CA ASP B 313 -47.61 7.48 12.19
C ASP B 313 -49.05 7.26 11.76
N VAL B 314 -49.58 6.09 12.07
CA VAL B 314 -50.96 5.74 11.72
C VAL B 314 -51.89 6.36 12.76
N LYS B 315 -52.81 7.21 12.30
CA LYS B 315 -53.64 7.95 13.23
C LYS B 315 -54.66 7.05 13.93
N TRP B 316 -55.36 6.21 13.17
CA TRP B 316 -56.44 5.45 13.76
C TRP B 316 -55.94 4.46 14.79
N PHE B 317 -54.74 3.93 14.61
CA PHE B 317 -54.19 3.07 15.65
C PHE B 317 -53.97 3.86 16.93
N ASP B 318 -53.46 5.08 16.82
CA ASP B 318 -53.26 5.89 18.02
C ASP B 318 -54.58 6.15 18.72
N ASP B 319 -55.61 6.52 17.95
CA ASP B 319 -56.89 6.82 18.57
C ASP B 319 -57.53 5.60 19.19
N TYR B 320 -57.29 4.41 18.63
CA TYR B 320 -57.81 3.20 19.25
C TYR B 320 -57.00 2.82 20.49
N TYR B 321 -55.68 2.96 20.43
CA TYR B 321 -54.81 2.46 21.47
C TYR B 321 -54.87 3.32 22.71
N LEU B 322 -54.92 4.65 22.54
CA LEU B 322 -54.87 5.53 23.70
C LEU B 322 -56.04 5.32 24.65
N LYS B 323 -57.16 4.83 24.16
CA LYS B 323 -58.33 4.63 25.02
C LYS B 323 -58.32 3.27 25.72
N LEU B 324 -57.36 2.42 25.44
CA LEU B 324 -57.35 1.08 26.01
C LEU B 324 -57.12 1.14 27.52
N ARG B 325 -57.76 0.23 28.24
CA ARG B 325 -57.63 0.12 29.68
C ARG B 325 -57.42 -1.32 30.08
N PRO B 326 -56.70 -1.58 31.17
CA PRO B 326 -56.47 -2.96 31.59
C PRO B 326 -57.71 -3.70 32.00
N GLU B 327 -58.79 -2.98 32.38
CA GLU B 327 -59.99 -3.67 32.81
C GLU B 327 -60.76 -4.28 31.64
N THR B 328 -60.90 -3.53 30.55
CA THR B 328 -61.74 -3.97 29.44
C THR B 328 -60.99 -4.81 28.42
N ASN B 329 -59.68 -4.59 28.26
CA ASN B 329 -58.91 -5.34 27.28
C ASN B 329 -58.58 -6.71 27.85
N LEU B 330 -59.28 -7.74 27.35
CA LEU B 330 -59.09 -9.09 27.84
C LEU B 330 -58.53 -10.04 26.79
N ARG B 331 -58.54 -9.66 25.52
CA ARG B 331 -58.00 -10.53 24.47
C ARG B 331 -56.50 -10.40 24.31
N ASN B 332 -55.85 -9.55 25.11
CA ASN B 332 -54.41 -9.37 25.05
C ASN B 332 -53.80 -9.80 26.37
N PRO B 333 -53.33 -11.04 26.48
CA PRO B 333 -52.86 -11.54 27.78
C PRO B 333 -51.66 -10.79 28.33
N TRP B 334 -50.92 -10.07 27.50
CA TRP B 334 -49.75 -9.35 27.95
C TRP B 334 -50.05 -7.91 28.32
N PHE B 335 -51.32 -7.50 28.31
CA PHE B 335 -51.61 -6.11 28.61
C PHE B 335 -51.53 -5.82 30.10
N GLN B 336 -51.88 -6.77 30.95
CA GLN B 336 -51.89 -6.50 32.38
C GLN B 336 -50.48 -6.30 32.92
N GLU B 337 -49.56 -7.20 32.57
CA GLU B 337 -48.20 -7.05 33.06
C GLU B 337 -47.54 -5.81 32.46
N PHE B 338 -47.86 -5.49 31.21
CA PHE B 338 -47.33 -4.26 30.64
C PHE B 338 -47.88 -3.04 31.37
N TRP B 339 -49.16 -3.04 31.69
CA TRP B 339 -49.75 -1.91 32.38
C TRP B 339 -49.12 -1.72 33.75
N GLN B 340 -48.86 -2.82 34.45
CA GLN B 340 -48.14 -2.73 35.72
C GLN B 340 -46.73 -2.19 35.50
N HIS B 341 -46.06 -2.65 34.44
CA HIS B 341 -44.67 -2.26 34.23
C HIS B 341 -44.55 -0.79 33.84
N ARG B 342 -45.50 -0.27 33.07
CA ARG B 342 -45.38 1.10 32.59
C ARG B 342 -45.57 2.10 33.72
N PHE B 343 -46.75 2.11 34.32
CA PHE B 343 -46.98 2.85 35.56
C PHE B 343 -46.74 1.89 36.70
N GLN B 344 -45.61 2.04 37.39
CA GLN B 344 -45.31 1.12 38.48
C GLN B 344 -46.45 1.17 39.49
N CYS B 345 -47.17 0.07 39.62
CA CYS B 345 -48.37 0.02 40.45
C CYS B 345 -48.75 -1.43 40.62
N ARG B 346 -49.92 -1.67 41.19
CA ARG B 346 -50.43 -3.02 41.37
C ARG B 346 -51.89 -3.06 40.98
N LEU B 347 -52.29 -4.15 40.33
CA LEU B 347 -53.68 -4.34 39.90
C LEU B 347 -54.28 -5.36 40.85
N GLU B 348 -54.85 -4.86 41.95
CA GLU B 348 -55.37 -5.74 42.99
C GLU B 348 -56.56 -6.55 42.52
N GLY B 349 -57.38 -6.01 41.63
CA GLY B 349 -58.58 -6.67 41.17
C GLY B 349 -58.38 -7.64 40.03
N PHE B 350 -57.14 -7.90 39.64
CA PHE B 350 -56.85 -8.75 38.49
C PHE B 350 -55.84 -9.82 38.89
N PRO B 351 -55.90 -11.00 38.24
CA PRO B 351 -55.06 -12.12 38.69
C PRO B 351 -53.57 -11.82 38.68
N GLN B 352 -53.09 -11.04 37.72
CA GLN B 352 -51.68 -10.68 37.65
C GLN B 352 -51.40 -9.63 38.72
N GLU B 353 -51.33 -10.10 39.97
CA GLU B 353 -51.06 -9.21 41.10
C GLU B 353 -49.70 -8.54 40.94
N ASN B 354 -48.64 -9.34 40.92
CA ASN B 354 -47.26 -8.85 40.82
C ASN B 354 -46.99 -7.81 41.91
N SER B 355 -47.02 -8.30 43.14
CA SER B 355 -46.88 -7.43 44.30
C SER B 355 -45.50 -6.80 44.42
N LYS B 356 -44.61 -6.97 43.45
CA LYS B 356 -43.28 -6.39 43.56
C LYS B 356 -43.34 -4.87 43.66
N TYR B 357 -44.22 -4.24 42.87
CA TYR B 357 -44.40 -2.81 42.96
C TYR B 357 -45.11 -2.45 44.26
N ASN B 358 -44.59 -1.45 44.97
CA ASN B 358 -45.12 -1.12 46.28
C ASN B 358 -46.49 -0.45 46.19
N LYS B 359 -46.63 0.53 45.32
CA LYS B 359 -47.82 1.35 45.31
C LYS B 359 -48.94 0.68 44.53
N THR B 360 -50.12 1.31 44.59
CA THR B 360 -51.31 0.82 43.91
C THR B 360 -51.89 1.94 43.07
N CYS B 361 -52.13 1.67 41.79
CA CYS B 361 -52.52 2.70 40.84
C CYS B 361 -54.04 2.85 40.76
N ASN B 362 -54.48 4.10 40.74
CA ASN B 362 -55.89 4.43 40.75
C ASN B 362 -56.49 4.28 39.36
N SER B 363 -57.80 4.51 39.26
CA SER B 363 -58.48 4.53 37.97
C SER B 363 -58.32 5.90 37.33
N SER B 364 -57.10 6.39 37.26
CA SER B 364 -56.80 7.68 36.67
C SER B 364 -55.57 7.65 35.77
N LEU B 365 -54.75 6.61 35.84
CA LEU B 365 -53.60 6.52 34.96
C LEU B 365 -54.05 6.14 33.56
N THR B 366 -53.57 6.89 32.57
CA THR B 366 -53.94 6.68 31.19
C THR B 366 -52.69 6.60 30.34
N LEU B 367 -52.83 5.96 29.18
CA LEU B 367 -51.71 5.81 28.27
C LEU B 367 -51.37 7.10 27.54
N LYS B 368 -52.18 8.15 27.71
CA LYS B 368 -51.94 9.39 26.98
C LYS B 368 -50.60 10.00 27.36
N THR B 369 -50.23 9.94 28.64
CA THR B 369 -49.01 10.56 29.09
C THR B 369 -47.80 9.79 28.56
N HIS B 370 -46.89 10.50 27.90
CA HIS B 370 -45.65 9.93 27.38
C HIS B 370 -45.92 8.73 26.47
N HIS B 371 -46.72 8.96 25.45
CA HIS B 371 -47.06 7.91 24.49
C HIS B 371 -46.21 8.10 23.24
N VAL B 372 -45.49 7.06 22.86
CA VAL B 372 -44.69 7.03 21.65
C VAL B 372 -45.15 5.86 20.80
N GLN B 373 -45.47 6.13 19.54
CA GLN B 373 -45.77 5.08 18.58
C GLN B 373 -44.53 4.88 17.72
N ASP B 374 -44.07 3.64 17.63
CA ASP B 374 -42.78 3.37 17.01
C ASP B 374 -42.78 3.75 15.54
N SER B 375 -41.59 3.76 14.96
CA SER B 375 -41.46 4.05 13.54
C SER B 375 -42.06 2.93 12.69
N LYS B 376 -41.81 1.69 13.05
CA LYS B 376 -42.25 0.57 12.23
C LYS B 376 -43.65 0.10 12.60
N MET B 377 -44.59 1.04 12.69
CA MET B 377 -45.99 0.67 12.80
C MET B 377 -46.66 0.59 11.45
N GLY B 378 -46.41 1.56 10.57
CA GLY B 378 -46.91 1.46 9.21
C GLY B 378 -46.48 0.18 8.53
N PHE B 379 -45.33 -0.35 8.92
CA PHE B 379 -44.85 -1.58 8.28
C PHE B 379 -45.63 -2.80 8.78
N VAL B 380 -45.94 -2.87 10.07
CA VAL B 380 -46.74 -3.99 10.57
C VAL B 380 -48.13 -3.96 9.97
N ILE B 381 -48.76 -2.78 9.95
CA ILE B 381 -50.09 -2.65 9.37
C ILE B 381 -50.05 -3.01 7.88
N ASN B 382 -49.04 -2.52 7.17
CA ASN B 382 -48.95 -2.81 5.75
C ASN B 382 -48.69 -4.28 5.50
N ALA B 383 -47.92 -4.94 6.37
CA ALA B 383 -47.68 -6.37 6.18
C ALA B 383 -48.96 -7.17 6.36
N ILE B 384 -49.73 -6.86 7.40
CA ILE B 384 -50.99 -7.58 7.59
C ILE B 384 -51.95 -7.27 6.45
N TYR B 385 -51.97 -6.03 5.97
CA TYR B 385 -52.83 -5.69 4.83
C TYR B 385 -52.38 -6.42 3.58
N SER B 386 -51.07 -6.60 3.40
CA SER B 386 -50.57 -7.37 2.27
C SER B 386 -51.03 -8.81 2.36
N MET B 387 -50.98 -9.40 3.56
CA MET B 387 -51.52 -10.74 3.72
C MET B 387 -53.01 -10.79 3.38
N ALA B 388 -53.77 -9.81 3.89
CA ALA B 388 -55.20 -9.80 3.63
C ALA B 388 -55.50 -9.66 2.15
N TYR B 389 -54.77 -8.80 1.45
CA TYR B 389 -55.00 -8.61 0.03
C TYR B 389 -54.55 -9.82 -0.78
N GLY B 390 -53.47 -10.48 -0.38
CA GLY B 390 -53.11 -11.71 -1.04
C GLY B 390 -54.19 -12.76 -0.90
N LEU B 391 -54.75 -12.91 0.31
CA LEU B 391 -55.84 -13.84 0.50
C LEU B 391 -57.07 -13.44 -0.30
N HIS B 392 -57.37 -12.14 -0.37
CA HIS B 392 -58.53 -11.66 -1.11
C HIS B 392 -58.37 -11.92 -2.60
N ASN B 393 -57.18 -11.68 -3.14
CA ASN B 393 -56.94 -11.97 -4.56
C ASN B 393 -57.01 -13.46 -4.82
N MET B 394 -56.49 -14.29 -3.91
CA MET B 394 -56.65 -15.72 -4.05
C MET B 394 -58.12 -16.11 -4.12
N GLN B 395 -58.93 -15.59 -3.20
CA GLN B 395 -60.34 -15.96 -3.18
C GLN B 395 -61.04 -15.49 -4.44
N MET B 396 -60.70 -14.29 -4.92
CA MET B 396 -61.32 -13.79 -6.15
C MET B 396 -60.95 -14.64 -7.35
N SER B 397 -59.68 -15.04 -7.45
CA SER B 397 -59.24 -15.78 -8.62
C SER B 397 -59.76 -17.22 -8.62
N LEU B 398 -59.76 -17.86 -7.46
CA LEU B 398 -60.16 -19.27 -7.42
C LEU B 398 -61.66 -19.43 -7.59
N CYS B 399 -62.45 -18.60 -6.92
CA CYS B 399 -63.90 -18.66 -6.98
C CYS B 399 -64.46 -17.27 -7.25
N PRO B 400 -64.40 -16.80 -8.50
CA PRO B 400 -64.93 -15.47 -8.81
C PRO B 400 -66.41 -15.33 -8.51
N GLY B 401 -67.18 -16.40 -8.68
CA GLY B 401 -68.59 -16.33 -8.40
C GLY B 401 -68.87 -16.30 -6.90
N TYR B 402 -68.41 -17.32 -6.19
CA TYR B 402 -68.75 -17.45 -4.78
C TYR B 402 -68.09 -16.35 -3.96
N ALA B 403 -68.89 -15.63 -3.18
CA ALA B 403 -68.41 -14.56 -2.32
C ALA B 403 -68.21 -15.07 -0.89
N GLY B 404 -67.36 -16.07 -0.76
CA GLY B 404 -67.09 -16.67 0.53
C GLY B 404 -65.97 -17.68 0.48
N LEU B 405 -66.16 -18.80 1.17
CA LEU B 405 -65.17 -19.87 1.21
C LEU B 405 -65.59 -20.95 0.22
N CYS B 406 -65.09 -20.83 -1.01
CA CYS B 406 -65.37 -21.83 -2.03
C CYS B 406 -64.75 -23.16 -1.64
N ASP B 407 -65.44 -24.24 -1.98
CA ASP B 407 -65.01 -25.57 -1.57
C ASP B 407 -63.69 -25.98 -2.20
N ALA B 408 -63.28 -25.33 -3.29
CA ALA B 408 -61.98 -25.61 -3.88
C ALA B 408 -60.86 -24.86 -3.19
N MET B 409 -61.17 -23.96 -2.27
CA MET B 409 -60.16 -23.21 -1.55
C MET B 409 -60.14 -23.53 -0.05
N LYS B 410 -61.01 -24.42 0.43
CA LYS B 410 -60.97 -24.79 1.84
C LYS B 410 -59.62 -25.36 2.26
N PRO B 411 -59.03 -26.33 1.55
CA PRO B 411 -57.64 -26.67 1.89
C PRO B 411 -56.69 -25.70 1.18
N ILE B 412 -56.47 -24.56 1.83
CA ILE B 412 -55.69 -23.48 1.23
C ILE B 412 -54.31 -24.01 0.87
N ASP B 413 -54.00 -24.02 -0.42
CA ASP B 413 -52.68 -24.42 -0.88
C ASP B 413 -51.69 -23.28 -0.63
N GLY B 414 -50.57 -23.60 0.01
CA GLY B 414 -49.61 -22.56 0.32
C GLY B 414 -48.99 -21.94 -0.92
N ARG B 415 -48.66 -22.76 -1.92
CA ARG B 415 -47.95 -22.26 -3.08
C ARG B 415 -48.79 -21.27 -3.87
N LYS B 416 -50.09 -21.55 -4.01
CA LYS B 416 -50.95 -20.61 -4.73
C LYS B 416 -51.04 -19.28 -4.00
N LEU B 417 -51.15 -19.32 -2.68
CA LEU B 417 -51.20 -18.08 -1.92
C LEU B 417 -49.90 -17.30 -2.06
N LEU B 418 -48.76 -17.99 -2.01
CA LEU B 418 -47.51 -17.29 -2.19
C LEU B 418 -47.40 -16.67 -3.57
N GLU B 419 -47.81 -17.41 -4.60
CA GLU B 419 -47.75 -16.88 -5.96
C GLU B 419 -48.66 -15.67 -6.11
N SER B 420 -49.85 -15.71 -5.51
CA SER B 420 -50.72 -14.55 -5.53
C SER B 420 -50.09 -13.39 -4.77
N LEU B 421 -49.49 -13.67 -3.61
CA LEU B 421 -48.92 -12.62 -2.79
C LEU B 421 -47.79 -11.91 -3.50
N MET B 422 -47.05 -12.63 -4.34
CA MET B 422 -45.90 -12.03 -5.00
C MET B 422 -46.27 -10.85 -5.87
N LYS B 423 -47.55 -10.71 -6.24
CA LYS B 423 -47.97 -9.66 -7.17
C LYS B 423 -49.16 -8.86 -6.66
N THR B 424 -49.44 -8.89 -5.37
CA THR B 424 -50.61 -8.19 -4.82
C THR B 424 -50.24 -6.75 -4.50
N ALA B 425 -50.53 -5.86 -5.44
CA ALA B 425 -50.36 -4.43 -5.20
C ALA B 425 -51.64 -3.86 -4.62
N PHE B 426 -51.49 -3.00 -3.62
CA PHE B 426 -52.62 -2.39 -2.94
C PHE B 426 -52.19 -1.03 -2.43
N THR B 427 -52.97 -0.46 -1.53
CA THR B 427 -52.70 0.86 -0.96
C THR B 427 -52.44 0.72 0.53
N GLY B 428 -51.22 1.04 0.96
CA GLY B 428 -50.88 0.95 2.36
C GLY B 428 -51.56 2.05 3.15
N VAL B 429 -51.53 1.89 4.48
CA VAL B 429 -52.18 2.87 5.34
C VAL B 429 -51.48 4.22 5.21
N SER B 430 -50.20 4.21 4.84
CA SER B 430 -49.50 5.48 4.62
C SER B 430 -50.13 6.25 3.48
N GLY B 431 -50.50 5.57 2.40
CA GLY B 431 -51.12 6.21 1.27
C GLY B 431 -50.55 5.77 -0.06
N ASP B 432 -49.26 5.47 -0.10
CA ASP B 432 -48.64 4.99 -1.33
C ASP B 432 -49.04 3.55 -1.60
N THR B 433 -48.67 3.06 -2.77
CA THR B 433 -48.99 1.70 -3.16
C THR B 433 -47.86 0.76 -2.79
N ILE B 434 -48.22 -0.47 -2.43
CA ILE B 434 -47.27 -1.46 -1.93
C ILE B 434 -47.12 -2.55 -2.99
N LEU B 435 -45.89 -2.78 -3.44
CA LEU B 435 -45.60 -3.79 -4.44
C LEU B 435 -44.44 -4.66 -3.97
N PHE B 436 -44.47 -5.91 -4.37
CA PHE B 436 -43.39 -6.85 -4.10
C PHE B 436 -42.65 -7.10 -5.40
N ASP B 437 -41.36 -6.77 -5.43
CA ASP B 437 -40.57 -7.01 -6.63
C ASP B 437 -40.19 -8.49 -6.70
N GLU B 438 -39.28 -8.83 -7.61
CA GLU B 438 -38.95 -10.22 -7.83
C GLU B 438 -38.33 -10.89 -6.61
N ASN B 439 -37.74 -10.11 -5.71
CA ASN B 439 -37.13 -10.63 -4.50
C ASN B 439 -38.02 -10.47 -3.27
N GLY B 440 -39.26 -10.05 -3.46
CA GLY B 440 -40.16 -9.93 -2.34
C GLY B 440 -39.92 -8.75 -1.43
N ASP B 441 -39.11 -7.78 -1.85
CA ASP B 441 -38.88 -6.59 -1.07
C ASP B 441 -39.98 -5.57 -1.38
N SER B 442 -39.76 -4.32 -1.00
CA SER B 442 -40.64 -3.24 -1.38
C SER B 442 -39.83 -1.96 -1.34
N PRO B 443 -40.11 -1.00 -2.22
CA PRO B 443 -39.36 0.24 -2.20
C PRO B 443 -39.63 1.06 -0.95
N GLY B 444 -38.64 1.81 -0.51
CA GLY B 444 -38.76 2.64 0.67
C GLY B 444 -37.75 3.75 0.68
N ARG B 445 -38.11 4.84 1.34
CA ARG B 445 -37.22 5.98 1.49
C ARG B 445 -36.45 5.85 2.80
N TYR B 446 -35.78 6.93 3.21
CA TYR B 446 -35.11 6.99 4.49
C TYR B 446 -35.20 8.40 5.03
N GLU B 447 -35.05 8.51 6.34
CA GLU B 447 -35.13 9.79 7.03
C GLU B 447 -33.95 9.85 7.98
N ILE B 448 -32.96 10.66 7.65
CA ILE B 448 -31.75 10.71 8.45
C ILE B 448 -32.02 11.51 9.72
N MET B 449 -32.28 10.80 10.81
CA MET B 449 -32.50 11.46 12.09
C MET B 449 -31.19 12.01 12.61
N ASN B 450 -31.27 12.85 13.64
CA ASN B 450 -30.07 13.39 14.26
C ASN B 450 -30.40 13.78 15.70
N PHE B 451 -29.94 12.97 16.65
CA PHE B 451 -30.15 13.28 18.05
C PHE B 451 -29.52 14.62 18.39
N LYS B 452 -30.23 15.44 19.15
CA LYS B 452 -29.72 16.76 19.47
C LYS B 452 -30.37 17.25 20.76
N GLU B 453 -29.75 18.27 21.35
CA GLU B 453 -30.20 18.86 22.61
C GLU B 453 -30.88 20.19 22.29
N MET B 454 -32.18 20.14 22.02
CA MET B 454 -32.91 21.35 21.69
C MET B 454 -32.94 22.32 22.87
N GLY B 455 -33.22 21.82 24.06
CA GLY B 455 -33.31 22.66 25.24
C GLY B 455 -32.59 22.03 26.42
N LYS B 456 -32.45 22.84 27.47
CA LYS B 456 -31.77 22.37 28.67
C LYS B 456 -32.51 21.19 29.28
N ASP B 457 -31.76 20.12 29.58
CA ASP B 457 -32.35 18.87 30.08
C ASP B 457 -33.44 18.38 29.13
N TYR B 458 -33.18 18.48 27.83
CA TYR B 458 -34.19 18.15 26.83
C TYR B 458 -33.47 17.71 25.56
N PHE B 459 -33.76 16.50 25.12
CA PHE B 459 -33.13 15.95 23.93
C PHE B 459 -34.20 15.28 23.09
N ASP B 460 -34.10 15.43 21.77
CA ASP B 460 -35.13 14.90 20.90
C ASP B 460 -34.52 14.61 19.54
N TYR B 461 -34.85 13.45 18.99
CA TYR B 461 -34.39 13.13 17.64
C TYR B 461 -34.97 14.15 16.68
N ILE B 462 -34.12 14.69 15.82
CA ILE B 462 -34.53 15.68 14.84
C ILE B 462 -34.16 15.17 13.46
N ASN B 463 -35.06 15.38 12.51
CA ASN B 463 -34.87 14.91 11.15
C ASN B 463 -34.10 15.95 10.35
N VAL B 464 -33.03 15.52 9.69
CA VAL B 464 -32.20 16.48 8.96
C VAL B 464 -31.85 15.98 7.57
N GLY B 465 -32.57 14.99 7.06
CA GLY B 465 -32.16 14.49 5.77
C GLY B 465 -33.19 13.59 5.13
N SER B 466 -32.76 12.96 4.04
CA SER B 466 -33.55 11.98 3.32
C SER B 466 -32.63 11.17 2.43
N TRP B 467 -33.16 10.08 1.89
CA TRP B 467 -32.38 9.23 0.99
C TRP B 467 -33.34 8.32 0.25
N ASP B 468 -33.44 8.49 -1.06
CA ASP B 468 -34.32 7.65 -1.87
C ASP B 468 -33.68 7.44 -3.22
N ASN B 469 -33.21 6.22 -3.47
CA ASN B 469 -32.60 5.84 -4.75
C ASN B 469 -31.39 6.72 -5.06
N GLY B 470 -30.38 6.62 -4.21
CA GLY B 470 -29.09 7.20 -4.48
C GLY B 470 -28.96 8.68 -4.22
N GLU B 471 -30.02 9.35 -3.80
CA GLU B 471 -30.00 10.79 -3.56
C GLU B 471 -29.99 11.05 -2.06
N LEU B 472 -29.03 11.83 -1.60
CA LEU B 472 -28.91 12.18 -0.19
C LEU B 472 -29.07 13.69 -0.04
N LYS B 473 -30.28 14.12 0.32
CA LYS B 473 -30.53 15.51 0.65
C LYS B 473 -30.49 15.63 2.17
N MET B 474 -29.65 16.52 2.66
CA MET B 474 -29.47 16.66 4.11
C MET B 474 -28.89 18.03 4.39
N ASP B 475 -29.67 18.90 5.01
CA ASP B 475 -29.19 20.24 5.31
C ASP B 475 -28.22 20.20 6.48
N ASP B 476 -27.06 20.82 6.30
CA ASP B 476 -26.01 20.85 7.31
C ASP B 476 -26.16 22.02 8.27
N ASP B 477 -27.37 22.53 8.46
CA ASP B 477 -27.60 23.65 9.37
C ASP B 477 -28.26 23.21 10.66
N GLU B 478 -29.31 22.38 10.59
CA GLU B 478 -29.89 21.84 11.81
C GLU B 478 -28.88 20.98 12.55
N VAL B 479 -28.13 20.17 11.83
CA VAL B 479 -26.98 19.47 12.39
C VAL B 479 -25.75 20.36 12.24
N TRP B 480 -24.98 20.50 13.30
CA TRP B 480 -23.78 21.33 13.32
C TRP B 480 -24.14 22.78 12.98
N SER B 481 -24.89 23.40 13.90
CA SER B 481 -25.28 24.79 13.72
C SER B 481 -24.09 25.68 14.01
N LYS B 482 -22.99 25.42 13.31
CA LYS B 482 -21.71 26.11 13.45
C LYS B 482 -20.81 25.57 12.36
N LYS B 483 -19.54 25.97 12.38
CA LYS B 483 -18.53 25.33 11.55
C LYS B 483 -17.59 24.44 12.34
N SER B 484 -17.69 24.44 13.66
CA SER B 484 -16.87 23.55 14.49
C SER B 484 -17.58 22.21 14.63
N ASN B 485 -17.63 21.49 13.52
CA ASN B 485 -18.24 20.17 13.49
C ASN B 485 -17.39 19.18 14.27
N ILE B 486 -17.76 17.89 14.20
CA ILE B 486 -16.93 16.87 14.82
C ILE B 486 -15.58 16.84 14.11
N ILE B 487 -14.55 16.50 14.87
CA ILE B 487 -13.21 16.40 14.31
C ILE B 487 -13.23 15.41 13.17
N ARG B 488 -12.87 15.86 11.98
CA ARG B 488 -12.88 15.01 10.81
C ARG B 488 -12.13 13.73 11.08
N SER B 489 -12.82 12.60 10.95
CA SER B 489 -12.20 11.30 11.17
C SER B 489 -11.29 10.99 9.98
N VAL B 490 -10.13 11.66 9.98
CA VAL B 490 -9.14 11.53 8.93
C VAL B 490 -7.82 11.12 9.56
N CYS B 491 -7.19 10.10 8.99
CA CYS B 491 -5.95 9.59 9.56
C CYS B 491 -4.81 10.59 9.42
N SER B 492 -4.61 11.11 8.22
CA SER B 492 -3.54 12.06 7.96
C SER B 492 -4.11 13.30 7.29
N GLU B 493 -3.67 14.46 7.76
CA GLU B 493 -4.13 15.70 7.19
C GLU B 493 -3.62 15.84 5.76
N PRO B 494 -4.36 16.52 4.89
CA PRO B 494 -3.90 16.70 3.51
C PRO B 494 -2.59 17.47 3.49
N CYS B 495 -1.71 17.08 2.58
CA CYS B 495 -0.39 17.68 2.43
C CYS B 495 -0.08 17.94 0.96
N GLU B 496 -1.04 18.56 0.27
CA GLU B 496 -0.88 18.84 -1.15
C GLU B 496 -0.29 20.24 -1.36
N LYS B 497 0.82 20.51 -0.69
CA LYS B 497 1.48 21.82 -0.74
C LYS B 497 2.85 21.63 -1.37
N GLY B 498 2.88 21.65 -2.70
CA GLY B 498 4.13 21.57 -3.42
C GLY B 498 4.83 20.23 -3.33
N GLN B 499 6.03 20.21 -2.74
CA GLN B 499 6.89 19.04 -2.79
C GLN B 499 6.37 17.88 -1.96
N ILE B 500 5.58 18.14 -0.92
CA ILE B 500 5.19 17.07 -0.01
C ILE B 500 4.19 16.14 -0.70
N LYS B 501 4.61 14.90 -0.92
CA LYS B 501 3.77 13.83 -1.41
C LYS B 501 3.29 12.97 -0.24
N VAL B 502 2.70 11.82 -0.54
CA VAL B 502 2.22 10.90 0.48
C VAL B 502 2.85 9.52 0.26
N ILE B 503 3.25 8.87 1.34
CA ILE B 503 3.73 7.49 1.28
C ILE B 503 3.07 6.70 2.40
N ARG B 504 2.80 5.43 2.14
CA ARG B 504 2.10 4.54 3.05
C ARG B 504 2.93 3.28 3.21
N LYS B 505 3.32 2.96 4.45
CA LYS B 505 4.32 1.92 4.64
C LYS B 505 3.70 0.52 4.61
N GLY B 506 2.94 0.16 5.65
CA GLY B 506 2.34 -1.16 5.69
C GLY B 506 1.02 -1.20 6.43
N GLU B 507 0.50 -0.03 6.81
CA GLU B 507 -0.62 0.02 7.74
C GLU B 507 -1.96 -0.05 7.02
N VAL B 508 -2.24 0.94 6.17
CA VAL B 508 -3.51 0.99 5.44
C VAL B 508 -3.35 2.05 4.36
N SER B 509 -4.24 2.01 3.37
CA SER B 509 -4.19 2.94 2.24
C SER B 509 -4.73 4.31 2.58
N CYS B 510 -4.87 4.63 3.86
CA CYS B 510 -5.57 5.84 4.27
C CYS B 510 -4.70 6.69 5.17
N CYS B 511 -3.80 6.05 5.91
CA CYS B 511 -2.84 6.74 6.75
C CYS B 511 -1.51 6.81 6.01
N TRP B 512 -1.00 8.03 5.84
CA TRP B 512 0.26 8.25 5.14
C TRP B 512 1.09 9.24 5.94
N THR B 513 2.40 9.16 5.75
CA THR B 513 3.34 10.11 6.33
C THR B 513 3.85 10.99 5.19
N CYS B 514 3.43 12.25 5.18
CA CYS B 514 3.77 13.14 4.09
C CYS B 514 5.26 13.43 4.08
N THR B 515 5.85 13.40 2.88
CA THR B 515 7.26 13.72 2.72
C THR B 515 7.45 14.53 1.44
N PRO B 516 8.37 15.50 1.44
CA PRO B 516 8.69 16.22 0.21
C PRO B 516 9.88 15.62 -0.51
N CYS B 517 9.81 15.63 -1.83
CA CYS B 517 10.94 15.23 -2.65
C CYS B 517 11.70 16.46 -3.15
N LYS B 518 12.86 16.21 -3.75
CA LYS B 518 13.80 17.28 -4.06
C LYS B 518 13.20 18.25 -5.06
N GLU B 519 13.75 19.46 -5.07
CA GLU B 519 13.28 20.51 -5.99
C GLU B 519 13.54 20.15 -7.44
N ASN B 520 14.42 19.18 -7.71
CA ASN B 520 14.67 18.79 -9.08
C ASN B 520 13.45 18.12 -9.71
N GLU B 521 12.63 17.46 -8.90
CA GLU B 521 11.51 16.68 -9.39
C GLU B 521 10.19 17.37 -9.10
N TYR B 522 9.14 16.85 -9.73
CA TYR B 522 7.78 17.34 -9.54
C TYR B 522 6.88 16.14 -9.30
N VAL B 523 5.73 16.40 -8.70
CA VAL B 523 4.81 15.33 -8.34
C VAL B 523 4.28 14.69 -9.63
N PHE B 524 4.61 13.42 -9.82
CA PHE B 524 4.06 12.69 -10.97
C PHE B 524 2.62 12.31 -10.72
N ASP B 525 2.32 11.85 -9.51
CA ASP B 525 0.95 11.57 -9.09
C ASP B 525 0.88 11.85 -7.59
N GLU B 526 -0.18 11.36 -6.96
CA GLU B 526 -0.31 11.52 -5.52
C GLU B 526 0.81 10.79 -4.77
N TYR B 527 1.16 9.59 -5.23
CA TYR B 527 2.11 8.73 -4.53
C TYR B 527 3.46 8.63 -5.23
N THR B 528 3.69 9.42 -6.27
CA THR B 528 4.96 9.36 -6.98
C THR B 528 5.34 10.75 -7.50
N CYS B 529 6.60 11.11 -7.29
CA CYS B 529 7.18 12.31 -7.90
C CYS B 529 8.47 11.91 -8.59
N LYS B 530 8.58 12.23 -9.87
CA LYS B 530 9.72 11.85 -10.69
C LYS B 530 10.29 13.06 -11.38
N ALA B 531 11.62 13.15 -11.40
CA ALA B 531 12.29 14.29 -12.03
C ALA B 531 12.27 14.13 -13.55
N CYS B 532 12.15 15.27 -14.24
CA CYS B 532 12.26 15.29 -15.68
C CYS B 532 13.74 15.30 -16.09
N GLN B 533 13.99 15.28 -17.39
CA GLN B 533 15.32 15.05 -17.92
C GLN B 533 16.25 16.21 -17.58
N LEU B 534 17.51 16.09 -18.02
CA LEU B 534 18.57 16.97 -17.55
C LEU B 534 18.26 18.44 -17.83
N GLY B 535 17.88 18.76 -19.06
CA GLY B 535 17.49 20.13 -19.33
C GLY B 535 16.00 20.33 -19.17
N SER B 536 15.60 20.73 -17.97
CA SER B 536 14.18 20.85 -17.61
C SER B 536 14.10 21.34 -16.17
N TRP B 537 12.88 21.66 -15.75
CA TRP B 537 12.67 22.14 -14.39
C TRP B 537 11.21 21.97 -14.05
N PRO B 538 10.86 21.58 -12.82
CA PRO B 538 9.45 21.50 -12.45
C PRO B 538 8.81 22.88 -12.51
N THR B 539 7.53 22.89 -12.87
CA THR B 539 6.79 24.14 -12.98
C THR B 539 6.49 24.70 -11.59
N ASP B 540 5.72 25.78 -11.56
CA ASP B 540 5.30 26.36 -10.29
C ASP B 540 4.42 25.37 -9.54
N ASP B 541 4.64 25.30 -8.23
CA ASP B 541 3.98 24.34 -7.33
C ASP B 541 4.20 22.90 -7.76
N LEU B 542 5.18 22.65 -8.63
CA LEU B 542 5.57 21.30 -9.04
C LEU B 542 4.42 20.56 -9.70
N THR B 543 3.47 21.30 -10.28
CA THR B 543 2.37 20.65 -10.98
C THR B 543 2.87 19.88 -12.20
N GLY B 544 3.78 20.48 -12.96
CA GLY B 544 4.38 19.83 -14.10
C GLY B 544 5.87 20.09 -14.17
N CYS B 545 6.45 19.95 -15.35
CA CYS B 545 7.86 20.25 -15.56
C CYS B 545 8.01 21.13 -16.79
N ASP B 546 8.99 22.03 -16.75
CA ASP B 546 9.22 22.98 -17.82
C ASP B 546 10.71 23.03 -18.16
N LEU B 547 11.00 23.34 -19.42
CA LEU B 547 12.38 23.42 -19.87
C LEU B 547 13.05 24.65 -19.28
N ILE B 548 14.31 24.50 -18.90
CA ILE B 548 15.08 25.63 -18.37
C ILE B 548 15.25 26.68 -19.47
N PRO B 549 15.05 27.95 -19.19
CA PRO B 549 15.31 28.97 -20.22
C PRO B 549 16.80 29.11 -20.48
N VAL B 550 17.27 28.58 -21.61
CA VAL B 550 18.68 28.66 -21.93
C VAL B 550 19.05 30.09 -22.27
N GLN B 551 20.29 30.45 -21.95
CA GLN B 551 20.80 31.79 -22.25
C GLN B 551 22.18 31.67 -22.89
N TYR B 552 22.50 32.62 -23.73
CA TYR B 552 23.80 32.69 -24.39
C TYR B 552 24.55 33.92 -23.90
N LEU B 553 25.76 34.09 -24.45
CA LEU B 553 26.60 35.23 -24.07
C LEU B 553 25.90 36.52 -24.47
N ARG B 554 25.42 37.26 -23.48
CA ARG B 554 24.62 38.44 -23.75
C ARG B 554 25.46 39.53 -24.43
N TRP B 555 24.82 40.27 -25.33
CA TRP B 555 25.46 41.42 -25.94
C TRP B 555 25.76 42.50 -24.91
N GLY B 556 24.83 42.73 -23.99
CA GLY B 556 25.02 43.75 -22.97
C GLY B 556 25.55 43.17 -21.67
N ASP B 557 26.85 43.32 -21.45
CA ASP B 557 27.53 42.78 -20.28
C ASP B 557 28.94 43.35 -20.25
N PRO B 558 29.50 43.63 -19.06
CA PRO B 558 30.82 44.28 -19.01
C PRO B 558 31.90 43.60 -19.84
N GLU B 559 32.16 42.31 -19.62
CA GLU B 559 33.21 41.63 -20.37
C GLU B 559 32.93 41.57 -21.87
N PRO B 560 31.73 41.21 -22.34
CA PRO B 560 31.46 41.26 -23.78
C PRO B 560 31.64 42.64 -24.39
N ILE B 561 31.16 43.69 -23.71
CA ILE B 561 31.31 45.03 -24.24
C ILE B 561 32.79 45.40 -24.32
N ALA B 562 33.57 45.05 -23.28
CA ALA B 562 35.00 45.33 -23.30
C ALA B 562 35.66 44.60 -24.47
N ALA B 563 35.30 43.34 -24.69
CA ALA B 563 35.91 42.57 -25.77
C ALA B 563 35.59 43.18 -27.13
N VAL B 564 34.33 43.56 -27.35
CA VAL B 564 33.97 44.08 -28.66
C VAL B 564 34.59 45.45 -28.89
N VAL B 565 34.69 46.27 -27.85
CA VAL B 565 35.36 47.57 -27.99
C VAL B 565 36.84 47.37 -28.27
N PHE B 566 37.45 46.38 -27.61
CA PHE B 566 38.84 46.04 -27.88
C PHE B 566 39.01 45.66 -29.34
N ALA B 567 38.10 44.84 -29.86
CA ALA B 567 38.16 44.45 -31.26
C ALA B 567 38.00 45.66 -32.18
N CYS B 568 37.11 46.57 -31.83
CA CYS B 568 36.88 47.76 -32.64
C CYS B 568 38.13 48.64 -32.71
N LEU B 569 38.75 48.89 -31.56
CA LEU B 569 39.94 49.74 -31.56
C LEU B 569 41.10 49.05 -32.28
N GLY B 570 41.26 47.74 -32.07
CA GLY B 570 42.29 47.02 -32.81
C GLY B 570 42.07 47.09 -34.31
N LEU B 571 40.82 46.95 -34.75
CA LEU B 571 40.50 47.07 -36.16
C LEU B 571 40.86 48.46 -36.68
N LEU B 572 40.49 49.49 -35.92
CA LEU B 572 40.81 50.85 -36.34
C LEU B 572 42.31 51.00 -36.56
N ALA B 573 43.11 50.53 -35.59
CA ALA B 573 44.56 50.62 -35.74
C ALA B 573 45.04 49.81 -36.94
N THR B 574 44.47 48.63 -37.15
CA THR B 574 44.97 47.77 -38.23
C THR B 574 44.72 48.38 -39.60
N LEU B 575 43.47 48.79 -39.88
CA LEU B 575 43.25 49.43 -41.17
C LEU B 575 43.98 50.77 -41.29
N PHE B 576 44.26 51.46 -40.18
CA PHE B 576 45.14 52.61 -40.28
C PHE B 576 46.52 52.21 -40.78
N VAL B 577 47.04 51.10 -40.26
CA VAL B 577 48.35 50.61 -40.70
C VAL B 577 48.30 50.21 -42.18
N THR B 578 47.22 49.55 -42.60
CA THR B 578 47.10 49.18 -44.02
C THR B 578 47.06 50.41 -44.90
N VAL B 579 46.31 51.44 -44.50
CA VAL B 579 46.24 52.67 -45.28
C VAL B 579 47.62 53.31 -45.39
N VAL B 580 48.33 53.38 -44.26
CA VAL B 580 49.67 53.98 -44.28
C VAL B 580 50.59 53.17 -45.20
N PHE B 581 50.50 51.84 -45.14
CA PHE B 581 51.30 51.01 -46.02
C PHE B 581 50.96 51.28 -47.48
N ILE B 582 49.67 51.38 -47.80
CA ILE B 582 49.27 51.55 -49.18
C ILE B 582 49.76 52.90 -49.72
N ILE B 583 49.65 53.96 -48.92
CA ILE B 583 50.07 55.27 -49.41
C ILE B 583 51.58 55.31 -49.58
N TYR B 584 52.33 54.68 -48.68
CA TYR B 584 53.77 54.57 -48.83
C TYR B 584 54.15 53.20 -49.39
N ARG B 585 53.66 52.93 -50.60
CA ARG B 585 53.73 51.58 -51.14
C ARG B 585 55.16 51.19 -51.53
N ASP B 586 55.91 52.14 -52.12
CA ASP B 586 57.20 51.83 -52.72
C ASP B 586 58.34 52.59 -52.04
N THR B 587 58.28 52.66 -50.71
CA THR B 587 59.33 53.38 -49.98
C THR B 587 60.58 52.51 -49.91
N PRO B 588 61.74 53.02 -50.34
CA PRO B 588 62.91 52.14 -50.52
C PRO B 588 63.41 51.45 -49.26
N VAL B 589 63.25 52.04 -48.08
CA VAL B 589 63.77 51.39 -46.88
C VAL B 589 62.99 50.11 -46.58
N VAL B 590 61.68 50.12 -46.82
CA VAL B 590 60.87 48.94 -46.60
C VAL B 590 60.88 48.07 -47.84
N LYS B 591 61.72 48.43 -48.81
CA LYS B 591 61.89 47.61 -49.99
C LYS B 591 62.91 46.50 -49.73
N SER B 592 62.72 45.77 -48.65
CA SER B 592 63.52 44.59 -48.33
C SER B 592 62.68 43.34 -48.18
N SER B 593 61.53 43.44 -47.53
CA SER B 593 60.57 42.36 -47.42
C SER B 593 59.53 42.49 -48.52
N SER B 594 58.78 41.41 -48.74
CA SER B 594 57.76 41.40 -49.77
C SER B 594 56.66 42.40 -49.44
N ARG B 595 56.18 43.10 -50.46
CA ARG B 595 55.05 44.00 -50.28
C ARG B 595 53.83 43.22 -49.82
N GLU B 596 53.59 42.05 -50.41
CA GLU B 596 52.46 41.23 -49.99
C GLU B 596 52.67 40.63 -48.61
N LEU B 597 53.94 40.41 -48.22
CA LEU B 597 54.19 39.81 -46.91
C LEU B 597 53.64 40.69 -45.80
N CYS B 598 54.05 41.95 -45.77
CA CYS B 598 53.40 42.90 -44.87
C CYS B 598 52.14 43.47 -45.49
N TYR B 599 51.38 42.61 -46.12
CA TYR B 599 49.98 42.71 -46.47
C TYR B 599 49.23 41.44 -46.09
N ILE B 600 49.84 40.28 -46.27
CA ILE B 600 49.21 39.05 -45.80
C ILE B 600 49.23 39.02 -44.28
N ILE B 601 50.24 39.61 -43.64
CA ILE B 601 50.23 39.67 -42.19
C ILE B 601 49.10 40.56 -41.70
N LEU B 602 48.88 41.69 -42.38
CA LEU B 602 47.73 42.54 -42.07
C LEU B 602 46.43 41.79 -42.27
N ALA B 603 46.33 41.04 -43.36
CA ALA B 603 45.13 40.25 -43.61
C ALA B 603 44.89 39.25 -42.50
N GLY B 604 45.93 38.54 -42.08
CA GLY B 604 45.78 37.58 -41.01
C GLY B 604 45.34 38.21 -39.71
N ILE B 605 45.91 39.37 -39.38
CA ILE B 605 45.48 40.07 -38.17
C ILE B 605 44.02 40.51 -38.31
N CYS B 606 43.61 40.84 -39.54
CA CYS B 606 42.22 41.23 -39.77
C CYS B 606 41.28 40.06 -39.55
N LEU B 607 41.63 38.88 -40.08
CA LEU B 607 40.81 37.71 -39.80
C LEU B 607 40.81 37.38 -38.32
N GLY B 608 41.92 37.64 -37.63
CA GLY B 608 41.93 37.41 -36.18
C GLY B 608 40.93 38.30 -35.47
N TYR B 609 40.92 39.58 -35.81
CA TYR B 609 39.95 40.49 -35.19
C TYR B 609 38.53 40.11 -35.57
N LEU B 610 38.32 39.68 -36.80
CA LEU B 610 37.00 39.20 -37.22
C LEU B 610 36.60 37.98 -36.40
N CYS B 611 37.57 37.11 -36.09
CA CYS B 611 37.29 35.95 -35.25
C CYS B 611 36.85 36.37 -33.87
N THR B 612 37.54 37.35 -33.27
CA THR B 612 37.11 37.86 -31.97
C THR B 612 35.71 38.44 -32.05
N PHE B 613 35.43 39.20 -33.11
CA PHE B 613 34.12 39.82 -33.25
C PHE B 613 33.02 38.76 -33.38
N CYS B 614 33.27 37.72 -34.17
CA CYS B 614 32.24 36.72 -34.41
C CYS B 614 32.13 35.69 -33.30
N LEU B 615 33.12 35.61 -32.41
CA LEU B 615 33.02 34.68 -31.28
C LEU B 615 31.85 35.06 -30.38
N ILE B 616 31.69 36.34 -30.09
CA ILE B 616 30.59 36.84 -29.27
C ILE B 616 29.34 36.90 -30.13
N ALA B 617 28.48 35.88 -30.03
CA ALA B 617 27.23 35.82 -30.77
C ALA B 617 26.46 34.61 -30.28
N LYS B 618 25.23 34.50 -30.75
CA LYS B 618 24.45 33.29 -30.55
C LYS B 618 25.10 32.17 -31.34
N PRO B 619 25.47 31.05 -30.73
CA PRO B 619 26.14 29.98 -31.48
C PRO B 619 25.22 29.34 -32.50
N LYS B 620 25.55 29.52 -33.78
CA LYS B 620 24.81 28.97 -34.90
C LYS B 620 25.75 28.14 -35.76
N GLN B 621 25.17 27.29 -36.61
CA GLN B 621 25.98 26.40 -37.43
C GLN B 621 26.99 27.18 -38.26
N ILE B 622 26.51 28.17 -39.01
CA ILE B 622 27.41 29.03 -39.78
C ILE B 622 28.35 29.78 -38.84
N TYR B 623 27.83 30.22 -37.69
CA TYR B 623 28.66 30.96 -36.75
C TYR B 623 29.79 30.09 -36.19
N CYS B 624 29.47 28.87 -35.75
CA CYS B 624 30.50 27.99 -35.20
C CYS B 624 31.50 27.60 -36.28
N TYR B 625 31.01 27.36 -37.50
CA TYR B 625 31.93 27.10 -38.60
C TYR B 625 32.87 28.28 -38.81
N LEU B 626 32.34 29.50 -38.69
CA LEU B 626 33.17 30.69 -38.78
C LEU B 626 34.22 30.72 -37.67
N GLN B 627 33.81 30.38 -36.44
CA GLN B 627 34.78 30.37 -35.35
C GLN B 627 35.91 29.41 -35.63
N ARG B 628 35.56 28.20 -36.06
CA ARG B 628 36.59 27.19 -36.32
C ARG B 628 37.52 27.64 -37.45
N ILE B 629 36.96 28.15 -38.54
CA ILE B 629 37.80 28.51 -39.68
C ILE B 629 38.69 29.69 -39.34
N GLY B 630 38.17 30.66 -38.58
CA GLY B 630 38.99 31.79 -38.18
C GLY B 630 40.12 31.38 -37.26
N ILE B 631 39.82 30.53 -36.27
CA ILE B 631 40.84 30.09 -35.33
C ILE B 631 41.92 29.30 -36.06
N GLY B 632 41.53 28.48 -37.04
CA GLY B 632 42.53 27.77 -37.82
C GLY B 632 43.37 28.71 -38.67
N LEU B 633 42.73 29.67 -39.34
CA LEU B 633 43.37 30.38 -40.43
C LEU B 633 44.15 31.61 -39.97
N SER B 634 43.59 32.41 -39.07
CA SER B 634 44.25 33.67 -38.70
C SER B 634 45.65 33.46 -38.13
N PRO B 635 45.89 32.57 -37.17
CA PRO B 635 47.27 32.40 -36.68
C PRO B 635 48.21 31.90 -37.75
N ALA B 636 47.72 31.03 -38.64
CA ALA B 636 48.58 30.53 -39.72
C ALA B 636 48.98 31.66 -40.65
N MET B 637 48.03 32.53 -41.01
CA MET B 637 48.29 33.57 -42.01
C MET B 637 49.40 34.50 -41.55
N SER B 638 49.28 35.06 -40.34
CA SER B 638 50.23 36.06 -39.90
C SER B 638 51.61 35.46 -39.64
N TYR B 639 51.66 34.26 -39.05
CA TYR B 639 52.94 33.69 -38.65
C TYR B 639 53.66 33.00 -39.80
N SER B 640 52.95 32.63 -40.87
CA SER B 640 53.63 32.18 -42.07
C SER B 640 54.51 33.28 -42.64
N ALA B 641 54.09 34.54 -42.50
CA ALA B 641 54.94 35.65 -42.89
C ALA B 641 56.25 35.66 -42.10
N LEU B 642 56.16 35.41 -40.79
CA LEU B 642 57.37 35.33 -39.98
C LEU B 642 58.27 34.19 -40.43
N VAL B 643 57.67 33.04 -40.74
CA VAL B 643 58.47 31.91 -41.21
C VAL B 643 59.20 32.26 -42.49
N THR B 644 58.49 32.88 -43.43
CA THR B 644 59.12 33.29 -44.67
C THR B 644 60.24 34.29 -44.41
N LYS B 645 60.02 35.22 -43.48
CA LYS B 645 61.03 36.22 -43.19
C LYS B 645 62.31 35.57 -42.66
N THR B 646 62.17 34.71 -41.65
CA THR B 646 63.35 34.11 -41.04
C THR B 646 64.05 33.16 -42.00
N ASN B 647 63.32 32.52 -42.91
CA ASN B 647 63.98 31.65 -43.88
C ASN B 647 64.65 32.45 -44.99
N ARG B 648 64.04 33.54 -45.44
CA ARG B 648 64.55 34.29 -46.57
C ARG B 648 65.75 35.15 -46.19
N ILE B 649 65.77 35.68 -44.97
CA ILE B 649 66.91 36.48 -44.55
C ILE B 649 68.19 35.65 -44.57
N ALA B 650 68.09 34.36 -44.31
CA ALA B 650 69.25 33.47 -44.33
C ALA B 650 69.77 33.30 -45.75
N SER B 669 64.68 31.23 -52.52
CA SER B 669 64.73 32.68 -52.41
C SER B 669 63.86 33.35 -53.47
N ALA B 670 64.45 34.30 -54.20
CA ALA B 670 63.77 35.04 -55.25
C ALA B 670 62.48 35.67 -54.75
N CYS B 671 61.34 35.11 -55.14
CA CYS B 671 60.05 35.62 -54.70
C CYS B 671 59.07 34.52 -54.35
N ALA B 672 59.51 33.27 -54.23
CA ALA B 672 58.63 32.15 -53.94
C ALA B 672 58.23 32.07 -52.47
N GLN B 673 58.56 33.09 -51.66
CA GLN B 673 58.19 33.08 -50.26
C GLN B 673 56.67 33.04 -50.09
N LEU B 674 55.94 33.68 -51.01
CA LEU B 674 54.49 33.54 -50.99
C LEU B 674 54.07 32.09 -51.19
N VAL B 675 54.76 31.38 -52.07
CA VAL B 675 54.47 29.97 -52.29
C VAL B 675 54.78 29.16 -51.02
N ILE B 676 55.92 29.42 -50.40
CA ILE B 676 56.33 28.64 -49.24
C ILE B 676 55.49 28.97 -48.02
N ALA B 677 54.81 30.12 -48.02
CA ALA B 677 53.82 30.37 -46.98
C ALA B 677 52.49 29.70 -47.32
N PHE B 678 52.08 29.79 -48.59
CA PHE B 678 50.77 29.30 -48.98
C PHE B 678 50.69 27.79 -48.94
N ILE B 679 51.82 27.09 -49.07
CA ILE B 679 51.79 25.63 -48.93
C ILE B 679 51.40 25.25 -47.50
N LEU B 680 52.04 25.90 -46.52
CA LEU B 680 51.70 25.66 -45.12
C LEU B 680 50.26 26.07 -44.84
N ILE B 681 49.84 27.21 -45.39
CA ILE B 681 48.47 27.66 -45.19
C ILE B 681 47.48 26.66 -45.77
N CYS B 682 47.79 26.12 -46.94
CA CYS B 682 46.86 25.20 -47.60
C CYS B 682 46.80 23.87 -46.87
N ILE B 683 47.92 23.39 -46.34
CA ILE B 683 47.82 22.15 -45.57
C ILE B 683 47.07 22.39 -44.26
N GLN B 684 47.20 23.59 -43.69
CA GLN B 684 46.38 23.93 -42.52
C GLN B 684 44.90 23.93 -42.88
N LEU B 685 44.56 24.50 -44.03
CA LEU B 685 43.17 24.49 -44.47
C LEU B 685 42.67 23.08 -44.71
N GLY B 686 43.52 22.22 -45.28
CA GLY B 686 43.13 20.85 -45.52
C GLY B 686 42.86 20.09 -44.23
N ILE B 687 43.74 20.24 -43.24
CA ILE B 687 43.50 19.55 -41.99
C ILE B 687 42.27 20.12 -41.29
N ILE B 688 42.07 21.44 -41.36
CA ILE B 688 40.90 22.02 -40.72
C ILE B 688 39.63 21.55 -41.40
N VAL B 689 39.66 21.34 -42.72
CA VAL B 689 38.52 20.76 -43.41
C VAL B 689 38.33 19.31 -43.00
N ALA B 690 39.42 18.60 -42.72
CA ALA B 690 39.31 17.24 -42.24
C ALA B 690 38.54 17.18 -40.93
N LEU B 691 38.94 18.00 -39.95
CA LEU B 691 38.18 18.01 -38.69
C LEU B 691 36.77 18.55 -38.88
N PHE B 692 36.60 19.54 -39.78
CA PHE B 692 35.28 20.11 -40.00
C PHE B 692 34.30 19.08 -40.54
N ILE B 693 34.75 18.25 -41.49
CA ILE B 693 33.94 17.13 -41.94
C ILE B 693 33.76 16.13 -40.80
N MET B 694 34.83 15.87 -40.05
CA MET B 694 34.73 14.97 -38.90
C MET B 694 33.76 15.53 -37.87
N GLU B 695 33.84 16.82 -37.59
CA GLU B 695 32.98 17.48 -36.61
C GLU B 695 32.16 18.55 -37.31
N PRO B 696 31.03 18.18 -37.90
CA PRO B 696 30.18 19.17 -38.54
C PRO B 696 29.62 20.13 -37.51
N PRO B 697 29.35 21.38 -37.91
CA PRO B 697 28.88 22.37 -36.93
C PRO B 697 27.44 22.16 -36.52
N ASP B 698 27.21 21.88 -35.24
CA ASP B 698 25.87 21.81 -34.69
C ASP B 698 25.90 22.35 -33.26
N ILE B 699 24.73 22.70 -32.75
CA ILE B 699 24.58 23.40 -31.48
C ILE B 699 23.93 22.45 -30.48
N MET B 700 24.55 22.31 -29.32
CA MET B 700 23.99 21.52 -28.23
C MET B 700 23.94 22.38 -26.98
N HIS B 701 22.95 22.09 -26.13
CA HIS B 701 22.79 22.81 -24.87
C HIS B 701 23.59 22.06 -23.81
N ASP B 702 24.74 22.62 -23.43
CA ASP B 702 25.56 21.96 -22.43
C ASP B 702 24.88 22.03 -21.07
N TYR B 703 25.29 21.12 -20.18
CA TYR B 703 24.71 20.99 -18.85
C TYR B 703 25.83 21.00 -17.83
N PRO B 704 26.39 22.17 -17.54
CA PRO B 704 27.37 22.25 -16.45
C PRO B 704 26.79 21.84 -15.12
N SER B 705 25.51 22.11 -14.90
CA SER B 705 24.80 21.66 -13.71
C SER B 705 23.33 21.57 -14.05
N ILE B 706 22.58 20.89 -13.19
CA ILE B 706 21.15 20.73 -13.43
C ILE B 706 20.42 22.07 -13.40
N ARG B 707 20.94 23.05 -12.67
CA ARG B 707 20.28 24.34 -12.59
C ARG B 707 20.41 25.13 -13.88
N GLU B 708 21.62 25.15 -14.45
CA GLU B 708 21.96 26.07 -15.53
C GLU B 708 22.24 25.31 -16.82
N VAL B 709 21.82 25.88 -17.94
CA VAL B 709 22.05 25.31 -19.26
C VAL B 709 22.52 26.42 -20.19
N TYR B 710 23.58 26.15 -20.95
CA TYR B 710 24.08 27.08 -21.96
C TYR B 710 24.17 26.37 -23.30
N LEU B 711 24.10 27.16 -24.36
CA LEU B 711 24.17 26.65 -25.73
C LEU B 711 25.52 26.98 -26.32
N ILE B 712 26.19 25.95 -26.86
CA ILE B 712 27.49 26.07 -27.49
C ILE B 712 27.47 25.23 -28.76
N CYS B 713 28.62 25.15 -29.43
CA CYS B 713 28.79 24.31 -30.61
C CYS B 713 29.77 23.19 -30.32
N ASN B 714 29.93 22.28 -31.29
CA ASN B 714 30.49 20.95 -31.06
C ASN B 714 32.00 20.88 -31.17
N THR B 715 32.71 21.98 -30.98
CA THR B 715 34.18 21.91 -30.99
C THR B 715 34.63 21.09 -29.78
N THR B 716 35.19 19.91 -30.04
CA THR B 716 35.58 19.01 -28.97
C THR B 716 37.03 19.25 -28.56
N ASN B 717 37.47 18.53 -27.53
CA ASN B 717 38.83 18.71 -27.03
C ASN B 717 39.87 18.37 -28.08
N LEU B 718 39.69 17.25 -28.78
CA LEU B 718 40.60 16.90 -29.87
C LEU B 718 40.48 17.89 -31.03
N GLY B 719 39.24 18.30 -31.34
CA GLY B 719 39.03 19.21 -32.45
C GLY B 719 39.58 20.61 -32.22
N VAL B 720 39.91 20.95 -30.98
CA VAL B 720 40.47 22.27 -30.69
C VAL B 720 41.95 22.12 -30.40
N VAL B 721 42.36 20.95 -29.93
CA VAL B 721 43.79 20.73 -29.69
C VAL B 721 44.54 20.42 -30.98
N ALA B 722 43.85 19.95 -32.01
CA ALA B 722 44.52 19.73 -33.29
C ALA B 722 45.03 21.03 -33.90
N PRO B 723 44.24 22.09 -34.06
CA PRO B 723 44.81 23.35 -34.54
C PRO B 723 45.71 24.01 -33.50
N LEU B 724 45.44 23.78 -32.21
CA LEU B 724 46.33 24.28 -31.18
C LEU B 724 47.71 23.63 -31.30
N GLY B 725 47.75 22.31 -31.50
CA GLY B 725 49.01 21.65 -31.77
C GLY B 725 49.64 22.11 -33.07
N TYR B 726 48.81 22.42 -34.07
CA TYR B 726 49.31 22.96 -35.33
C TYR B 726 50.06 24.27 -35.09
N ASN B 727 49.44 25.19 -34.36
CA ASN B 727 50.07 26.46 -34.09
C ASN B 727 51.27 26.30 -33.17
N GLY B 728 51.23 25.34 -32.25
CA GLY B 728 52.40 25.06 -31.44
C GLY B 728 53.58 24.58 -32.28
N LEU B 729 53.31 23.73 -33.26
CA LEU B 729 54.36 23.30 -34.18
C LEU B 729 54.86 24.47 -35.01
N LEU B 730 53.95 25.35 -35.44
CA LEU B 730 54.37 26.55 -36.16
C LEU B 730 55.30 27.40 -35.31
N ILE B 731 54.96 27.58 -34.03
CA ILE B 731 55.80 28.35 -33.13
C ILE B 731 57.14 27.65 -32.90
N LEU B 732 57.12 26.32 -32.82
CA LEU B 732 58.36 25.57 -32.64
C LEU B 732 59.29 25.76 -33.85
N ALA B 733 58.74 25.70 -35.06
CA ALA B 733 59.55 25.94 -36.24
C ALA B 733 60.05 27.39 -36.28
N CYS B 734 59.19 28.34 -35.92
CA CYS B 734 59.61 29.73 -35.87
C CYS B 734 60.77 29.92 -34.90
N THR B 735 60.70 29.27 -33.73
CA THR B 735 61.80 29.32 -32.77
C THR B 735 63.04 28.64 -33.33
N PHE B 736 62.86 27.49 -33.98
CA PHE B 736 63.98 26.76 -34.57
C PHE B 736 64.67 27.54 -35.68
N TYR B 737 63.99 28.56 -36.21
CA TYR B 737 64.63 29.47 -37.15
C TYR B 737 64.92 30.84 -36.55
N ALA B 738 64.54 31.07 -35.29
CA ALA B 738 64.58 32.41 -34.72
C ALA B 738 65.99 32.83 -34.32
N PHE B 739 66.84 31.88 -33.87
CA PHE B 739 68.10 32.23 -33.23
C PHE B 739 68.90 33.29 -34.00
N LYS B 740 69.28 32.98 -35.23
CA LYS B 740 70.09 33.93 -35.99
C LYS B 740 69.34 35.23 -36.24
N THR B 741 68.05 35.15 -36.58
CA THR B 741 67.26 36.36 -36.74
C THR B 741 67.14 37.12 -35.42
N ARG B 742 66.95 36.38 -34.32
CA ARG B 742 66.91 37.00 -33.01
C ARG B 742 68.22 37.71 -32.70
N ASN B 743 69.33 37.22 -33.26
CA ASN B 743 70.64 37.80 -32.99
C ASN B 743 71.05 38.82 -34.06
N VAL B 744 70.78 38.53 -35.33
CA VAL B 744 71.16 39.44 -36.41
C VAL B 744 70.24 40.65 -36.38
N PRO B 745 70.76 41.86 -36.30
CA PRO B 745 69.93 43.06 -36.33
C PRO B 745 69.58 43.45 -37.75
N ALA B 746 68.74 44.47 -37.88
CA ALA B 746 68.29 44.98 -39.16
C ALA B 746 68.71 46.44 -39.30
N ASN B 747 68.28 47.05 -40.41
CA ASN B 747 68.58 48.47 -40.64
C ASN B 747 67.95 49.34 -39.57
N PHE B 748 66.69 49.06 -39.21
CA PHE B 748 66.00 49.77 -38.15
C PHE B 748 66.02 48.99 -36.85
N ASN B 749 66.99 48.08 -36.68
CA ASN B 749 67.07 47.13 -35.58
C ASN B 749 65.70 46.54 -35.27
N GLU B 750 64.92 46.28 -36.32
CA GLU B 750 63.58 45.71 -36.16
C GLU B 750 63.61 44.23 -35.84
N ALA B 751 64.69 43.53 -36.19
CA ALA B 751 64.79 42.12 -35.83
C ALA B 751 64.77 41.93 -34.32
N LYS B 752 65.34 42.87 -33.56
CA LYS B 752 65.26 42.81 -32.11
C LYS B 752 63.81 42.86 -31.66
N TYR B 753 63.03 43.79 -32.21
CA TYR B 753 61.63 43.91 -31.83
C TYR B 753 60.84 42.67 -32.23
N ILE B 754 61.18 42.09 -33.38
CA ILE B 754 60.59 40.81 -33.76
C ILE B 754 60.92 39.75 -32.73
N ALA B 755 62.13 39.80 -32.19
CA ALA B 755 62.54 38.83 -31.17
C ALA B 755 61.72 38.97 -29.90
N PHE B 756 61.57 40.19 -29.39
CA PHE B 756 60.74 40.31 -28.18
C PHE B 756 59.27 40.03 -28.47
N ALA B 757 58.79 40.34 -29.67
CA ALA B 757 57.43 39.96 -30.03
C ALA B 757 57.28 38.45 -30.02
N MET B 758 58.29 37.74 -30.52
CA MET B 758 58.30 36.29 -30.45
C MET B 758 58.23 35.80 -29.02
N TYR B 759 59.06 36.37 -28.15
CA TYR B 759 59.07 35.90 -26.76
C TYR B 759 57.73 36.16 -26.10
N THR B 760 57.14 37.33 -26.34
CA THR B 760 55.86 37.67 -25.74
C THR B 760 54.74 36.75 -26.25
N THR B 761 54.69 36.51 -27.56
CA THR B 761 53.65 35.63 -28.07
C THR B 761 53.85 34.19 -27.60
N CYS B 762 55.11 33.77 -27.46
CA CYS B 762 55.37 32.43 -26.94
C CYS B 762 54.87 32.29 -25.51
N ILE B 763 55.15 33.28 -24.66
CA ILE B 763 54.74 33.16 -23.27
C ILE B 763 53.23 33.28 -23.13
N ILE B 764 52.61 34.21 -23.88
CA ILE B 764 51.16 34.35 -23.81
C ILE B 764 50.48 33.10 -24.35
N TRP B 765 51.14 32.39 -25.27
CA TRP B 765 50.57 31.16 -25.80
C TRP B 765 50.74 30.00 -24.82
N LEU B 766 51.86 29.96 -24.12
CA LEU B 766 52.07 28.90 -23.13
C LEU B 766 51.12 29.06 -21.95
N ALA B 767 50.97 30.29 -21.44
CA ALA B 767 50.14 30.50 -20.26
C ALA B 767 48.65 30.49 -20.58
N PHE B 768 48.29 30.44 -21.86
CA PHE B 768 46.88 30.50 -22.24
C PHE B 768 46.09 29.30 -21.75
N VAL B 769 46.69 28.11 -21.80
CA VAL B 769 45.92 26.87 -21.59
C VAL B 769 45.19 26.86 -20.26
N PRO B 770 45.82 27.20 -19.12
CA PRO B 770 45.06 27.16 -17.85
C PRO B 770 43.87 28.09 -17.82
N ILE B 771 43.94 29.25 -18.46
CA ILE B 771 42.82 30.18 -18.44
C ILE B 771 41.62 29.58 -19.16
N TYR B 772 41.85 29.09 -20.38
CA TYR B 772 40.75 28.53 -21.15
C TYR B 772 40.19 27.27 -20.51
N PHE B 773 41.06 26.32 -20.18
CA PHE B 773 40.58 25.05 -19.67
C PHE B 773 40.14 25.14 -18.21
N GLY B 774 40.86 25.91 -17.40
CA GLY B 774 40.52 26.01 -15.99
C GLY B 774 39.18 26.69 -15.76
N SER B 775 38.91 27.77 -16.49
CA SER B 775 37.70 28.54 -16.30
C SER B 775 36.57 28.00 -17.18
N ASN B 776 35.34 28.14 -16.68
CA ASN B 776 34.16 27.69 -17.40
C ASN B 776 33.65 28.71 -18.40
N TYR B 777 34.14 29.95 -18.37
CA TYR B 777 33.73 30.92 -19.36
C TYR B 777 34.14 30.48 -20.77
N LYS B 778 35.38 29.99 -20.91
CA LYS B 778 35.86 29.36 -22.13
C LYS B 778 35.85 30.28 -23.34
N ALA B 779 34.66 30.69 -23.79
CA ALA B 779 34.57 31.52 -24.99
C ALA B 779 35.24 32.87 -24.77
N ILE B 780 35.05 33.46 -23.59
CA ILE B 780 35.70 34.74 -23.29
C ILE B 780 37.21 34.57 -23.29
N THR B 781 37.70 33.49 -22.70
CA THR B 781 39.13 33.24 -22.71
C THR B 781 39.65 33.10 -24.13
N MET B 782 38.92 32.36 -24.97
CA MET B 782 39.29 32.21 -26.36
C MET B 782 39.42 33.56 -27.04
N CYS B 783 38.37 34.39 -26.95
CA CYS B 783 38.39 35.65 -27.67
C CYS B 783 39.47 36.58 -27.15
N PHE B 784 39.60 36.68 -25.82
CA PHE B 784 40.62 37.56 -25.26
C PHE B 784 42.02 37.12 -25.65
N SER B 785 42.30 35.81 -25.57
CA SER B 785 43.62 35.33 -25.89
C SER B 785 43.96 35.55 -27.35
N VAL B 786 43.02 35.26 -28.26
CA VAL B 786 43.33 35.43 -29.67
C VAL B 786 43.47 36.90 -30.01
N SER B 787 42.64 37.75 -29.41
CA SER B 787 42.76 39.19 -29.66
C SER B 787 44.10 39.71 -29.16
N LEU B 788 44.52 39.28 -27.97
CA LEU B 788 45.80 39.75 -27.43
C LEU B 788 46.96 39.25 -28.29
N SER B 789 46.89 38.01 -28.75
CA SER B 789 47.95 37.50 -29.61
C SER B 789 47.98 38.23 -30.94
N ALA B 790 46.83 38.68 -31.44
CA ALA B 790 46.83 39.52 -32.63
C ALA B 790 47.46 40.87 -32.34
N THR B 791 47.18 41.45 -31.17
CA THR B 791 47.70 42.78 -30.86
C THR B 791 49.20 42.77 -30.66
N VAL B 792 49.74 41.75 -29.97
CA VAL B 792 51.13 41.81 -29.53
C VAL B 792 52.07 41.88 -30.73
N LEU B 793 51.80 41.07 -31.76
CA LEU B 793 52.65 41.11 -32.94
C LEU B 793 52.62 42.48 -33.61
N LEU B 794 51.44 43.10 -33.65
CA LEU B 794 51.34 44.44 -34.19
C LEU B 794 52.16 45.43 -33.37
N GLY B 795 52.06 45.35 -32.05
CA GLY B 795 52.66 46.35 -31.19
C GLY B 795 54.17 46.41 -31.23
N CYS B 796 54.82 45.37 -31.76
CA CYS B 796 56.27 45.32 -31.82
C CYS B 796 56.84 45.55 -33.20
N MET B 797 56.07 45.35 -34.25
CA MET B 797 56.56 45.50 -35.61
C MET B 797 55.86 46.59 -36.39
N PHE B 798 54.53 46.67 -36.28
CA PHE B 798 53.77 47.59 -37.12
C PHE B 798 54.04 49.04 -36.74
N VAL B 799 54.02 49.33 -35.44
CA VAL B 799 54.24 50.70 -34.99
C VAL B 799 55.64 51.21 -35.34
N PRO B 800 56.73 50.50 -35.04
CA PRO B 800 58.05 51.09 -35.29
C PRO B 800 58.28 51.50 -36.74
N LYS B 801 57.83 50.69 -37.69
CA LYS B 801 58.01 51.03 -39.09
C LYS B 801 57.28 52.32 -39.44
N VAL B 802 56.00 52.39 -39.12
CA VAL B 802 55.22 53.59 -39.42
C VAL B 802 55.73 54.78 -38.63
N TYR B 803 56.06 54.57 -37.36
CA TYR B 803 56.53 55.67 -36.53
C TYR B 803 57.80 56.28 -37.09
N ILE B 804 58.73 55.45 -37.56
CA ILE B 804 59.95 55.97 -38.17
C ILE B 804 59.63 56.64 -39.50
N ILE B 805 58.72 56.05 -40.29
CA ILE B 805 58.42 56.59 -41.61
C ILE B 805 57.83 57.98 -41.49
N LEU B 806 56.90 58.19 -40.56
CA LEU B 806 56.31 59.51 -40.40
C LEU B 806 57.29 60.50 -39.77
N ALA B 807 58.40 60.04 -39.21
CA ALA B 807 59.37 60.93 -38.61
C ALA B 807 60.58 61.13 -39.52
C1 NAG C . 11.89 -20.50 1.96
C2 NAG C . 12.97 -21.28 1.24
C3 NAG C . 14.11 -21.62 2.20
C4 NAG C . 14.62 -20.36 2.88
C5 NAG C . 13.46 -19.61 3.53
C6 NAG C . 13.88 -18.28 4.11
C7 NAG C . 11.85 -23.49 1.29
C8 NAG C . 11.37 -24.63 0.45
N2 NAG C . 12.43 -22.48 0.62
O3 NAG C . 15.17 -22.26 1.49
O4 NAG C . 15.58 -20.70 3.87
O5 NAG C . 12.45 -19.33 2.55
O6 NAG C . 12.89 -17.28 3.88
O7 NAG C . 11.70 -23.46 2.50
C01 QUS D . -17.82 -30.00 6.89
C02 QUS D . -16.51 -30.76 6.72
C03 QUS D . -16.77 -32.27 6.63
C04 QUS D . -16.82 -33.91 4.70
C05 QUS D . -17.49 -32.58 3.08
NP3 QUS D . -15.61 -30.46 7.87
N14 QUS D . -16.99 -32.71 5.25
N15 QUS D . -17.14 -33.83 3.37
O16 QUS D . -18.71 -30.16 6.03
O17 QUS D . -17.92 -29.26 7.89
O18 QUS D . -16.46 -34.93 5.27
O19 QUS D . -17.84 -32.10 2.04
O20 QUS D . -17.41 -31.83 4.23
C1 XRQ E . 54.11 37.79 -5.94
C2 XRQ E . 55.13 38.85 -6.11
C3 XRQ E . 55.09 39.98 -5.31
C7 XRQ E . 56.09 38.76 -7.11
C9 XRQ E . 50.59 37.46 -4.90
C10 XRQ E . 49.53 37.57 -5.81
C11 XRQ E . 48.11 37.21 -5.65
C12 XRQ E . 47.24 37.21 -6.74
C13 XRQ E . 45.92 36.88 -6.59
C14 XRQ E . 45.42 36.55 -5.35
C15 XRQ E . 46.25 36.55 -4.25
N2 XRQ E . 53.04 38.08 -5.15
C4 XRQ E . 56.01 41.00 -5.46
C5 XRQ E . 56.98 40.87 -6.47
C6 XRQ E . 57.02 39.75 -7.29
O1 XRQ E . 54.18 36.75 -6.57
C8 XRQ E . 51.73 37.96 -5.59
C16 XRQ E . 47.59 36.88 -4.40
C17 XRQ E . 52.02 38.95 -7.89
C18 XRQ E . 52.66 40.15 -7.67
C19 XRQ E . 53.36 40.74 -8.71
C20 XRQ E . 53.42 40.13 -9.95
C21 XRQ E . 52.79 38.92 -10.14
C22 XRQ E . 52.08 38.32 -9.12
N1 XRQ E . 57.95 41.93 -6.65
N3 XRQ E . 49.94 38.11 -6.96
N4 XRQ E . 51.31 38.34 -6.81
O2 XRQ E . 57.93 42.86 -5.86
O3 XRQ E . 58.73 41.84 -7.57
C1 NAG F . -15.71 18.01 2.66
C2 NAG F . -15.13 18.45 1.33
C3 NAG F . -16.17 19.24 0.53
C4 NAG F . -17.10 20.04 1.44
C5 NAG F . -17.73 19.16 2.51
C6 NAG F . -19.20 18.90 2.27
C7 NAG F . -12.70 18.79 1.27
C8 NAG F . -11.57 19.75 1.52
N2 NAG F . -13.93 19.25 1.52
O3 NAG F . -16.93 18.33 -0.26
O4 NAG F . -16.36 21.09 2.07
O5 NAG F . -17.09 17.88 2.54
O6 NAG F . -19.99 19.28 3.39
O7 NAG F . -12.51 17.65 0.86
C01 QUS G . -33.12 -6.21 11.32
C02 QUS G . -33.29 -5.02 12.27
C03 QUS G . -34.21 -5.38 13.43
C04 QUS G . -34.94 -3.21 14.52
C05 QUS G . -33.73 -3.30 16.35
NP3 QUS G . -33.85 -3.87 11.50
N14 QUS G . -34.23 -4.35 14.45
N15 QUS G . -34.62 -2.57 15.69
O16 QUS G . -32.80 -7.30 11.83
O17 QUS G . -33.32 -6.00 10.11
O18 QUS G . -35.72 -2.81 13.68
O19 QUS G . -33.20 -3.10 17.41
O20 QUS G . -33.45 -4.43 15.63
#